data_2YUA
#
_entry.id   2YUA
#
_entity_poly.entity_id   1
_entity_poly.type   'polypeptide(L)'
_entity_poly.pdbx_seq_one_letter_code
;GSSGSSGSQGDCSYSRTALYDLLGVPSTATQAQIKAAYYRQCFLYHPDRNSGSAEAAERFTRISQAYVVLGSATLRRKYD
RGLLSDEDLRGPGSGPSSG
;
_entity_poly.pdbx_strand_id   A
#
# COMPACT_ATOMS: atom_id res chain seq x y z
N GLY A 1 9.05 10.44 23.20
CA GLY A 1 8.07 10.74 22.19
C GLY A 1 7.56 12.17 22.28
N SER A 2 6.23 12.32 22.33
CA SER A 2 5.63 13.64 22.42
C SER A 2 4.78 13.78 23.68
N SER A 3 4.78 14.96 24.27
CA SER A 3 4.00 15.21 25.47
C SER A 3 2.52 15.39 25.16
N GLY A 4 1.74 14.35 25.42
CA GLY A 4 0.32 14.40 25.15
C GLY A 4 -0.22 13.12 24.56
N SER A 5 0.20 11.99 25.13
CA SER A 5 -0.23 10.68 24.64
C SER A 5 -1.75 10.61 24.56
N SER A 6 -2.26 10.04 23.46
CA SER A 6 -3.69 9.91 23.26
C SER A 6 -4.14 8.46 23.41
N GLY A 7 -5.39 8.26 23.78
CA GLY A 7 -5.92 6.92 23.94
C GLY A 7 -5.98 6.15 22.64
N SER A 8 -5.88 4.83 22.73
CA SER A 8 -5.91 3.98 21.55
C SER A 8 -7.34 3.57 21.21
N GLN A 9 -7.65 3.54 19.91
CA GLN A 9 -8.98 3.16 19.45
C GLN A 9 -8.91 2.37 18.15
N GLY A 10 -9.61 1.25 18.12
CA GLY A 10 -9.62 0.41 16.93
C GLY A 10 -11.01 0.18 16.38
N ASP A 11 -11.13 0.16 15.07
CA ASP A 11 -12.43 -0.04 14.42
C ASP A 11 -12.41 -1.32 13.58
N CYS A 12 -13.10 -2.35 14.06
CA CYS A 12 -13.16 -3.63 13.36
C CYS A 12 -13.98 -3.50 12.08
N SER A 13 -13.33 -3.08 11.00
CA SER A 13 -13.99 -2.91 9.72
C SER A 13 -13.01 -3.07 8.57
N TYR A 14 -13.52 -3.02 7.34
CA TYR A 14 -12.69 -3.16 6.15
C TYR A 14 -11.67 -2.03 6.06
N SER A 15 -10.42 -2.38 5.79
CA SER A 15 -9.35 -1.40 5.68
C SER A 15 -9.77 -0.24 4.79
N ARG A 16 -9.77 0.97 5.34
CA ARG A 16 -10.16 2.16 4.60
C ARG A 16 -8.92 2.92 4.12
N THR A 17 -8.06 3.29 5.06
CA THR A 17 -6.84 4.02 4.73
C THR A 17 -5.61 3.29 5.23
N ALA A 18 -5.69 1.96 5.29
CA ALA A 18 -4.58 1.14 5.75
C ALA A 18 -3.37 1.28 4.82
N LEU A 19 -3.61 1.10 3.53
CA LEU A 19 -2.55 1.20 2.53
C LEU A 19 -1.78 2.51 2.69
N TYR A 20 -2.40 3.47 3.37
CA TYR A 20 -1.76 4.77 3.59
C TYR A 20 -0.95 4.77 4.87
N ASP A 21 -1.31 3.89 5.80
CA ASP A 21 -0.61 3.78 7.07
C ASP A 21 0.66 2.96 6.92
N LEU A 22 0.56 1.83 6.24
CA LEU A 22 1.71 0.96 6.02
C LEU A 22 2.94 1.76 5.61
N LEU A 23 2.78 2.62 4.61
CA LEU A 23 3.87 3.45 4.12
C LEU A 23 4.15 4.59 5.10
N GLY A 24 3.10 5.31 5.47
CA GLY A 24 3.26 6.42 6.39
C GLY A 24 2.84 7.74 5.78
N VAL A 25 2.12 7.67 4.66
CA VAL A 25 1.65 8.88 3.97
C VAL A 25 0.17 9.12 4.23
N PRO A 26 -0.22 10.40 4.25
CA PRO A 26 -1.62 10.79 4.49
C PRO A 26 -2.53 10.42 3.32
N SER A 27 -3.83 10.41 3.58
CA SER A 27 -4.81 10.06 2.55
C SER A 27 -4.77 11.06 1.41
N THR A 28 -4.14 12.21 1.65
CA THR A 28 -4.04 13.26 0.65
C THR A 28 -2.58 13.50 0.26
N ALA A 29 -1.71 12.55 0.59
CA ALA A 29 -0.30 12.66 0.28
C ALA A 29 -0.09 12.93 -1.21
N THR A 30 1.17 13.05 -1.61
CA THR A 30 1.51 13.31 -3.00
C THR A 30 2.43 12.24 -3.56
N GLN A 31 2.34 12.01 -4.86
CA GLN A 31 3.17 11.00 -5.52
C GLN A 31 4.56 10.95 -4.90
N ALA A 32 5.25 12.08 -4.89
CA ALA A 32 6.58 12.16 -4.33
C ALA A 32 6.68 11.35 -3.04
N GLN A 33 5.72 11.55 -2.14
CA GLN A 33 5.69 10.84 -0.87
C GLN A 33 5.39 9.37 -1.07
N ILE A 34 4.17 9.07 -1.51
CA ILE A 34 3.75 7.70 -1.75
C ILE A 34 4.91 6.86 -2.30
N LYS A 35 5.74 7.48 -3.12
CA LYS A 35 6.89 6.80 -3.71
C LYS A 35 8.02 6.69 -2.71
N ALA A 36 8.55 7.83 -2.30
CA ALA A 36 9.65 7.86 -1.34
C ALA A 36 9.41 6.89 -0.19
N ALA A 37 8.15 6.76 0.21
CA ALA A 37 7.78 5.85 1.29
C ALA A 37 8.03 4.39 0.90
N TYR A 38 7.27 3.92 -0.08
CA TYR A 38 7.40 2.54 -0.55
C TYR A 38 8.87 2.14 -0.64
N TYR A 39 9.68 3.00 -1.26
CA TYR A 39 11.10 2.72 -1.42
C TYR A 39 11.75 2.43 -0.07
N ARG A 40 11.47 3.28 0.92
CA ARG A 40 12.03 3.11 2.26
C ARG A 40 11.77 1.70 2.77
N GLN A 41 10.51 1.26 2.70
CA GLN A 41 10.14 -0.07 3.16
C GLN A 41 11.07 -1.13 2.60
N CYS A 42 11.28 -1.08 1.28
CA CYS A 42 12.16 -2.04 0.62
C CYS A 42 13.54 -2.06 1.26
N PHE A 43 14.21 -0.92 1.22
CA PHE A 43 15.55 -0.81 1.79
C PHE A 43 15.62 -1.49 3.15
N LEU A 44 14.64 -1.21 4.00
CA LEU A 44 14.59 -1.80 5.34
C LEU A 44 14.74 -3.31 5.26
N TYR A 45 13.88 -3.96 4.48
CA TYR A 45 13.91 -5.40 4.33
C TYR A 45 14.02 -5.79 2.86
N HIS A 46 15.19 -6.28 2.47
CA HIS A 46 15.43 -6.70 1.08
C HIS A 46 15.19 -8.20 0.91
N PRO A 47 14.90 -8.60 -0.33
CA PRO A 47 14.64 -10.01 -0.66
C PRO A 47 15.90 -10.87 -0.56
N ASP A 48 17.05 -10.21 -0.47
CA ASP A 48 18.32 -10.92 -0.36
C ASP A 48 18.74 -11.10 1.09
N ARG A 49 18.63 -10.03 1.87
CA ARG A 49 19.00 -10.07 3.28
C ARG A 49 18.18 -11.12 4.02
N ASN A 50 16.88 -10.87 4.15
CA ASN A 50 15.98 -11.80 4.83
C ASN A 50 16.09 -13.19 4.24
N SER A 51 17.01 -13.99 4.78
CA SER A 51 17.22 -15.35 4.30
C SER A 51 16.05 -16.25 4.69
N GLY A 52 15.61 -16.13 5.94
CA GLY A 52 14.49 -16.94 6.41
C GLY A 52 13.67 -16.22 7.45
N SER A 53 13.21 -15.03 7.13
CA SER A 53 12.40 -14.23 8.04
C SER A 53 10.92 -14.52 7.86
N ALA A 54 10.19 -14.57 8.97
CA ALA A 54 8.75 -14.83 8.92
C ALA A 54 7.95 -13.54 8.98
N GLU A 55 8.21 -12.72 9.98
CA GLU A 55 7.51 -11.46 10.15
C GLU A 55 7.72 -10.56 8.93
N ALA A 56 8.96 -10.51 8.45
CA ALA A 56 9.30 -9.69 7.30
C ALA A 56 8.55 -10.16 6.05
N ALA A 57 8.52 -11.47 5.85
CA ALA A 57 7.82 -12.05 4.70
C ALA A 57 6.39 -11.53 4.60
N GLU A 58 5.61 -11.79 5.65
CA GLU A 58 4.22 -11.35 5.68
C GLU A 58 4.10 -9.86 5.40
N ARG A 59 4.65 -9.05 6.29
CA ARG A 59 4.62 -7.60 6.13
C ARG A 59 4.99 -7.20 4.71
N PHE A 60 6.08 -7.76 4.20
CA PHE A 60 6.53 -7.46 2.85
C PHE A 60 5.40 -7.63 1.84
N THR A 61 4.65 -8.71 1.97
CA THR A 61 3.54 -8.99 1.07
C THR A 61 2.50 -7.87 1.12
N ARG A 62 2.16 -7.45 2.32
CA ARG A 62 1.18 -6.38 2.49
C ARG A 62 1.71 -5.05 1.95
N ILE A 63 2.92 -4.70 2.35
CA ILE A 63 3.55 -3.46 1.90
C ILE A 63 3.35 -3.27 0.39
N SER A 64 3.85 -4.23 -0.38
CA SER A 64 3.73 -4.16 -1.83
C SER A 64 2.35 -3.69 -2.26
N GLN A 65 1.33 -4.27 -1.64
CA GLN A 65 -0.06 -3.90 -1.95
C GLN A 65 -0.24 -2.39 -1.93
N ALA A 66 0.28 -1.76 -0.88
CA ALA A 66 0.17 -0.31 -0.74
C ALA A 66 0.71 0.40 -1.98
N TYR A 67 1.79 -0.12 -2.54
CA TYR A 67 2.41 0.47 -3.72
C TYR A 67 1.72 -0.02 -4.99
N VAL A 68 0.49 -0.51 -4.83
CA VAL A 68 -0.28 -1.01 -5.97
C VAL A 68 -1.56 -0.22 -6.15
N VAL A 69 -2.38 -0.18 -5.11
CA VAL A 69 -3.65 0.55 -5.15
C VAL A 69 -3.41 2.05 -5.31
N LEU A 70 -2.36 2.54 -4.66
CA LEU A 70 -2.03 3.97 -4.72
C LEU A 70 -0.93 4.22 -5.75
N GLY A 71 -0.11 3.19 -5.99
CA GLY A 71 0.97 3.33 -6.95
C GLY A 71 0.56 4.09 -8.19
N SER A 72 -0.65 3.82 -8.68
CA SER A 72 -1.15 4.49 -9.87
C SER A 72 -2.23 5.51 -9.51
N ALA A 73 -2.11 6.71 -10.05
CA ALA A 73 -3.08 7.76 -9.79
C ALA A 73 -4.50 7.28 -10.02
N THR A 74 -4.80 6.90 -11.26
CA THR A 74 -6.14 6.41 -11.61
C THR A 74 -6.75 5.61 -10.46
N LEU A 75 -6.12 4.49 -10.13
CA LEU A 75 -6.60 3.63 -9.05
C LEU A 75 -7.04 4.47 -7.85
N ARG A 76 -6.10 5.20 -7.27
CA ARG A 76 -6.38 6.04 -6.11
C ARG A 76 -7.75 6.70 -6.25
N ARG A 77 -8.03 7.24 -7.43
CA ARG A 77 -9.30 7.90 -7.69
C ARG A 77 -10.45 6.91 -7.62
N LYS A 78 -10.22 5.71 -8.14
CA LYS A 78 -11.25 4.66 -8.14
C LYS A 78 -11.69 4.34 -6.72
N TYR A 79 -10.74 3.89 -5.90
CA TYR A 79 -11.04 3.54 -4.52
C TYR A 79 -11.73 4.70 -3.80
N ASP A 80 -11.41 5.91 -4.20
CA ASP A 80 -11.99 7.10 -3.59
C ASP A 80 -13.52 7.09 -3.74
N ARG A 81 -13.99 6.72 -4.92
CA ARG A 81 -15.42 6.65 -5.19
C ARG A 81 -15.97 5.25 -4.95
N GLY A 82 -15.08 4.35 -4.49
CA GLY A 82 -15.51 2.99 -4.22
C GLY A 82 -15.62 2.15 -5.48
N LEU A 83 -14.83 2.49 -6.49
CA LEU A 83 -14.84 1.78 -7.75
C LEU A 83 -13.87 0.60 -7.73
N LEU A 84 -12.84 0.71 -6.91
CA LEU A 84 -11.83 -0.33 -6.79
C LEU A 84 -12.46 -1.64 -6.33
N SER A 85 -12.00 -2.75 -6.92
CA SER A 85 -12.53 -4.06 -6.58
C SER A 85 -11.42 -5.11 -6.59
N ASP A 86 -11.73 -6.31 -6.10
CA ASP A 86 -10.76 -7.40 -6.06
C ASP A 86 -10.06 -7.54 -7.41
N GLU A 87 -10.84 -7.71 -8.47
CA GLU A 87 -10.29 -7.87 -9.80
C GLU A 87 -9.05 -7.00 -9.99
N ASP A 88 -9.10 -5.80 -9.42
CA ASP A 88 -7.97 -4.87 -9.53
C ASP A 88 -6.81 -5.33 -8.65
N LEU A 89 -7.11 -5.66 -7.40
CA LEU A 89 -6.10 -6.10 -6.45
C LEU A 89 -5.32 -7.29 -7.01
N ARG A 90 -6.05 -8.28 -7.53
CA ARG A 90 -5.43 -9.47 -8.09
C ARG A 90 -4.98 -9.22 -9.53
N GLY A 91 -5.77 -8.43 -10.26
CA GLY A 91 -5.44 -8.14 -11.64
C GLY A 91 -5.20 -9.38 -12.47
N PRO A 92 -6.30 -9.98 -12.96
CA PRO A 92 -6.22 -11.20 -13.78
C PRO A 92 -5.63 -10.94 -15.16
N GLY A 93 -5.72 -9.70 -15.61
CA GLY A 93 -5.19 -9.35 -16.92
C GLY A 93 -3.68 -9.51 -16.99
N SER A 94 -3.24 -10.66 -17.50
CA SER A 94 -1.81 -10.94 -17.62
C SER A 94 -1.50 -11.56 -18.98
N GLY A 95 -0.39 -11.15 -19.56
CA GLY A 95 0.02 -11.67 -20.86
C GLY A 95 -0.06 -10.63 -21.96
N PRO A 96 1.00 -9.82 -22.07
CA PRO A 96 1.08 -8.76 -23.08
C PRO A 96 1.23 -9.31 -24.49
N SER A 97 0.15 -9.30 -25.25
CA SER A 97 0.15 -9.82 -26.62
C SER A 97 1.49 -9.52 -27.28
N SER A 98 2.10 -10.55 -27.86
CA SER A 98 3.37 -10.40 -28.54
C SER A 98 3.71 -11.65 -29.36
N GLY A 99 4.09 -11.44 -30.61
CA GLY A 99 4.43 -12.56 -31.47
C GLY A 99 3.56 -12.61 -32.72
N GLY A 1 -5.83 25.08 0.44
CA GLY A 1 -5.79 24.99 1.89
C GLY A 1 -4.74 24.02 2.38
N SER A 2 -5.08 23.24 3.41
CA SER A 2 -4.15 22.27 3.97
C SER A 2 -3.94 21.10 3.01
N SER A 3 -3.07 20.17 3.41
CA SER A 3 -2.78 19.00 2.59
C SER A 3 -3.42 17.74 3.18
N GLY A 4 -4.65 17.89 3.68
CA GLY A 4 -5.35 16.76 4.26
C GLY A 4 -4.69 16.28 5.55
N SER A 5 -5.41 16.39 6.65
CA SER A 5 -4.90 15.96 7.95
C SER A 5 -5.72 14.80 8.51
N SER A 6 -5.24 14.23 9.61
CA SER A 6 -5.93 13.10 10.24
C SER A 6 -5.30 12.77 11.59
N GLY A 7 -6.13 12.74 12.63
CA GLY A 7 -5.63 12.44 13.96
C GLY A 7 -5.50 10.94 14.21
N SER A 8 -5.24 10.57 15.46
CA SER A 8 -5.08 9.16 15.82
C SER A 8 -6.42 8.59 16.29
N GLN A 9 -6.97 9.17 17.35
CA GLN A 9 -8.23 8.71 17.90
C GLN A 9 -9.16 8.21 16.80
N GLY A 10 -9.57 6.95 16.90
CA GLY A 10 -10.45 6.37 15.90
C GLY A 10 -10.26 4.87 15.76
N ASP A 11 -11.35 4.13 15.84
CA ASP A 11 -11.30 2.67 15.71
C ASP A 11 -12.17 2.20 14.56
N CYS A 12 -11.61 2.19 13.36
CA CYS A 12 -12.33 1.75 12.17
C CYS A 12 -12.40 0.23 12.10
N SER A 13 -13.18 -0.27 11.15
CA SER A 13 -13.34 -1.72 10.98
C SER A 13 -13.03 -2.13 9.54
N TYR A 14 -13.64 -1.43 8.59
CA TYR A 14 -13.44 -1.74 7.17
C TYR A 14 -12.21 -1.01 6.64
N SER A 15 -11.11 -1.76 6.49
CA SER A 15 -9.87 -1.18 5.99
C SER A 15 -10.14 -0.10 4.94
N ARG A 16 -9.69 1.11 5.23
CA ARG A 16 -9.90 2.24 4.33
C ARG A 16 -8.61 3.04 4.16
N THR A 17 -8.06 3.50 5.28
CA THR A 17 -6.83 4.28 5.26
C THR A 17 -5.63 3.43 5.66
N ALA A 18 -5.64 2.17 5.26
CA ALA A 18 -4.55 1.25 5.58
C ALA A 18 -3.40 1.39 4.58
N LEU A 19 -3.68 1.06 3.33
CA LEU A 19 -2.68 1.15 2.27
C LEU A 19 -1.75 2.32 2.51
N TYR A 20 -2.30 3.43 3.00
CA TYR A 20 -1.52 4.62 3.27
C TYR A 20 -0.65 4.44 4.52
N ASP A 21 -1.29 4.06 5.61
CA ASP A 21 -0.58 3.85 6.87
C ASP A 21 0.63 2.94 6.66
N LEU A 22 0.48 1.94 5.80
CA LEU A 22 1.56 1.00 5.52
C LEU A 22 2.80 1.73 5.01
N LEU A 23 2.58 2.86 4.35
CA LEU A 23 3.68 3.66 3.82
C LEU A 23 3.95 4.87 4.71
N GLY A 24 2.95 5.74 4.84
CA GLY A 24 3.10 6.93 5.66
C GLY A 24 2.78 8.19 4.90
N VAL A 25 1.95 8.08 3.87
CA VAL A 25 1.56 9.24 3.06
C VAL A 25 0.10 9.58 3.25
N PRO A 26 -0.25 10.87 3.08
CA PRO A 26 -1.61 11.35 3.23
C PRO A 26 -2.53 10.87 2.11
N SER A 27 -3.78 11.32 2.13
CA SER A 27 -4.75 10.93 1.12
C SER A 27 -4.56 11.74 -0.16
N THR A 28 -3.82 12.84 -0.05
CA THR A 28 -3.55 13.70 -1.19
C THR A 28 -2.06 13.79 -1.49
N ALA A 29 -1.32 12.77 -1.09
CA ALA A 29 0.12 12.73 -1.32
C ALA A 29 0.44 12.88 -2.79
N THR A 30 1.73 12.90 -3.11
CA THR A 30 2.17 13.04 -4.50
C THR A 30 3.00 11.84 -4.94
N GLN A 31 3.11 11.65 -6.25
CA GLN A 31 3.87 10.54 -6.80
C GLN A 31 5.25 10.45 -6.15
N ALA A 32 5.95 11.58 -6.10
CA ALA A 32 7.27 11.64 -5.50
C ALA A 32 7.27 11.07 -4.09
N GLN A 33 6.14 11.20 -3.40
CA GLN A 33 6.01 10.70 -2.05
C GLN A 33 5.65 9.22 -2.05
N ILE A 34 4.43 8.91 -2.52
CA ILE A 34 3.97 7.54 -2.58
C ILE A 34 5.06 6.60 -3.07
N LYS A 35 6.00 7.15 -3.83
CA LYS A 35 7.11 6.36 -4.36
C LYS A 35 8.22 6.22 -3.32
N ALA A 36 8.80 7.34 -2.93
CA ALA A 36 9.88 7.34 -1.94
C ALA A 36 9.46 6.57 -0.69
N ALA A 37 8.15 6.47 -0.46
CA ALA A 37 7.63 5.76 0.70
C ALA A 37 7.77 4.25 0.53
N TYR A 38 7.28 3.74 -0.59
CA TYR A 38 7.35 2.31 -0.86
C TYR A 38 8.79 1.82 -0.85
N TYR A 39 9.73 2.74 -1.07
CA TYR A 39 11.15 2.40 -1.08
C TYR A 39 11.67 2.20 0.33
N ARG A 40 11.60 3.26 1.14
CA ARG A 40 12.07 3.20 2.52
C ARG A 40 11.65 1.89 3.18
N GLN A 41 10.58 1.29 2.66
CA GLN A 41 10.09 0.02 3.20
C GLN A 41 10.95 -1.14 2.74
N CYS A 42 11.33 -1.12 1.47
CA CYS A 42 12.17 -2.19 0.90
C CYS A 42 13.45 -2.37 1.71
N PHE A 43 13.94 -1.26 2.27
CA PHE A 43 15.17 -1.31 3.06
C PHE A 43 14.91 -1.91 4.44
N LEU A 44 13.89 -1.39 5.12
CA LEU A 44 13.53 -1.88 6.44
C LEU A 44 13.51 -3.40 6.48
N TYR A 45 13.14 -4.02 5.36
CA TYR A 45 13.09 -5.46 5.26
C TYR A 45 13.43 -5.93 3.85
N HIS A 46 14.62 -6.50 3.69
CA HIS A 46 15.07 -6.98 2.39
C HIS A 46 14.83 -8.47 2.26
N PRO A 47 14.83 -8.97 1.01
CA PRO A 47 14.60 -10.39 0.72
C PRO A 47 15.77 -11.26 1.17
N ASP A 48 16.99 -10.84 0.82
CA ASP A 48 18.19 -11.58 1.18
C ASP A 48 18.50 -11.42 2.66
N ARG A 49 18.58 -10.17 3.11
CA ARG A 49 18.87 -9.88 4.50
C ARG A 49 18.22 -10.90 5.43
N ASN A 50 16.92 -11.11 5.25
CA ASN A 50 16.18 -12.07 6.06
C ASN A 50 16.33 -13.48 5.52
N SER A 51 16.31 -14.46 6.42
CA SER A 51 16.45 -15.86 6.02
C SER A 51 15.16 -16.63 6.28
N GLY A 52 14.68 -16.58 7.52
CA GLY A 52 13.46 -17.27 7.87
C GLY A 52 12.61 -16.49 8.86
N SER A 53 11.96 -15.44 8.37
CA SER A 53 11.11 -14.61 9.22
C SER A 53 9.74 -14.40 8.59
N ALA A 54 8.72 -14.98 9.21
CA ALA A 54 7.35 -14.85 8.70
C ALA A 54 6.89 -13.39 8.74
N GLU A 55 6.95 -12.79 9.91
CA GLU A 55 6.52 -11.40 10.08
C GLU A 55 6.97 -10.56 8.88
N ALA A 56 8.24 -10.70 8.51
CA ALA A 56 8.78 -9.95 7.38
C ALA A 56 8.12 -10.35 6.08
N ALA A 57 7.89 -11.64 5.91
CA ALA A 57 7.25 -12.16 4.70
C ALA A 57 5.86 -11.56 4.51
N GLU A 58 5.00 -11.77 5.50
CA GLU A 58 3.63 -11.26 5.45
C GLU A 58 3.64 -9.75 5.20
N ARG A 59 4.66 -9.08 5.73
CA ARG A 59 4.78 -7.63 5.57
C ARG A 59 5.15 -7.27 4.14
N PHE A 60 6.39 -7.58 3.75
CA PHE A 60 6.87 -7.28 2.42
C PHE A 60 5.77 -7.49 1.38
N THR A 61 4.92 -8.48 1.62
CA THR A 61 3.82 -8.80 0.71
C THR A 61 2.76 -7.70 0.75
N ARG A 62 2.31 -7.37 1.95
CA ARG A 62 1.29 -6.34 2.12
C ARG A 62 1.79 -4.98 1.63
N ILE A 63 2.92 -4.53 2.18
CA ILE A 63 3.50 -3.25 1.80
C ILE A 63 3.35 -3.01 0.31
N SER A 64 3.69 -4.02 -0.49
CA SER A 64 3.59 -3.91 -1.95
C SER A 64 2.19 -3.50 -2.37
N GLN A 65 1.18 -4.16 -1.81
CA GLN A 65 -0.21 -3.87 -2.12
C GLN A 65 -0.48 -2.38 -2.04
N ALA A 66 0.04 -1.74 -0.99
CA ALA A 66 -0.14 -0.31 -0.79
C ALA A 66 0.52 0.49 -1.91
N TYR A 67 1.62 -0.03 -2.42
CA TYR A 67 2.36 0.63 -3.50
C TYR A 67 1.70 0.39 -4.85
N VAL A 68 0.56 -0.29 -4.82
CA VAL A 68 -0.19 -0.59 -6.04
C VAL A 68 -1.45 0.27 -6.15
N VAL A 69 -2.41 0.00 -5.28
CA VAL A 69 -3.67 0.75 -5.28
C VAL A 69 -3.40 2.26 -5.27
N LEU A 70 -2.51 2.69 -4.40
CA LEU A 70 -2.17 4.11 -4.29
C LEU A 70 -1.07 4.48 -5.28
N GLY A 71 -0.31 3.47 -5.72
CA GLY A 71 0.76 3.71 -6.67
C GLY A 71 0.40 4.76 -7.70
N SER A 72 -0.83 4.70 -8.19
CA SER A 72 -1.30 5.64 -9.20
C SER A 72 -2.35 6.59 -8.61
N ALA A 73 -2.63 7.68 -9.33
CA ALA A 73 -3.61 8.65 -8.89
C ALA A 73 -5.03 8.17 -9.16
N THR A 74 -5.28 7.75 -10.40
CA THR A 74 -6.60 7.27 -10.78
C THR A 74 -7.12 6.22 -9.79
N LEU A 75 -6.34 5.16 -9.60
CA LEU A 75 -6.72 4.09 -8.68
C LEU A 75 -7.25 4.67 -7.37
N ARG A 76 -6.38 5.40 -6.66
CA ARG A 76 -6.76 6.01 -5.40
C ARG A 76 -8.22 6.45 -5.42
N ARG A 77 -8.60 7.20 -6.44
CA ARG A 77 -9.96 7.69 -6.57
C ARG A 77 -10.96 6.52 -6.62
N LYS A 78 -10.66 5.54 -7.48
CA LYS A 78 -11.53 4.38 -7.61
C LYS A 78 -11.96 3.85 -6.25
N TYR A 79 -10.99 3.42 -5.45
CA TYR A 79 -11.28 2.89 -4.13
C TYR A 79 -12.16 3.85 -3.33
N ASP A 80 -11.89 5.15 -3.49
CA ASP A 80 -12.65 6.17 -2.79
C ASP A 80 -14.14 6.06 -3.12
N ARG A 81 -14.44 5.59 -4.32
CA ARG A 81 -15.82 5.43 -4.76
C ARG A 81 -16.21 3.96 -4.86
N GLY A 82 -15.25 3.08 -4.56
CA GLY A 82 -15.50 1.65 -4.62
C GLY A 82 -15.48 1.13 -6.04
N LEU A 83 -14.81 1.85 -6.93
CA LEU A 83 -14.72 1.45 -8.34
C LEU A 83 -13.59 0.45 -8.55
N LEU A 84 -12.67 0.39 -7.59
CA LEU A 84 -11.54 -0.52 -7.68
C LEU A 84 -12.00 -1.98 -7.53
N SER A 85 -11.69 -2.79 -8.54
CA SER A 85 -12.08 -4.19 -8.53
C SER A 85 -11.00 -5.05 -7.86
N ASP A 86 -11.41 -6.16 -7.28
CA ASP A 86 -10.49 -7.07 -6.60
C ASP A 86 -9.28 -7.37 -7.50
N GLU A 87 -9.54 -7.63 -8.77
CA GLU A 87 -8.48 -7.93 -9.71
C GLU A 87 -7.39 -6.88 -9.66
N ASP A 88 -7.79 -5.63 -9.48
CA ASP A 88 -6.84 -4.52 -9.41
C ASP A 88 -5.88 -4.70 -8.24
N LEU A 89 -6.43 -4.93 -7.06
CA LEU A 89 -5.62 -5.13 -5.86
C LEU A 89 -4.43 -6.03 -6.15
N ARG A 90 -4.70 -7.26 -6.56
CA ARG A 90 -3.64 -8.21 -6.87
C ARG A 90 -2.83 -7.75 -8.07
N GLY A 91 -3.51 -7.25 -9.09
CA GLY A 91 -2.84 -6.77 -10.28
C GLY A 91 -2.90 -7.78 -11.42
N PRO A 92 -2.98 -7.28 -12.66
CA PRO A 92 -3.05 -8.12 -13.85
C PRO A 92 -1.73 -8.85 -14.12
N GLY A 93 -1.72 -9.66 -15.18
CA GLY A 93 -0.52 -10.40 -15.52
C GLY A 93 -0.23 -10.37 -17.00
N SER A 94 -1.17 -10.84 -17.80
CA SER A 94 -1.01 -10.87 -19.25
C SER A 94 -0.51 -9.52 -19.76
N GLY A 95 0.48 -9.57 -20.66
CA GLY A 95 1.03 -8.34 -21.22
C GLY A 95 2.08 -8.62 -22.28
N PRO A 96 3.35 -8.62 -21.87
CA PRO A 96 4.47 -8.86 -22.78
C PRO A 96 4.51 -10.30 -23.28
N SER A 97 5.45 -10.59 -24.18
CA SER A 97 5.59 -11.94 -24.73
C SER A 97 5.65 -12.98 -23.63
N SER A 98 4.84 -14.02 -23.77
CA SER A 98 4.79 -15.10 -22.77
C SER A 98 4.60 -16.45 -23.44
N GLY A 99 4.91 -17.52 -22.71
CA GLY A 99 4.77 -18.86 -23.25
C GLY A 99 6.06 -19.42 -23.78
N GLY A 1 -12.59 13.64 7.25
CA GLY A 1 -11.52 13.50 8.22
C GLY A 1 -12.04 13.33 9.62
N SER A 2 -11.50 12.35 10.34
CA SER A 2 -11.91 12.07 11.71
C SER A 2 -11.04 11.00 12.34
N SER A 3 -10.53 11.27 13.54
CA SER A 3 -9.67 10.34 14.25
C SER A 3 -10.37 9.79 15.48
N GLY A 4 -10.69 8.49 15.44
CA GLY A 4 -11.37 7.87 16.56
C GLY A 4 -12.07 6.58 16.17
N SER A 5 -11.45 5.45 16.51
CA SER A 5 -12.02 4.14 16.19
C SER A 5 -12.35 3.36 17.46
N SER A 6 -13.05 2.25 17.30
CA SER A 6 -13.44 1.41 18.43
C SER A 6 -14.12 0.14 17.95
N GLY A 7 -14.05 -0.91 18.78
CA GLY A 7 -14.67 -2.17 18.43
C GLY A 7 -13.75 -3.35 18.67
N SER A 8 -14.31 -4.43 19.22
CA SER A 8 -13.53 -5.62 19.52
C SER A 8 -13.65 -6.64 18.39
N GLN A 9 -12.82 -7.69 18.44
CA GLN A 9 -12.84 -8.73 17.44
C GLN A 9 -14.27 -9.14 17.10
N GLY A 10 -14.54 -9.31 15.80
CA GLY A 10 -15.88 -9.69 15.39
C GLY A 10 -15.96 -9.93 13.89
N ASP A 11 -16.17 -8.86 13.13
CA ASP A 11 -16.27 -8.94 11.68
C ASP A 11 -15.03 -8.37 11.01
N CYS A 12 -14.91 -8.58 9.71
CA CYS A 12 -13.76 -8.08 8.95
C CYS A 12 -13.33 -6.71 9.46
N SER A 13 -12.05 -6.41 9.30
CA SER A 13 -11.51 -5.13 9.75
C SER A 13 -11.53 -4.10 8.62
N TYR A 14 -11.95 -2.88 8.95
CA TYR A 14 -12.03 -1.80 7.97
C TYR A 14 -10.72 -1.69 7.19
N SER A 15 -9.61 -1.65 7.92
CA SER A 15 -8.29 -1.54 7.28
C SER A 15 -8.36 -0.66 6.05
N ARG A 16 -9.05 0.47 6.15
CA ARG A 16 -9.19 1.40 5.03
C ARG A 16 -7.96 2.27 4.91
N THR A 17 -7.40 2.69 6.03
CA THR A 17 -6.22 3.53 6.05
C THR A 17 -4.96 2.71 6.29
N ALA A 18 -4.91 1.53 5.68
CA ALA A 18 -3.76 0.64 5.83
C ALA A 18 -2.69 0.94 4.77
N LEU A 19 -3.08 0.80 3.51
CA LEU A 19 -2.16 1.05 2.40
C LEU A 19 -1.43 2.38 2.59
N TYR A 20 -2.00 3.25 3.41
CA TYR A 20 -1.39 4.55 3.69
C TYR A 20 -0.55 4.50 4.96
N ASP A 21 -0.90 3.60 5.87
CA ASP A 21 -0.18 3.45 7.12
C ASP A 21 1.10 2.64 6.92
N LEU A 22 1.02 1.63 6.07
CA LEU A 22 2.18 0.79 5.78
C LEU A 22 3.36 1.62 5.28
N LEU A 23 3.06 2.66 4.52
CA LEU A 23 4.09 3.54 3.98
C LEU A 23 4.31 4.75 4.89
N GLY A 24 3.21 5.31 5.40
CA GLY A 24 3.31 6.46 6.27
C GLY A 24 2.98 7.76 5.56
N VAL A 25 2.15 7.67 4.52
CA VAL A 25 1.75 8.84 3.75
C VAL A 25 0.28 9.16 3.96
N PRO A 26 -0.06 10.46 3.89
CA PRO A 26 -1.45 10.92 4.06
C PRO A 26 -2.34 10.52 2.90
N SER A 27 -3.65 10.65 3.10
CA SER A 27 -4.62 10.29 2.06
C SER A 27 -4.51 11.24 0.87
N THR A 28 -3.89 12.39 1.09
CA THR A 28 -3.72 13.39 0.05
C THR A 28 -2.26 13.51 -0.37
N ALA A 29 -1.47 12.49 -0.05
CA ALA A 29 -0.06 12.47 -0.38
C ALA A 29 0.15 12.74 -1.87
N THR A 30 1.41 12.85 -2.27
CA THR A 30 1.74 13.11 -3.67
C THR A 30 2.63 12.01 -4.24
N GLN A 31 2.52 11.78 -5.55
CA GLN A 31 3.31 10.76 -6.22
C GLN A 31 4.72 10.69 -5.62
N ALA A 32 5.36 11.85 -5.50
CA ALA A 32 6.70 11.92 -4.95
C ALA A 32 6.79 11.20 -3.60
N GLN A 33 5.81 11.47 -2.74
CA GLN A 33 5.77 10.85 -1.42
C GLN A 33 5.42 9.37 -1.52
N ILE A 34 4.20 9.08 -1.96
CA ILE A 34 3.73 7.71 -2.10
C ILE A 34 4.84 6.81 -2.66
N LYS A 35 5.73 7.41 -3.45
CA LYS A 35 6.84 6.66 -4.05
C LYS A 35 8.00 6.56 -3.08
N ALA A 36 8.62 7.70 -2.77
CA ALA A 36 9.76 7.74 -1.86
C ALA A 36 9.50 6.86 -0.63
N ALA A 37 8.27 6.92 -0.11
CA ALA A 37 7.90 6.14 1.06
C ALA A 37 8.04 4.65 0.79
N TYR A 38 7.42 4.19 -0.30
CA TYR A 38 7.48 2.78 -0.67
C TYR A 38 8.93 2.29 -0.74
N TYR A 39 9.85 3.22 -0.96
CA TYR A 39 11.26 2.88 -1.06
C TYR A 39 11.87 2.70 0.33
N ARG A 40 11.98 3.80 1.08
CA ARG A 40 12.55 3.76 2.41
C ARG A 40 12.11 2.50 3.15
N GLN A 41 10.94 1.99 2.78
CA GLN A 41 10.40 0.78 3.41
C GLN A 41 11.25 -0.43 3.09
N CYS A 42 11.29 -0.80 1.81
CA CYS A 42 12.07 -1.96 1.37
C CYS A 42 13.42 -1.99 2.06
N PHE A 43 13.95 -0.82 2.38
CA PHE A 43 15.25 -0.71 3.05
C PHE A 43 15.18 -1.29 4.46
N LEU A 44 14.13 -0.93 5.20
CA LEU A 44 13.95 -1.43 6.56
C LEU A 44 13.90 -2.95 6.59
N TYR A 45 13.43 -3.54 5.49
CA TYR A 45 13.33 -4.99 5.39
C TYR A 45 13.99 -5.50 4.12
N HIS A 46 15.27 -5.85 4.22
CA HIS A 46 16.03 -6.35 3.08
C HIS A 46 16.18 -7.87 3.15
N PRO A 47 16.39 -8.50 1.99
CA PRO A 47 16.55 -9.96 1.90
C PRO A 47 17.86 -10.43 2.50
N ASP A 48 18.92 -9.65 2.30
CA ASP A 48 20.24 -9.99 2.84
C ASP A 48 20.19 -10.12 4.36
N ARG A 49 19.56 -9.15 5.01
CA ARG A 49 19.46 -9.15 6.47
C ARG A 49 18.50 -10.24 6.93
N ASN A 50 17.37 -10.38 6.23
CA ASN A 50 16.38 -11.39 6.58
C ASN A 50 16.18 -12.38 5.43
N SER A 51 16.87 -13.51 5.51
CA SER A 51 16.77 -14.54 4.46
C SER A 51 15.31 -14.88 4.19
N GLY A 52 14.61 -15.34 5.22
CA GLY A 52 13.22 -15.70 5.07
C GLY A 52 12.45 -15.62 6.37
N SER A 53 12.48 -14.44 7.00
CA SER A 53 11.79 -14.24 8.27
C SER A 53 10.29 -14.40 8.10
N ALA A 54 9.66 -15.12 9.02
CA ALA A 54 8.22 -15.36 8.98
C ALA A 54 7.45 -14.04 9.06
N GLU A 55 7.76 -13.26 10.09
CA GLU A 55 7.09 -11.97 10.29
C GLU A 55 7.34 -11.04 9.11
N ALA A 56 8.60 -10.97 8.67
CA ALA A 56 8.97 -10.12 7.55
C ALA A 56 8.18 -10.48 6.29
N ALA A 57 7.97 -11.78 6.08
CA ALA A 57 7.23 -12.25 4.93
C ALA A 57 5.88 -11.54 4.81
N GLU A 58 5.00 -11.79 5.77
CA GLU A 58 3.68 -11.17 5.77
C GLU A 58 3.78 -9.69 5.43
N ARG A 59 4.42 -8.92 6.30
CA ARG A 59 4.58 -7.49 6.10
C ARG A 59 5.03 -7.19 4.67
N PHE A 60 6.24 -7.62 4.34
CA PHE A 60 6.79 -7.40 3.01
C PHE A 60 5.71 -7.52 1.95
N THR A 61 4.97 -8.63 1.99
CA THR A 61 3.90 -8.87 1.03
C THR A 61 2.87 -7.74 1.05
N ARG A 62 2.57 -7.25 2.24
CA ARG A 62 1.59 -6.18 2.40
C ARG A 62 2.14 -4.88 1.81
N ILE A 63 3.38 -4.55 2.14
CA ILE A 63 4.00 -3.33 1.64
C ILE A 63 3.81 -3.18 0.13
N SER A 64 4.16 -4.23 -0.60
CA SER A 64 4.02 -4.21 -2.06
C SER A 64 2.62 -3.77 -2.47
N GLN A 65 1.61 -4.36 -1.84
CA GLN A 65 0.23 -4.03 -2.14
C GLN A 65 0.01 -2.52 -2.11
N ALA A 66 0.47 -1.89 -1.03
CA ALA A 66 0.32 -0.45 -0.87
C ALA A 66 0.87 0.29 -2.08
N TYR A 67 1.87 -0.31 -2.73
CA TYR A 67 2.48 0.30 -3.92
C TYR A 67 1.75 -0.13 -5.19
N VAL A 68 0.50 -0.53 -5.04
CA VAL A 68 -0.30 -0.97 -6.17
C VAL A 68 -1.58 -0.13 -6.30
N VAL A 69 -2.44 -0.24 -5.30
CA VAL A 69 -3.70 0.51 -5.29
C VAL A 69 -3.45 2.01 -5.38
N LEU A 70 -2.30 2.44 -4.86
CA LEU A 70 -1.93 3.85 -4.87
C LEU A 70 -0.86 4.13 -5.93
N GLY A 71 -0.05 3.12 -6.22
CA GLY A 71 0.99 3.27 -7.21
C GLY A 71 0.53 4.04 -8.43
N SER A 72 -0.76 3.95 -8.74
CA SER A 72 -1.33 4.64 -9.88
C SER A 72 -2.43 5.60 -9.45
N ALA A 73 -2.41 6.81 -10.02
CA ALA A 73 -3.41 7.82 -9.69
C ALA A 73 -4.81 7.28 -9.86
N THR A 74 -5.15 6.88 -11.09
CA THR A 74 -6.48 6.35 -11.38
C THR A 74 -7.02 5.54 -10.20
N LEU A 75 -6.46 4.36 -9.98
CA LEU A 75 -6.89 3.50 -8.89
C LEU A 75 -7.27 4.32 -7.67
N ARG A 76 -6.33 5.11 -7.17
CA ARG A 76 -6.56 5.95 -6.00
C ARG A 76 -7.94 6.60 -6.07
N ARG A 77 -8.23 7.25 -7.19
CA ARG A 77 -9.51 7.92 -7.38
C ARG A 77 -10.65 6.92 -7.34
N LYS A 78 -10.39 5.71 -7.84
CA LYS A 78 -11.41 4.66 -7.86
C LYS A 78 -11.80 4.25 -6.44
N TYR A 79 -10.85 3.70 -5.70
CA TYR A 79 -11.11 3.28 -4.33
C TYR A 79 -11.82 4.37 -3.54
N ASP A 80 -11.41 5.62 -3.77
CA ASP A 80 -12.00 6.76 -3.08
C ASP A 80 -13.53 6.66 -3.10
N ARG A 81 -14.10 6.55 -4.28
CA ARG A 81 -15.55 6.45 -4.44
C ARG A 81 -16.03 5.02 -4.19
N GLY A 82 -15.09 4.08 -4.23
CA GLY A 82 -15.43 2.68 -4.01
C GLY A 82 -15.62 1.93 -5.31
N LEU A 83 -15.02 2.44 -6.39
CA LEU A 83 -15.15 1.81 -7.70
C LEU A 83 -14.15 0.66 -7.84
N LEU A 84 -13.13 0.66 -7.00
CA LEU A 84 -12.11 -0.38 -7.02
C LEU A 84 -12.70 -1.72 -6.59
N SER A 85 -12.55 -2.73 -7.44
CA SER A 85 -13.08 -4.06 -7.14
C SER A 85 -11.95 -5.10 -7.14
N ASP A 86 -12.17 -6.21 -6.44
CA ASP A 86 -11.18 -7.27 -6.37
C ASP A 86 -10.47 -7.43 -7.71
N GLU A 87 -11.24 -7.48 -8.78
CA GLU A 87 -10.67 -7.63 -10.12
C GLU A 87 -9.40 -6.80 -10.27
N ASP A 88 -9.50 -5.52 -9.94
CA ASP A 88 -8.37 -4.61 -10.04
C ASP A 88 -7.20 -5.10 -9.21
N LEU A 89 -7.47 -5.45 -7.96
CA LEU A 89 -6.43 -5.95 -7.06
C LEU A 89 -5.62 -7.06 -7.73
N ARG A 90 -6.30 -8.10 -8.16
CA ARG A 90 -5.65 -9.24 -8.82
C ARG A 90 -5.10 -8.82 -10.17
N GLY A 91 -5.70 -7.81 -10.78
CA GLY A 91 -5.26 -7.34 -12.08
C GLY A 91 -6.42 -7.04 -13.01
N PRO A 92 -6.22 -6.04 -13.89
CA PRO A 92 -7.25 -5.62 -14.86
C PRO A 92 -7.47 -6.68 -15.94
N GLY A 93 -6.38 -7.20 -16.48
CA GLY A 93 -6.49 -8.20 -17.52
C GLY A 93 -5.39 -8.06 -18.58
N SER A 94 -4.16 -8.34 -18.18
CA SER A 94 -3.03 -8.22 -19.10
C SER A 94 -2.45 -9.60 -19.42
N GLY A 95 -1.56 -9.65 -20.41
CA GLY A 95 -0.96 -10.91 -20.81
C GLY A 95 0.25 -11.25 -19.96
N PRO A 96 1.11 -12.15 -20.49
CA PRO A 96 2.32 -12.58 -19.80
C PRO A 96 3.37 -11.48 -19.73
N SER A 97 4.44 -11.73 -18.98
CA SER A 97 5.52 -10.76 -18.84
C SER A 97 5.99 -10.26 -20.19
N SER A 98 6.37 -8.99 -20.25
CA SER A 98 6.85 -8.39 -21.49
C SER A 98 8.27 -7.84 -21.33
N GLY A 99 9.19 -8.35 -22.13
CA GLY A 99 10.57 -7.90 -22.05
C GLY A 99 10.93 -6.95 -23.18
N GLY A 1 -18.57 15.70 6.80
CA GLY A 1 -19.41 15.49 7.96
C GLY A 1 -19.18 16.53 9.04
N SER A 2 -18.90 16.09 10.26
CA SER A 2 -18.67 16.99 11.38
C SER A 2 -17.33 16.70 12.05
N SER A 3 -16.74 17.72 12.64
CA SER A 3 -15.45 17.57 13.33
C SER A 3 -15.65 17.06 14.74
N GLY A 4 -14.59 16.50 15.32
CA GLY A 4 -14.67 15.98 16.68
C GLY A 4 -13.39 16.21 17.46
N SER A 5 -13.50 16.27 18.78
CA SER A 5 -12.35 16.49 19.64
C SER A 5 -11.64 15.17 19.97
N SER A 6 -10.32 15.18 19.86
CA SER A 6 -9.52 13.99 20.12
C SER A 6 -8.16 14.37 20.69
N GLY A 7 -7.71 13.61 21.68
CA GLY A 7 -6.42 13.88 22.31
C GLY A 7 -5.98 12.77 23.23
N SER A 8 -4.87 12.13 22.91
CA SER A 8 -4.34 11.04 23.71
C SER A 8 -5.40 9.97 23.94
N GLN A 9 -6.14 9.65 22.88
CA GLN A 9 -7.20 8.65 22.97
C GLN A 9 -6.93 7.50 21.99
N GLY A 10 -6.67 7.85 20.73
CA GLY A 10 -6.41 6.85 19.73
C GLY A 10 -7.57 5.90 19.53
N ASP A 11 -8.38 6.15 18.50
CA ASP A 11 -9.53 5.31 18.21
C ASP A 11 -9.23 4.35 17.06
N CYS A 12 -9.96 3.24 17.01
CA CYS A 12 -9.77 2.25 15.96
C CYS A 12 -11.03 2.12 15.11
N SER A 13 -10.84 1.94 13.80
CA SER A 13 -11.96 1.81 12.88
C SER A 13 -11.60 0.86 11.73
N TYR A 14 -12.62 0.42 11.00
CA TYR A 14 -12.42 -0.48 9.88
C TYR A 14 -11.29 0.00 8.98
N SER A 15 -10.39 -0.91 8.63
CA SER A 15 -9.26 -0.57 7.77
C SER A 15 -9.73 0.15 6.50
N ARG A 16 -9.44 1.45 6.44
CA ARG A 16 -9.83 2.25 5.29
C ARG A 16 -8.62 2.95 4.66
N THR A 17 -7.65 3.28 5.50
CA THR A 17 -6.44 3.95 5.04
C THR A 17 -5.19 3.15 5.41
N ALA A 18 -5.32 1.83 5.40
CA ALA A 18 -4.21 0.95 5.74
C ALA A 18 -3.05 1.13 4.75
N LEU A 19 -3.32 0.84 3.48
CA LEU A 19 -2.30 0.97 2.44
C LEU A 19 -1.40 2.17 2.71
N TYR A 20 -2.01 3.30 3.05
CA TYR A 20 -1.25 4.52 3.33
C TYR A 20 -0.39 4.35 4.57
N ASP A 21 -1.01 3.88 5.65
CA ASP A 21 -0.30 3.67 6.91
C ASP A 21 0.96 2.83 6.69
N LEU A 22 0.77 1.65 6.10
CA LEU A 22 1.89 0.75 5.83
C LEU A 22 3.13 1.53 5.40
N LEU A 23 2.96 2.41 4.42
CA LEU A 23 4.06 3.23 3.92
C LEU A 23 4.39 4.36 4.89
N GLY A 24 3.43 5.25 5.10
CA GLY A 24 3.64 6.36 6.01
C GLY A 24 3.26 7.69 5.39
N VAL A 25 2.40 7.65 4.38
CA VAL A 25 1.94 8.86 3.70
C VAL A 25 0.51 9.21 4.08
N PRO A 26 0.19 10.51 4.03
CA PRO A 26 -1.16 11.00 4.36
C PRO A 26 -2.20 10.60 3.33
N SER A 27 -3.46 10.65 3.72
CA SER A 27 -4.56 10.27 2.83
C SER A 27 -4.57 11.16 1.59
N THR A 28 -3.89 12.30 1.67
CA THR A 28 -3.82 13.24 0.56
C THR A 28 -2.39 13.47 0.13
N ALA A 29 -1.55 12.43 0.26
CA ALA A 29 -0.15 12.53 -0.12
C ALA A 29 0.00 12.68 -1.63
N THR A 30 1.24 12.74 -2.09
CA THR A 30 1.52 12.89 -3.52
C THR A 30 2.31 11.69 -4.05
N GLN A 31 2.20 11.45 -5.36
CA GLN A 31 2.91 10.35 -5.99
C GLN A 31 4.38 10.33 -5.58
N ALA A 32 5.01 11.50 -5.61
CA ALA A 32 6.41 11.62 -5.24
C ALA A 32 6.67 11.00 -3.87
N GLN A 33 5.71 11.13 -2.98
CA GLN A 33 5.83 10.58 -1.63
C GLN A 33 5.54 9.08 -1.62
N ILE A 34 4.31 8.72 -1.92
CA ILE A 34 3.90 7.31 -1.94
C ILE A 34 5.05 6.43 -2.43
N LYS A 35 5.82 6.94 -3.38
CA LYS A 35 6.95 6.19 -3.94
C LYS A 35 8.14 6.22 -2.98
N ALA A 36 8.56 7.42 -2.61
CA ALA A 36 9.69 7.58 -1.70
C ALA A 36 9.49 6.75 -0.44
N ALA A 37 8.27 6.75 0.09
CA ALA A 37 7.94 5.99 1.29
C ALA A 37 8.02 4.49 1.04
N TYR A 38 7.50 4.06 -0.11
CA TYR A 38 7.52 2.65 -0.47
C TYR A 38 8.94 2.14 -0.63
N TYR A 39 9.83 3.01 -1.11
CA TYR A 39 11.23 2.66 -1.31
C TYR A 39 11.95 2.48 0.03
N ARG A 40 12.05 3.57 0.78
CA ARG A 40 12.71 3.53 2.08
C ARG A 40 12.41 2.22 2.81
N GLN A 41 11.18 1.74 2.67
CA GLN A 41 10.76 0.51 3.32
C GLN A 41 11.75 -0.62 3.02
N CYS A 42 11.87 -0.98 1.75
CA CYS A 42 12.78 -2.05 1.32
C CYS A 42 14.04 -2.05 2.19
N PHE A 43 14.62 -0.87 2.38
CA PHE A 43 15.83 -0.75 3.18
C PHE A 43 15.62 -1.30 4.59
N LEU A 44 14.58 -0.82 5.26
CA LEU A 44 14.26 -1.26 6.61
C LEU A 44 14.31 -2.78 6.71
N TYR A 45 13.76 -3.45 5.70
CA TYR A 45 13.75 -4.91 5.67
C TYR A 45 14.50 -5.44 4.46
N HIS A 46 15.77 -5.77 4.66
CA HIS A 46 16.61 -6.30 3.59
C HIS A 46 16.64 -7.83 3.62
N PRO A 47 16.87 -8.44 2.45
CA PRO A 47 16.94 -9.89 2.31
C PRO A 47 18.18 -10.48 2.98
N ASP A 48 19.14 -9.62 3.28
CA ASP A 48 20.38 -10.05 3.92
C ASP A 48 20.25 -10.01 5.44
N ARG A 49 19.68 -8.93 5.96
CA ARG A 49 19.50 -8.76 7.39
C ARG A 49 18.52 -9.80 7.94
N ASN A 50 17.33 -9.88 7.34
CA ASN A 50 16.32 -10.82 7.76
C ASN A 50 16.67 -12.23 7.32
N SER A 51 17.06 -12.38 6.06
CA SER A 51 17.43 -13.68 5.51
C SER A 51 16.20 -14.59 5.44
N GLY A 52 15.07 -14.02 5.08
CA GLY A 52 13.84 -14.80 4.97
C GLY A 52 13.12 -14.92 6.30
N SER A 53 12.87 -13.78 6.94
CA SER A 53 12.18 -13.77 8.23
C SER A 53 10.69 -14.05 8.05
N ALA A 54 10.11 -14.73 9.03
CA ALA A 54 8.69 -15.06 8.99
C ALA A 54 7.82 -13.80 9.10
N GLU A 55 8.01 -13.05 10.19
CA GLU A 55 7.26 -11.83 10.40
C GLU A 55 7.34 -10.90 9.20
N ALA A 56 8.58 -10.62 8.77
CA ALA A 56 8.80 -9.74 7.62
C ALA A 56 8.07 -10.25 6.39
N ALA A 57 8.18 -11.55 6.14
CA ALA A 57 7.53 -12.17 4.98
C ALA A 57 6.18 -11.50 4.71
N GLU A 58 5.27 -11.61 5.66
CA GLU A 58 3.94 -11.02 5.52
C GLU A 58 4.04 -9.53 5.22
N ARG A 59 4.87 -8.83 5.98
CA ARG A 59 5.05 -7.39 5.80
C ARG A 59 5.49 -7.08 4.37
N PHE A 60 6.68 -7.52 4.01
CA PHE A 60 7.22 -7.28 2.68
C PHE A 60 6.13 -7.45 1.62
N THR A 61 5.39 -8.56 1.72
CA THR A 61 4.32 -8.84 0.77
C THR A 61 3.24 -7.77 0.83
N ARG A 62 2.80 -7.44 2.04
CA ARG A 62 1.76 -6.44 2.24
C ARG A 62 2.20 -5.09 1.66
N ILE A 63 3.34 -4.60 2.12
CA ILE A 63 3.87 -3.33 1.65
C ILE A 63 3.57 -3.12 0.18
N SER A 64 3.99 -4.08 -0.65
CA SER A 64 3.78 -4.01 -2.09
C SER A 64 2.31 -3.73 -2.41
N GLN A 65 1.42 -4.39 -1.66
CA GLN A 65 -0.01 -4.22 -1.86
C GLN A 65 -0.38 -2.74 -1.96
N ALA A 66 0.21 -1.93 -1.08
CA ALA A 66 -0.05 -0.50 -1.08
C ALA A 66 0.43 0.16 -2.36
N TYR A 67 1.53 -0.35 -2.91
CA TYR A 67 2.10 0.20 -4.13
C TYR A 67 1.23 -0.17 -5.34
N VAL A 68 0.13 -0.87 -5.08
CA VAL A 68 -0.78 -1.28 -6.14
C VAL A 68 -1.93 -0.29 -6.29
N VAL A 69 -2.80 -0.25 -5.29
CA VAL A 69 -3.95 0.65 -5.30
C VAL A 69 -3.50 2.11 -5.24
N LEU A 70 -2.40 2.35 -4.54
CA LEU A 70 -1.86 3.71 -4.41
C LEU A 70 -0.81 3.98 -5.48
N GLY A 71 -0.14 2.92 -5.94
CA GLY A 71 0.87 3.08 -6.95
C GLY A 71 0.53 4.15 -7.96
N SER A 72 -0.75 4.27 -8.29
CA SER A 72 -1.21 5.26 -9.25
C SER A 72 -2.31 6.14 -8.65
N ALA A 73 -2.31 7.42 -9.01
CA ALA A 73 -3.31 8.35 -8.51
C ALA A 73 -4.71 7.92 -8.93
N THR A 74 -4.90 7.72 -10.23
CA THR A 74 -6.19 7.31 -10.76
C THR A 74 -6.86 6.27 -9.86
N LEU A 75 -6.12 5.20 -9.59
CA LEU A 75 -6.63 4.12 -8.73
C LEU A 75 -7.15 4.67 -7.41
N ARG A 76 -6.34 5.50 -6.76
CA ARG A 76 -6.72 6.10 -5.48
C ARG A 76 -8.13 6.68 -5.55
N ARG A 77 -8.36 7.51 -6.57
CA ARG A 77 -9.66 8.15 -6.76
C ARG A 77 -10.74 7.09 -7.06
N LYS A 78 -10.39 6.12 -7.88
CA LYS A 78 -11.31 5.06 -8.26
C LYS A 78 -11.95 4.44 -7.03
N TYR A 79 -11.11 3.95 -6.11
CA TYR A 79 -11.60 3.33 -4.89
C TYR A 79 -12.60 4.23 -4.18
N ASP A 80 -12.26 5.51 -4.06
CA ASP A 80 -13.14 6.47 -3.41
C ASP A 80 -14.45 6.62 -4.17
N ARG A 81 -14.42 6.32 -5.46
CA ARG A 81 -15.60 6.43 -6.31
C ARG A 81 -16.22 5.05 -6.55
N GLY A 82 -15.79 4.07 -5.76
CA GLY A 82 -16.30 2.72 -5.91
C GLY A 82 -16.03 2.14 -7.29
N LEU A 83 -15.20 2.82 -8.06
CA LEU A 83 -14.86 2.38 -9.41
C LEU A 83 -13.88 1.21 -9.37
N LEU A 84 -13.16 1.08 -8.26
CA LEU A 84 -12.20 0.00 -8.09
C LEU A 84 -12.90 -1.32 -7.82
N SER A 85 -12.57 -2.34 -8.60
CA SER A 85 -13.17 -3.66 -8.45
C SER A 85 -12.14 -4.68 -7.98
N ASP A 86 -12.61 -5.73 -7.32
CA ASP A 86 -11.72 -6.78 -6.82
C ASP A 86 -10.71 -7.19 -7.88
N GLU A 87 -11.13 -7.10 -9.15
CA GLU A 87 -10.26 -7.47 -10.26
C GLU A 87 -8.88 -6.83 -10.11
N ASP A 88 -8.86 -5.56 -9.72
CA ASP A 88 -7.61 -4.82 -9.54
C ASP A 88 -6.77 -5.45 -8.44
N LEU A 89 -7.34 -5.54 -7.24
CA LEU A 89 -6.64 -6.12 -6.11
C LEU A 89 -5.81 -7.33 -6.52
N ARG A 90 -6.50 -8.34 -7.07
CA ARG A 90 -5.82 -9.55 -7.51
C ARG A 90 -5.00 -9.29 -8.78
N GLY A 91 -5.42 -8.30 -9.55
CA GLY A 91 -4.73 -7.96 -10.78
C GLY A 91 -4.14 -9.18 -11.47
N PRO A 92 -4.98 -9.88 -12.24
CA PRO A 92 -4.56 -11.09 -12.97
C PRO A 92 -3.60 -10.76 -14.12
N GLY A 93 -3.56 -9.50 -14.50
CA GLY A 93 -2.68 -9.09 -15.59
C GLY A 93 -3.29 -7.99 -16.44
N SER A 94 -3.41 -6.79 -15.87
CA SER A 94 -3.98 -5.66 -16.58
C SER A 94 -3.45 -5.59 -18.00
N GLY A 95 -4.35 -5.73 -18.98
CA GLY A 95 -3.95 -5.69 -20.37
C GLY A 95 -4.23 -6.98 -21.10
N PRO A 96 -3.52 -7.21 -22.22
CA PRO A 96 -3.68 -8.40 -23.03
C PRO A 96 -3.15 -9.65 -22.33
N SER A 97 -3.67 -10.82 -22.73
CA SER A 97 -3.25 -12.08 -22.14
C SER A 97 -2.84 -13.07 -23.21
N SER A 98 -2.19 -14.15 -22.79
CA SER A 98 -1.73 -15.18 -23.73
C SER A 98 -1.26 -16.43 -22.97
N GLY A 99 -1.39 -17.58 -23.62
CA GLY A 99 -0.97 -18.83 -22.99
C GLY A 99 -0.25 -19.75 -23.96
N GLY A 1 17.86 7.76 9.22
CA GLY A 1 17.97 6.95 10.42
C GLY A 1 17.35 7.62 11.63
N SER A 2 16.02 7.59 11.70
CA SER A 2 15.31 8.21 12.82
C SER A 2 14.54 7.17 13.61
N SER A 3 14.57 7.30 14.94
CA SER A 3 13.87 6.37 15.82
C SER A 3 13.54 7.02 17.16
N GLY A 4 12.36 6.72 17.68
CA GLY A 4 11.95 7.29 18.95
C GLY A 4 10.44 7.35 19.10
N SER A 5 9.77 7.83 18.05
CA SER A 5 8.32 7.95 18.07
C SER A 5 7.67 6.67 18.59
N SER A 6 6.59 6.82 19.33
CA SER A 6 5.88 5.69 19.90
C SER A 6 4.38 5.97 20.03
N GLY A 7 3.56 4.99 19.69
CA GLY A 7 2.12 5.16 19.78
C GLY A 7 1.36 4.04 19.10
N SER A 8 0.31 3.56 19.75
CA SER A 8 -0.51 2.48 19.20
C SER A 8 -1.97 2.69 19.54
N GLN A 9 -2.79 2.93 18.51
CA GLN A 9 -4.21 3.14 18.69
C GLN A 9 -5.01 2.32 17.68
N GLY A 10 -6.00 1.57 18.18
CA GLY A 10 -6.83 0.75 17.31
C GLY A 10 -7.66 1.59 16.36
N ASP A 11 -7.80 1.11 15.12
CA ASP A 11 -8.57 1.82 14.12
C ASP A 11 -9.88 1.10 13.84
N CYS A 12 -10.99 1.82 13.97
CA CYS A 12 -12.31 1.25 13.74
C CYS A 12 -12.93 1.81 12.46
N SER A 13 -12.08 2.05 11.46
CA SER A 13 -12.54 2.59 10.19
C SER A 13 -12.15 1.68 9.04
N TYR A 14 -12.52 2.07 7.82
CA TYR A 14 -12.22 1.28 6.63
C TYR A 14 -10.71 1.15 6.44
N SER A 15 -10.31 0.27 5.53
CA SER A 15 -8.90 0.05 5.24
C SER A 15 -8.44 0.92 4.09
N ARG A 16 -8.80 2.20 4.13
CA ARG A 16 -8.42 3.14 3.09
C ARG A 16 -7.15 3.89 3.48
N THR A 17 -7.15 4.47 4.67
CA THR A 17 -6.01 5.23 5.15
C THR A 17 -4.87 4.30 5.57
N ALA A 18 -5.17 3.00 5.63
CA ALA A 18 -4.18 2.01 6.02
C ALA A 18 -3.01 1.99 5.03
N LEU A 19 -3.32 1.85 3.76
CA LEU A 19 -2.30 1.82 2.72
C LEU A 19 -1.38 3.04 2.82
N TYR A 20 -1.88 4.08 3.46
CA TYR A 20 -1.11 5.31 3.62
C TYR A 20 -0.27 5.27 4.89
N ASP A 21 -0.65 4.40 5.82
CA ASP A 21 0.07 4.25 7.07
C ASP A 21 1.24 3.28 6.91
N LEU A 22 1.09 2.33 6.00
CA LEU A 22 2.13 1.34 5.75
C LEU A 22 3.39 2.00 5.19
N LEU A 23 3.20 3.08 4.44
CA LEU A 23 4.32 3.79 3.84
C LEU A 23 4.71 5.00 4.70
N GLY A 24 3.84 5.35 5.64
CA GLY A 24 4.11 6.48 6.51
C GLY A 24 3.76 7.81 5.87
N VAL A 25 3.15 7.75 4.69
CA VAL A 25 2.76 8.96 3.98
C VAL A 25 1.32 9.35 4.29
N PRO A 26 1.05 10.66 4.31
CA PRO A 26 -0.28 11.19 4.59
C PRO A 26 -1.28 10.91 3.47
N SER A 27 -2.56 11.08 3.76
CA SER A 27 -3.61 10.83 2.77
C SER A 27 -3.58 11.89 1.67
N THR A 28 -2.84 12.96 1.91
CA THR A 28 -2.73 14.04 0.94
C THR A 28 -1.32 14.11 0.35
N ALA A 29 -0.58 13.01 0.48
CA ALA A 29 0.78 12.95 -0.05
C ALA A 29 0.78 13.03 -1.57
N THR A 30 1.97 12.99 -2.16
CA THR A 30 2.11 13.07 -3.61
C THR A 30 2.93 11.90 -4.14
N GLN A 31 2.86 11.68 -5.45
CA GLN A 31 3.60 10.60 -6.09
C GLN A 31 5.03 10.52 -5.56
N ALA A 32 5.66 11.69 -5.41
CA ALA A 32 7.02 11.76 -4.91
C ALA A 32 7.15 11.08 -3.55
N GLN A 33 6.16 11.32 -2.69
CA GLN A 33 6.16 10.73 -1.35
C GLN A 33 5.77 9.25 -1.41
N ILE A 34 4.53 8.99 -1.79
CA ILE A 34 4.04 7.63 -1.88
C ILE A 34 5.07 6.70 -2.50
N LYS A 35 5.95 7.27 -3.32
CA LYS A 35 7.00 6.50 -3.98
C LYS A 35 8.24 6.39 -3.08
N ALA A 36 8.86 7.52 -2.80
CA ALA A 36 10.05 7.55 -1.95
C ALA A 36 9.87 6.65 -0.74
N ALA A 37 8.66 6.60 -0.21
CA ALA A 37 8.37 5.77 0.95
C ALA A 37 8.54 4.29 0.63
N TYR A 38 7.70 3.78 -0.28
CA TYR A 38 7.75 2.39 -0.67
C TYR A 38 9.20 1.91 -0.78
N TYR A 39 10.07 2.79 -1.26
CA TYR A 39 11.48 2.46 -1.43
C TYR A 39 12.14 2.21 -0.06
N ARG A 40 11.82 3.06 0.90
CA ARG A 40 12.38 2.94 2.24
C ARG A 40 12.00 1.59 2.86
N GLN A 41 10.74 1.23 2.75
CA GLN A 41 10.25 -0.03 3.31
C GLN A 41 11.15 -1.19 2.90
N CYS A 42 11.21 -1.45 1.60
CA CYS A 42 12.05 -2.53 1.07
C CYS A 42 13.42 -2.54 1.75
N PHE A 43 14.13 -1.42 1.63
CA PHE A 43 15.45 -1.29 2.23
C PHE A 43 15.41 -1.58 3.72
N LEU A 44 14.32 -1.17 4.36
CA LEU A 44 14.16 -1.39 5.80
C LEU A 44 13.96 -2.87 6.11
N TYR A 45 13.38 -3.59 5.15
CA TYR A 45 13.13 -5.02 5.32
C TYR A 45 13.85 -5.83 4.25
N HIS A 46 15.08 -5.43 3.92
CA HIS A 46 15.87 -6.12 2.92
C HIS A 46 15.75 -7.64 3.07
N PRO A 47 15.97 -8.36 1.97
CA PRO A 47 15.90 -9.83 1.97
C PRO A 47 17.05 -10.47 2.73
N ASP A 48 18.15 -9.75 2.84
CA ASP A 48 19.33 -10.24 3.55
C ASP A 48 18.97 -10.66 4.97
N ARG A 49 17.86 -10.11 5.47
CA ARG A 49 17.40 -10.42 6.83
C ARG A 49 16.23 -11.39 6.80
N ASN A 50 15.27 -11.13 5.92
CA ASN A 50 14.09 -11.98 5.79
C ASN A 50 14.25 -12.96 4.63
N SER A 51 15.48 -13.42 4.41
CA SER A 51 15.76 -14.35 3.33
C SER A 51 14.68 -15.42 3.23
N GLY A 52 14.29 -15.96 4.38
CA GLY A 52 13.26 -16.99 4.40
C GLY A 52 12.43 -16.95 5.67
N SER A 53 12.17 -15.75 6.17
CA SER A 53 11.39 -15.58 7.39
C SER A 53 9.92 -15.29 7.06
N ALA A 54 9.03 -15.71 7.94
CA ALA A 54 7.60 -15.49 7.76
C ALA A 54 7.16 -14.18 8.37
N GLU A 55 7.71 -13.86 9.54
CA GLU A 55 7.36 -12.62 10.24
C GLU A 55 7.39 -11.44 9.28
N ALA A 56 8.42 -11.37 8.45
CA ALA A 56 8.56 -10.29 7.49
C ALA A 56 7.62 -10.47 6.31
N ALA A 57 7.46 -11.72 5.87
CA ALA A 57 6.58 -12.04 4.76
C ALA A 57 5.28 -11.25 4.85
N GLU A 58 4.50 -11.51 5.89
CA GLU A 58 3.22 -10.83 6.09
C GLU A 58 3.32 -9.38 5.65
N ARG A 59 4.43 -8.72 5.99
CA ARG A 59 4.64 -7.33 5.64
C ARG A 59 4.91 -7.18 4.15
N PHE A 60 6.05 -7.70 3.70
CA PHE A 60 6.42 -7.63 2.29
C PHE A 60 5.19 -7.79 1.39
N THR A 61 4.27 -8.66 1.81
CA THR A 61 3.06 -8.91 1.04
C THR A 61 2.16 -7.68 1.03
N ARG A 62 1.84 -7.18 2.23
CA ARG A 62 0.98 -6.01 2.36
C ARG A 62 1.67 -4.77 1.82
N ILE A 63 2.86 -4.48 2.34
CA ILE A 63 3.63 -3.32 1.91
C ILE A 63 3.46 -3.07 0.42
N SER A 64 3.79 -4.09 -0.38
CA SER A 64 3.68 -3.99 -1.83
C SER A 64 2.32 -3.45 -2.24
N GLN A 65 1.26 -4.04 -1.69
CA GLN A 65 -0.09 -3.60 -2.00
C GLN A 65 -0.23 -2.09 -1.91
N ALA A 66 0.20 -1.53 -0.78
CA ALA A 66 0.13 -0.09 -0.56
C ALA A 66 0.72 0.67 -1.75
N TYR A 67 1.75 0.09 -2.36
CA TYR A 67 2.41 0.71 -3.50
C TYR A 67 1.74 0.28 -4.81
N VAL A 68 0.48 -0.13 -4.72
CA VAL A 68 -0.27 -0.56 -5.89
C VAL A 68 -1.55 0.25 -6.05
N VAL A 69 -2.43 0.14 -5.05
CA VAL A 69 -3.70 0.86 -5.08
C VAL A 69 -3.48 2.37 -5.12
N LEU A 70 -2.40 2.81 -4.49
CA LEU A 70 -2.07 4.24 -4.46
C LEU A 70 -1.01 4.58 -5.49
N GLY A 71 -0.30 3.56 -5.97
CA GLY A 71 0.74 3.77 -6.97
C GLY A 71 0.27 4.66 -8.11
N SER A 72 -1.04 4.64 -8.37
CA SER A 72 -1.60 5.45 -9.45
C SER A 72 -2.70 6.35 -8.91
N ALA A 73 -2.85 7.53 -9.53
CA ALA A 73 -3.87 8.49 -9.12
C ALA A 73 -5.27 7.94 -9.36
N THR A 74 -5.50 7.39 -10.55
CA THR A 74 -6.80 6.82 -10.90
C THR A 74 -7.28 5.87 -9.82
N LEU A 75 -6.59 4.75 -9.67
CA LEU A 75 -6.95 3.76 -8.67
C LEU A 75 -7.50 4.41 -7.41
N ARG A 76 -6.68 5.29 -6.81
CA ARG A 76 -7.08 5.99 -5.60
C ARG A 76 -8.54 6.45 -5.69
N ARG A 77 -8.90 7.03 -6.83
CA ARG A 77 -10.25 7.52 -7.04
C ARG A 77 -11.23 6.37 -7.20
N LYS A 78 -10.76 5.28 -7.83
CA LYS A 78 -11.60 4.11 -8.05
C LYS A 78 -12.16 3.59 -6.73
N TYR A 79 -11.28 3.18 -5.82
CA TYR A 79 -11.69 2.67 -4.53
C TYR A 79 -12.67 3.62 -3.85
N ASP A 80 -12.30 4.89 -3.78
CA ASP A 80 -13.15 5.90 -3.16
C ASP A 80 -14.61 5.67 -3.52
N ARG A 81 -14.87 5.36 -4.78
CA ARG A 81 -16.23 5.12 -5.26
C ARG A 81 -16.55 3.63 -5.27
N GLY A 82 -15.51 2.81 -5.14
CA GLY A 82 -15.70 1.37 -5.13
C GLY A 82 -15.54 0.76 -6.52
N LEU A 83 -15.02 1.55 -7.45
CA LEU A 83 -14.81 1.07 -8.82
C LEU A 83 -13.65 0.10 -8.89
N LEU A 84 -12.93 -0.05 -7.78
CA LEU A 84 -11.79 -0.95 -7.73
C LEU A 84 -12.22 -2.36 -7.31
N SER A 85 -11.93 -3.34 -8.16
CA SER A 85 -12.29 -4.72 -7.88
C SER A 85 -11.04 -5.57 -7.67
N ASP A 86 -11.23 -6.76 -7.10
CA ASP A 86 -10.13 -7.68 -6.85
C ASP A 86 -9.20 -7.76 -8.06
N GLU A 87 -9.79 -7.97 -9.23
CA GLU A 87 -9.01 -8.07 -10.46
C GLU A 87 -7.88 -7.04 -10.48
N ASP A 88 -8.20 -5.81 -10.08
CA ASP A 88 -7.23 -4.74 -10.06
C ASP A 88 -6.28 -4.90 -8.87
N LEU A 89 -6.84 -5.18 -7.70
CA LEU A 89 -6.05 -5.35 -6.49
C LEU A 89 -4.82 -6.22 -6.77
N ARG A 90 -5.03 -7.35 -7.43
CA ARG A 90 -3.94 -8.26 -7.76
C ARG A 90 -3.07 -7.69 -8.87
N GLY A 91 -3.70 -6.99 -9.80
CA GLY A 91 -2.98 -6.40 -10.91
C GLY A 91 -3.88 -5.64 -11.86
N PRO A 92 -3.36 -4.55 -12.45
CA PRO A 92 -4.11 -3.72 -13.39
C PRO A 92 -4.37 -4.43 -14.71
N GLY A 93 -3.45 -5.31 -15.10
CA GLY A 93 -3.60 -6.05 -16.34
C GLY A 93 -2.45 -7.01 -16.58
N SER A 94 -2.33 -8.01 -15.71
CA SER A 94 -1.26 -9.00 -15.84
C SER A 94 -1.76 -10.25 -16.56
N GLY A 95 -0.82 -11.08 -17.00
CA GLY A 95 -1.18 -12.29 -17.71
C GLY A 95 -0.09 -13.34 -17.66
N PRO A 96 -0.05 -14.11 -16.56
CA PRO A 96 0.96 -15.16 -16.37
C PRO A 96 0.74 -16.35 -17.31
N SER A 97 1.71 -17.25 -17.34
CA SER A 97 1.63 -18.43 -18.21
C SER A 97 1.49 -19.70 -17.37
N SER A 98 1.05 -20.77 -18.02
CA SER A 98 0.87 -22.06 -17.34
C SER A 98 2.00 -23.02 -17.68
N GLY A 99 2.63 -23.58 -16.65
CA GLY A 99 3.72 -24.50 -16.85
C GLY A 99 3.38 -25.91 -16.42
N GLY A 1 -7.87 21.84 -6.70
CA GLY A 1 -8.17 21.04 -5.53
C GLY A 1 -9.53 21.35 -4.95
N SER A 2 -10.53 20.53 -5.29
CA SER A 2 -11.88 20.73 -4.81
C SER A 2 -12.08 20.05 -3.46
N SER A 3 -11.09 20.17 -2.58
CA SER A 3 -11.16 19.55 -1.26
C SER A 3 -10.31 20.34 -0.26
N GLY A 4 -10.34 19.91 1.00
CA GLY A 4 -9.58 20.57 2.03
C GLY A 4 -10.37 20.79 3.29
N SER A 5 -10.28 19.85 4.23
CA SER A 5 -11.01 19.94 5.49
C SER A 5 -10.30 19.18 6.59
N SER A 6 -10.68 19.44 7.84
CA SER A 6 -10.07 18.77 8.98
C SER A 6 -10.71 17.41 9.21
N GLY A 7 -10.20 16.69 10.21
CA GLY A 7 -10.72 15.36 10.50
C GLY A 7 -9.95 14.67 11.61
N SER A 8 -10.58 13.71 12.26
CA SER A 8 -9.94 12.96 13.35
C SER A 8 -10.45 11.53 13.39
N GLN A 9 -9.75 10.68 14.14
CA GLN A 9 -10.13 9.27 14.27
C GLN A 9 -11.49 9.14 14.91
N GLY A 10 -12.04 7.93 14.89
CA GLY A 10 -13.35 7.69 15.48
C GLY A 10 -13.73 6.22 15.45
N ASP A 11 -14.70 5.88 14.60
CA ASP A 11 -15.15 4.50 14.48
C ASP A 11 -15.01 4.00 13.05
N CYS A 12 -14.52 2.78 12.90
CA CYS A 12 -14.33 2.18 11.58
C CYS A 12 -14.79 0.73 11.57
N SER A 13 -15.26 0.28 10.41
CA SER A 13 -15.74 -1.09 10.26
C SER A 13 -14.71 -1.95 9.53
N TYR A 14 -14.25 -1.45 8.39
CA TYR A 14 -13.27 -2.17 7.59
C TYR A 14 -11.94 -1.42 7.55
N SER A 15 -10.84 -2.18 7.49
CA SER A 15 -9.52 -1.59 7.46
C SER A 15 -9.20 -1.03 6.07
N ARG A 16 -9.14 0.29 5.97
CA ARG A 16 -8.85 0.95 4.70
C ARG A 16 -7.64 1.87 4.83
N THR A 17 -7.32 2.24 6.07
CA THR A 17 -6.18 3.12 6.33
C THR A 17 -4.90 2.32 6.52
N ALA A 18 -4.85 1.13 5.91
CA ALA A 18 -3.69 0.27 6.01
C ALA A 18 -2.67 0.58 4.92
N LEU A 19 -3.12 0.51 3.67
CA LEU A 19 -2.25 0.78 2.53
C LEU A 19 -1.60 2.15 2.66
N TYR A 20 -2.16 2.99 3.53
CA TYR A 20 -1.64 4.33 3.75
C TYR A 20 -0.71 4.36 4.97
N ASP A 21 -0.92 3.42 5.88
CA ASP A 21 -0.11 3.35 7.09
C ASP A 21 1.18 2.59 6.83
N LEU A 22 1.08 1.49 6.08
CA LEU A 22 2.24 0.67 5.76
C LEU A 22 3.37 1.53 5.18
N LEU A 23 2.99 2.58 4.47
CA LEU A 23 3.98 3.49 3.88
C LEU A 23 4.17 4.73 4.74
N GLY A 24 3.08 5.20 5.35
CA GLY A 24 3.16 6.38 6.19
C GLY A 24 2.71 7.63 5.46
N VAL A 25 2.08 7.46 4.31
CA VAL A 25 1.59 8.59 3.53
C VAL A 25 0.13 8.88 3.83
N PRO A 26 -0.27 10.15 3.66
CA PRO A 26 -1.65 10.59 3.91
C PRO A 26 -2.62 10.05 2.88
N SER A 27 -3.90 10.35 3.06
CA SER A 27 -4.94 9.89 2.14
C SER A 27 -5.01 10.78 0.90
N THR A 28 -4.37 11.96 0.99
CA THR A 28 -4.37 12.90 -0.11
C THR A 28 -2.95 13.15 -0.62
N ALA A 29 -2.08 12.16 -0.43
CA ALA A 29 -0.70 12.28 -0.87
C ALA A 29 -0.61 12.33 -2.39
N THR A 30 0.63 12.33 -2.90
CA THR A 30 0.86 12.39 -4.34
C THR A 30 1.90 11.37 -4.77
N GLN A 31 2.05 11.19 -6.08
CA GLN A 31 3.01 10.24 -6.62
C GLN A 31 4.36 10.36 -5.90
N ALA A 32 4.90 11.58 -5.87
CA ALA A 32 6.17 11.82 -5.21
C ALA A 32 6.25 11.10 -3.87
N GLN A 33 5.25 11.32 -3.03
CA GLN A 33 5.21 10.68 -1.71
C GLN A 33 4.99 9.18 -1.85
N ILE A 34 3.80 8.81 -2.28
CA ILE A 34 3.45 7.39 -2.44
C ILE A 34 4.64 6.60 -2.95
N LYS A 35 5.50 7.26 -3.72
CA LYS A 35 6.69 6.61 -4.27
C LYS A 35 7.85 6.65 -3.27
N ALA A 36 8.20 7.86 -2.85
CA ALA A 36 9.28 8.05 -1.88
C ALA A 36 9.13 7.11 -0.70
N ALA A 37 7.88 6.89 -0.27
CA ALA A 37 7.61 6.02 0.86
C ALA A 37 7.98 4.57 0.54
N TYR A 38 7.28 3.99 -0.44
CA TYR A 38 7.53 2.62 -0.84
C TYR A 38 9.02 2.32 -0.85
N TYR A 39 9.82 3.26 -1.32
CA TYR A 39 11.26 3.09 -1.38
C TYR A 39 11.84 2.89 0.02
N ARG A 40 11.52 3.80 0.92
CA ARG A 40 12.00 3.72 2.30
C ARG A 40 11.74 2.33 2.89
N GLN A 41 10.54 1.82 2.65
CA GLN A 41 10.16 0.50 3.16
C GLN A 41 11.18 -0.56 2.74
N CYS A 42 11.51 -0.56 1.45
CA CYS A 42 12.47 -1.52 0.90
C CYS A 42 13.68 -1.66 1.82
N PHE A 43 14.19 -0.52 2.29
CA PHE A 43 15.35 -0.50 3.17
C PHE A 43 14.97 -0.97 4.58
N LEU A 44 13.82 -0.49 5.06
CA LEU A 44 13.35 -0.86 6.38
C LEU A 44 13.28 -2.38 6.55
N TYR A 45 12.87 -3.07 5.49
CA TYR A 45 12.77 -4.51 5.52
C TYR A 45 13.50 -5.13 4.32
N HIS A 46 14.69 -4.61 4.03
CA HIS A 46 15.49 -5.11 2.93
C HIS A 46 15.56 -6.63 2.94
N PRO A 47 15.49 -7.25 1.75
CA PRO A 47 15.54 -8.70 1.60
C PRO A 47 16.92 -9.27 1.93
N ASP A 48 17.87 -8.39 2.19
CA ASP A 48 19.23 -8.80 2.52
C ASP A 48 19.36 -9.08 4.02
N ARG A 49 18.94 -8.12 4.83
CA ARG A 49 19.03 -8.26 6.28
C ARG A 49 18.14 -9.41 6.76
N ASN A 50 16.91 -9.45 6.26
CA ASN A 50 15.96 -10.49 6.64
C ASN A 50 16.07 -11.68 5.70
N SER A 51 16.97 -12.61 6.02
CA SER A 51 17.17 -13.81 5.21
C SER A 51 16.06 -14.82 5.45
N GLY A 52 15.94 -15.27 6.70
CA GLY A 52 14.92 -16.24 7.03
C GLY A 52 14.05 -15.78 8.19
N SER A 53 13.42 -14.63 8.04
CA SER A 53 12.57 -14.08 9.09
C SER A 53 11.31 -14.93 9.26
N ALA A 54 10.53 -14.62 10.29
CA ALA A 54 9.30 -15.34 10.57
C ALA A 54 8.07 -14.49 10.25
N GLU A 55 8.08 -13.25 10.69
CA GLU A 55 6.97 -12.33 10.45
C GLU A 55 7.27 -11.42 9.27
N ALA A 56 8.45 -10.81 9.28
CA ALA A 56 8.86 -9.91 8.21
C ALA A 56 8.31 -10.36 6.86
N ALA A 57 8.53 -11.64 6.54
CA ALA A 57 8.04 -12.20 5.29
C ALA A 57 6.66 -11.66 4.94
N GLU A 58 5.70 -11.89 5.82
CA GLU A 58 4.33 -11.42 5.61
C GLU A 58 4.31 -9.92 5.31
N ARG A 59 4.64 -9.13 6.32
CA ARG A 59 4.65 -7.68 6.17
C ARG A 59 5.18 -7.27 4.80
N PHE A 60 6.37 -7.76 4.46
CA PHE A 60 6.99 -7.44 3.18
C PHE A 60 5.98 -7.60 2.04
N THR A 61 5.28 -8.73 2.04
CA THR A 61 4.29 -9.00 1.00
C THR A 61 3.19 -7.95 1.01
N ARG A 62 2.76 -7.55 2.21
CA ARG A 62 1.71 -6.55 2.34
C ARG A 62 2.15 -5.22 1.76
N ILE A 63 3.33 -4.76 2.15
CA ILE A 63 3.87 -3.50 1.65
C ILE A 63 3.65 -3.36 0.15
N SER A 64 4.16 -4.34 -0.61
CA SER A 64 4.02 -4.32 -2.06
C SER A 64 2.60 -3.98 -2.47
N GLN A 65 1.63 -4.54 -1.74
CA GLN A 65 0.22 -4.31 -2.03
C GLN A 65 -0.11 -2.82 -1.96
N ALA A 66 0.38 -2.16 -0.91
CA ALA A 66 0.14 -0.74 -0.73
C ALA A 66 0.64 0.07 -1.92
N TYR A 67 1.70 -0.42 -2.55
CA TYR A 67 2.27 0.26 -3.71
C TYR A 67 1.55 -0.15 -5.00
N VAL A 68 0.35 -0.70 -4.84
CA VAL A 68 -0.45 -1.14 -5.98
C VAL A 68 -1.71 -0.29 -6.12
N VAL A 69 -2.61 -0.43 -5.15
CA VAL A 69 -3.86 0.31 -5.16
C VAL A 69 -3.61 1.82 -5.18
N LEU A 70 -2.48 2.23 -4.61
CA LEU A 70 -2.13 3.65 -4.58
C LEU A 70 -1.04 3.96 -5.61
N GLY A 71 -0.30 2.93 -6.00
CA GLY A 71 0.76 3.11 -6.97
C GLY A 71 0.32 3.95 -8.16
N SER A 72 -0.82 3.60 -8.75
CA SER A 72 -1.35 4.32 -9.90
C SER A 72 -2.36 5.36 -9.46
N ALA A 73 -2.03 6.63 -9.69
CA ALA A 73 -2.91 7.73 -9.31
C ALA A 73 -4.38 7.35 -9.53
N THR A 74 -4.69 6.85 -10.71
CA THR A 74 -6.06 6.45 -11.03
C THR A 74 -6.66 5.58 -9.93
N LEU A 75 -6.10 4.38 -9.76
CA LEU A 75 -6.58 3.46 -8.73
C LEU A 75 -6.87 4.19 -7.43
N ARG A 76 -5.85 4.82 -6.86
CA ARG A 76 -6.00 5.56 -5.62
C ARG A 76 -7.34 6.29 -5.58
N ARG A 77 -7.61 7.07 -6.61
CA ARG A 77 -8.85 7.82 -6.70
C ARG A 77 -10.05 6.89 -6.85
N LYS A 78 -9.94 5.93 -7.76
CA LYS A 78 -11.01 4.98 -8.00
C LYS A 78 -11.57 4.46 -6.68
N TYR A 79 -10.69 4.13 -5.75
CA TYR A 79 -11.10 3.61 -4.45
C TYR A 79 -11.91 4.67 -3.68
N ASP A 80 -11.37 5.88 -3.60
CA ASP A 80 -12.03 6.97 -2.90
C ASP A 80 -13.51 7.05 -3.30
N ARG A 81 -13.78 6.76 -4.57
CA ARG A 81 -15.15 6.81 -5.07
C ARG A 81 -15.78 5.42 -5.07
N GLY A 82 -14.93 4.39 -5.04
CA GLY A 82 -15.42 3.02 -5.03
C GLY A 82 -15.49 2.42 -6.42
N LEU A 83 -14.91 3.12 -7.39
CA LEU A 83 -14.90 2.65 -8.77
C LEU A 83 -13.94 1.47 -8.94
N LEU A 84 -13.05 1.30 -7.97
CA LEU A 84 -12.08 0.21 -8.01
C LEU A 84 -12.76 -1.13 -7.75
N SER A 85 -12.60 -2.06 -8.68
CA SER A 85 -13.21 -3.38 -8.56
C SER A 85 -12.15 -4.42 -8.14
N ASP A 86 -12.62 -5.49 -7.52
CA ASP A 86 -11.72 -6.55 -7.07
C ASP A 86 -10.77 -6.96 -8.19
N GLU A 87 -11.26 -6.96 -9.41
CA GLU A 87 -10.44 -7.34 -10.57
C GLU A 87 -9.21 -6.45 -10.67
N ASP A 88 -9.35 -5.21 -10.25
CA ASP A 88 -8.24 -4.26 -10.29
C ASP A 88 -7.26 -4.53 -9.16
N LEU A 89 -7.79 -4.87 -7.98
CA LEU A 89 -6.96 -5.15 -6.81
C LEU A 89 -6.01 -6.32 -7.09
N ARG A 90 -6.56 -7.42 -7.59
CA ARG A 90 -5.78 -8.60 -7.89
C ARG A 90 -4.95 -8.39 -9.15
N GLY A 91 -5.56 -7.81 -10.17
CA GLY A 91 -4.86 -7.56 -11.42
C GLY A 91 -4.99 -8.70 -12.39
N PRO A 92 -4.92 -8.39 -13.70
CA PRO A 92 -5.02 -9.40 -14.76
C PRO A 92 -3.80 -10.33 -14.80
N GLY A 93 -3.94 -11.49 -14.17
CA GLY A 93 -2.84 -12.44 -14.15
C GLY A 93 -2.58 -13.05 -15.51
N SER A 94 -3.38 -14.05 -15.88
CA SER A 94 -3.23 -14.72 -17.17
C SER A 94 -4.45 -14.48 -18.04
N GLY A 95 -4.31 -14.80 -19.33
CA GLY A 95 -5.41 -14.61 -20.26
C GLY A 95 -5.33 -15.55 -21.45
N PRO A 96 -6.03 -15.21 -22.54
CA PRO A 96 -6.06 -16.01 -23.76
C PRO A 96 -4.73 -15.98 -24.50
N SER A 97 -3.90 -16.99 -24.24
CA SER A 97 -2.58 -17.07 -24.88
C SER A 97 -2.66 -17.94 -26.14
N SER A 98 -1.70 -17.73 -27.05
CA SER A 98 -1.66 -18.48 -28.29
C SER A 98 -1.22 -19.92 -28.05
N GLY A 99 -2.19 -20.82 -27.96
CA GLY A 99 -1.88 -22.23 -27.72
C GLY A 99 -1.68 -23.00 -29.01
N GLY A 1 -19.20 25.40 3.43
CA GLY A 1 -18.82 24.01 3.50
C GLY A 1 -20.02 23.09 3.68
N SER A 2 -19.76 21.84 4.04
CA SER A 2 -20.82 20.86 4.24
C SER A 2 -20.52 19.98 5.45
N SER A 3 -21.58 19.43 6.04
CA SER A 3 -21.44 18.56 7.21
C SER A 3 -21.93 17.15 6.90
N GLY A 4 -21.00 16.26 6.59
CA GLY A 4 -21.37 14.89 6.28
C GLY A 4 -20.52 13.88 7.04
N SER A 5 -19.48 13.38 6.39
CA SER A 5 -18.60 12.39 7.00
C SER A 5 -18.03 12.93 8.31
N SER A 6 -18.64 12.51 9.42
CA SER A 6 -18.19 12.94 10.74
C SER A 6 -17.64 11.76 11.54
N GLY A 7 -16.78 12.06 12.50
CA GLY A 7 -16.20 11.02 13.32
C GLY A 7 -14.69 10.91 13.16
N SER A 8 -14.04 10.22 14.08
CA SER A 8 -12.59 10.05 14.03
C SER A 8 -12.23 8.69 13.43
N GLN A 9 -10.93 8.46 13.24
CA GLN A 9 -10.44 7.21 12.68
C GLN A 9 -9.60 6.45 13.69
N GLY A 10 -10.01 5.23 14.01
CA GLY A 10 -9.28 4.41 14.96
C GLY A 10 -9.02 3.01 14.45
N ASP A 11 -8.26 2.24 15.21
CA ASP A 11 -7.94 0.86 14.83
C ASP A 11 -9.20 0.00 14.83
N CYS A 12 -9.94 0.02 15.93
CA CYS A 12 -11.16 -0.77 16.06
C CYS A 12 -12.01 -0.63 14.80
N SER A 13 -12.06 0.58 14.25
CA SER A 13 -12.86 0.83 13.05
C SER A 13 -12.16 0.27 11.81
N TYR A 14 -12.91 -0.45 10.99
CA TYR A 14 -12.38 -1.04 9.77
C TYR A 14 -11.34 -0.12 9.14
N SER A 15 -10.23 -0.71 8.69
CA SER A 15 -9.15 0.06 8.06
C SER A 15 -9.61 0.64 6.72
N ARG A 16 -9.41 1.94 6.56
CA ARG A 16 -9.80 2.61 5.34
C ARG A 16 -8.59 3.24 4.65
N THR A 17 -7.54 3.51 5.43
CA THR A 17 -6.33 4.11 4.92
C THR A 17 -5.10 3.31 5.33
N ALA A 18 -5.22 1.99 5.31
CA ALA A 18 -4.12 1.11 5.69
C ALA A 18 -2.95 1.25 4.70
N LEU A 19 -3.24 1.02 3.43
CA LEU A 19 -2.22 1.12 2.39
C LEU A 19 -1.32 2.33 2.62
N TYR A 20 -1.86 3.34 3.29
CA TYR A 20 -1.12 4.55 3.59
C TYR A 20 -0.21 4.38 4.80
N ASP A 21 -0.83 4.03 5.93
CA ASP A 21 -0.08 3.83 7.17
C ASP A 21 1.12 2.92 6.93
N LEU A 22 0.99 2.02 5.96
CA LEU A 22 2.07 1.09 5.63
C LEU A 22 3.31 1.84 5.15
N LEU A 23 3.10 2.81 4.28
CA LEU A 23 4.20 3.61 3.74
C LEU A 23 4.48 4.82 4.62
N GLY A 24 3.44 5.63 4.87
CA GLY A 24 3.59 6.80 5.69
C GLY A 24 3.21 8.07 4.96
N VAL A 25 2.36 7.95 3.95
CA VAL A 25 1.92 9.09 3.16
C VAL A 25 0.46 9.44 3.46
N PRO A 26 0.12 10.73 3.36
CA PRO A 26 -1.23 11.22 3.61
C PRO A 26 -2.22 10.77 2.54
N SER A 27 -3.51 10.95 2.81
CA SER A 27 -4.55 10.56 1.87
C SER A 27 -4.45 11.37 0.58
N THR A 28 -3.79 12.52 0.67
CA THR A 28 -3.63 13.39 -0.49
C THR A 28 -2.15 13.60 -0.81
N ALA A 29 -1.33 12.61 -0.49
CA ALA A 29 0.10 12.68 -0.75
C ALA A 29 0.38 12.90 -2.24
N THR A 30 1.66 13.00 -2.58
CA THR A 30 2.06 13.21 -3.97
C THR A 30 2.84 12.01 -4.50
N GLN A 31 2.77 11.80 -5.81
CA GLN A 31 3.48 10.69 -6.44
C GLN A 31 4.92 10.61 -5.95
N ALA A 32 5.53 11.78 -5.76
CA ALA A 32 6.91 11.84 -5.28
C ALA A 32 7.06 11.14 -3.94
N GLN A 33 6.04 11.24 -3.11
CA GLN A 33 6.07 10.61 -1.78
C GLN A 33 5.75 9.13 -1.88
N ILE A 34 4.53 8.82 -2.31
CA ILE A 34 4.10 7.42 -2.44
C ILE A 34 5.25 6.54 -2.92
N LYS A 35 6.08 7.09 -3.80
CA LYS A 35 7.22 6.35 -4.33
C LYS A 35 8.36 6.29 -3.32
N ALA A 36 8.85 7.46 -2.91
CA ALA A 36 9.93 7.55 -1.95
C ALA A 36 9.66 6.65 -0.74
N ALA A 37 8.39 6.53 -0.38
CA ALA A 37 8.00 5.71 0.76
C ALA A 37 8.27 4.23 0.48
N TYR A 38 7.50 3.65 -0.41
CA TYR A 38 7.66 2.25 -0.77
C TYR A 38 9.13 1.86 -0.83
N TYR A 39 9.99 2.85 -1.10
CA TYR A 39 11.42 2.62 -1.19
C TYR A 39 12.04 2.52 0.19
N ARG A 40 12.11 3.64 0.89
CA ARG A 40 12.70 3.69 2.23
C ARG A 40 12.20 2.52 3.06
N GLN A 41 11.02 2.00 2.72
CA GLN A 41 10.44 0.87 3.44
C GLN A 41 11.29 -0.38 3.27
N CYS A 42 11.57 -0.73 2.02
CA CYS A 42 12.38 -1.91 1.73
C CYS A 42 13.53 -2.05 2.70
N PHE A 43 14.26 -0.95 2.92
CA PHE A 43 15.39 -0.94 3.83
C PHE A 43 15.02 -1.59 5.16
N LEU A 44 14.06 -1.00 5.86
CA LEU A 44 13.61 -1.53 7.14
C LEU A 44 13.66 -3.05 7.17
N TYR A 45 13.07 -3.66 6.14
CA TYR A 45 13.06 -5.12 6.03
C TYR A 45 13.81 -5.59 4.80
N HIS A 46 15.14 -5.60 4.89
CA HIS A 46 15.97 -6.03 3.77
C HIS A 46 15.78 -7.52 3.49
N PRO A 47 15.76 -7.89 2.21
CA PRO A 47 15.59 -9.28 1.78
C PRO A 47 16.81 -10.13 2.09
N ASP A 48 17.85 -9.50 2.60
CA ASP A 48 19.08 -10.21 2.96
C ASP A 48 19.23 -10.33 4.47
N ARG A 49 19.22 -9.19 5.15
CA ARG A 49 19.35 -9.17 6.61
C ARG A 49 18.45 -10.22 7.25
N ASN A 50 17.18 -10.23 6.84
CA ASN A 50 16.22 -11.19 7.38
C ASN A 50 16.24 -12.50 6.58
N SER A 51 17.02 -13.46 7.07
CA SER A 51 17.13 -14.75 6.41
C SER A 51 15.87 -15.58 6.60
N GLY A 52 15.24 -15.95 5.49
CA GLY A 52 14.03 -16.75 5.55
C GLY A 52 13.17 -16.39 6.74
N SER A 53 12.71 -15.13 6.79
CA SER A 53 11.88 -14.66 7.89
C SER A 53 10.39 -14.81 7.55
N ALA A 54 9.77 -15.85 8.10
CA ALA A 54 8.36 -16.11 7.86
C ALA A 54 7.50 -14.91 8.27
N GLU A 55 7.75 -14.41 9.49
CA GLU A 55 7.01 -13.27 10.01
C GLU A 55 7.16 -12.06 9.09
N ALA A 56 8.35 -11.48 9.08
CA ALA A 56 8.62 -10.31 8.25
C ALA A 56 8.01 -10.47 6.86
N ALA A 57 8.27 -11.63 6.23
CA ALA A 57 7.75 -11.90 4.90
C ALA A 57 6.34 -11.35 4.73
N GLU A 58 5.44 -11.75 5.62
CA GLU A 58 4.06 -11.29 5.56
C GLU A 58 3.99 -9.81 5.22
N ARG A 59 4.56 -8.98 6.09
CA ARG A 59 4.57 -7.54 5.88
C ARG A 59 5.04 -7.20 4.46
N PHE A 60 6.25 -7.63 4.13
CA PHE A 60 6.81 -7.38 2.81
C PHE A 60 5.76 -7.54 1.72
N THR A 61 5.00 -8.62 1.80
CA THR A 61 3.94 -8.90 0.83
C THR A 61 2.94 -7.76 0.76
N ARG A 62 2.37 -7.41 1.91
CA ARG A 62 1.40 -6.33 1.98
C ARG A 62 1.97 -5.03 1.42
N ILE A 63 3.12 -4.62 1.95
CA ILE A 63 3.78 -3.40 1.51
C ILE A 63 3.61 -3.21 0.01
N SER A 64 3.98 -4.23 -0.76
CA SER A 64 3.87 -4.18 -2.22
C SER A 64 2.49 -3.69 -2.64
N GLN A 65 1.46 -4.25 -2.02
CA GLN A 65 0.08 -3.87 -2.34
C GLN A 65 -0.10 -2.36 -2.27
N ALA A 66 0.35 -1.77 -1.17
CA ALA A 66 0.24 -0.33 -0.98
C ALA A 66 0.77 0.42 -2.18
N TYR A 67 1.72 -0.18 -2.88
CA TYR A 67 2.32 0.44 -4.06
C TYR A 67 1.61 -0.01 -5.34
N VAL A 68 0.34 -0.36 -5.20
CA VAL A 68 -0.45 -0.82 -6.34
C VAL A 68 -1.73 0.01 -6.47
N VAL A 69 -2.55 -0.01 -5.44
CA VAL A 69 -3.81 0.73 -5.44
C VAL A 69 -3.55 2.24 -5.43
N LEU A 70 -2.49 2.65 -4.74
CA LEU A 70 -2.14 4.06 -4.65
C LEU A 70 -1.13 4.44 -5.74
N GLY A 71 -0.40 3.45 -6.22
CA GLY A 71 0.59 3.70 -7.26
C GLY A 71 0.05 4.61 -8.36
N SER A 72 -1.22 4.44 -8.70
CA SER A 72 -1.85 5.24 -9.74
C SER A 72 -2.88 6.19 -9.15
N ALA A 73 -2.77 7.47 -9.52
CA ALA A 73 -3.68 8.49 -9.02
C ALA A 73 -5.13 8.11 -9.31
N THR A 74 -5.37 7.56 -10.50
CA THR A 74 -6.72 7.16 -10.90
C THR A 74 -7.30 6.17 -9.91
N LEU A 75 -6.59 5.07 -9.68
CA LEU A 75 -7.04 4.04 -8.74
C LEU A 75 -7.52 4.66 -7.44
N ARG A 76 -6.64 5.40 -6.78
CA ARG A 76 -6.96 6.05 -5.52
C ARG A 76 -8.37 6.64 -5.56
N ARG A 77 -8.70 7.29 -6.67
CA ARG A 77 -10.02 7.91 -6.83
C ARG A 77 -11.09 6.83 -6.99
N LYS A 78 -10.80 5.82 -7.79
CA LYS A 78 -11.75 4.74 -8.02
C LYS A 78 -12.29 4.18 -6.71
N TYR A 79 -11.37 3.66 -5.88
CA TYR A 79 -11.76 3.11 -4.59
C TYR A 79 -12.69 4.05 -3.84
N ASP A 80 -12.45 5.34 -3.99
CA ASP A 80 -13.27 6.35 -3.33
C ASP A 80 -14.74 6.18 -3.67
N ARG A 81 -15.03 6.08 -4.97
CA ARG A 81 -16.40 5.91 -5.42
C ARG A 81 -16.78 4.43 -5.47
N GLY A 82 -15.89 3.58 -4.96
CA GLY A 82 -16.15 2.15 -4.95
C GLY A 82 -16.06 1.54 -6.34
N LEU A 83 -15.17 2.06 -7.16
CA LEU A 83 -14.99 1.56 -8.52
C LEU A 83 -13.87 0.52 -8.57
N LEU A 84 -13.10 0.43 -7.50
CA LEU A 84 -11.99 -0.52 -7.42
C LEU A 84 -12.48 -1.88 -6.94
N SER A 85 -12.29 -2.90 -7.76
CA SER A 85 -12.71 -4.26 -7.42
C SER A 85 -11.51 -5.15 -7.19
N ASP A 86 -11.76 -6.38 -6.74
CA ASP A 86 -10.70 -7.34 -6.48
C ASP A 86 -9.77 -7.46 -7.67
N GLU A 87 -10.35 -7.64 -8.86
CA GLU A 87 -9.58 -7.77 -10.08
C GLU A 87 -8.39 -6.82 -10.08
N ASP A 88 -8.65 -5.54 -9.77
CA ASP A 88 -7.61 -4.54 -9.73
C ASP A 88 -6.69 -4.75 -8.53
N LEU A 89 -7.28 -5.07 -7.39
CA LEU A 89 -6.52 -5.30 -6.17
C LEU A 89 -5.45 -6.37 -6.40
N ARG A 90 -5.88 -7.53 -6.86
CA ARG A 90 -4.95 -8.63 -7.12
C ARG A 90 -4.18 -8.41 -8.42
N GLY A 91 -4.83 -7.74 -9.38
CA GLY A 91 -4.17 -7.47 -10.65
C GLY A 91 -4.63 -8.42 -11.74
N PRO A 92 -4.04 -8.27 -12.93
CA PRO A 92 -4.37 -9.11 -14.09
C PRO A 92 -3.90 -10.55 -13.92
N GLY A 93 -2.74 -10.71 -13.29
CA GLY A 93 -2.20 -12.04 -13.08
C GLY A 93 -0.90 -12.26 -13.84
N SER A 94 0.22 -11.93 -13.22
CA SER A 94 1.53 -12.10 -13.85
C SER A 94 1.89 -13.58 -13.96
N GLY A 95 1.71 -14.31 -12.87
CA GLY A 95 2.02 -15.73 -12.85
C GLY A 95 3.06 -16.08 -11.81
N PRO A 96 2.96 -17.31 -11.26
CA PRO A 96 3.88 -17.79 -10.25
C PRO A 96 5.29 -18.04 -10.79
N SER A 97 5.40 -18.09 -12.12
CA SER A 97 6.68 -18.32 -12.78
C SER A 97 7.55 -17.06 -12.72
N SER A 98 8.77 -17.18 -13.24
CA SER A 98 9.70 -16.06 -13.25
C SER A 98 10.58 -16.09 -14.50
N GLY A 99 10.76 -14.94 -15.13
CA GLY A 99 11.58 -14.86 -16.33
C GLY A 99 10.87 -14.18 -17.47
N GLY A 1 -17.07 14.21 7.61
CA GLY A 1 -16.62 15.09 8.68
C GLY A 1 -15.13 14.96 8.94
N SER A 2 -14.34 15.78 8.26
CA SER A 2 -12.89 15.76 8.41
C SER A 2 -12.41 16.93 9.26
N SER A 3 -12.48 16.76 10.58
CA SER A 3 -12.06 17.81 11.50
C SER A 3 -10.82 17.39 12.28
N GLY A 4 -10.23 18.33 13.00
CA GLY A 4 -9.04 18.04 13.77
C GLY A 4 -9.32 17.13 14.95
N SER A 5 -9.21 15.83 14.72
CA SER A 5 -9.47 14.84 15.76
C SER A 5 -8.69 13.56 15.51
N SER A 6 -8.40 12.82 16.58
CA SER A 6 -7.66 11.57 16.46
C SER A 6 -8.54 10.38 16.81
N GLY A 7 -8.85 9.56 15.80
CA GLY A 7 -9.68 8.40 16.01
C GLY A 7 -8.98 7.10 15.65
N SER A 8 -9.48 6.43 14.61
CA SER A 8 -8.89 5.17 14.17
C SER A 8 -8.65 4.24 15.35
N GLN A 9 -9.61 4.20 16.27
CA GLN A 9 -9.50 3.34 17.45
C GLN A 9 -9.04 1.95 17.06
N GLY A 10 -9.73 1.35 16.09
CA GLY A 10 -9.37 0.01 15.65
C GLY A 10 -10.44 -0.62 14.79
N ASP A 11 -10.57 -0.14 13.56
CA ASP A 11 -11.57 -0.67 12.64
C ASP A 11 -10.95 -0.93 11.26
N CYS A 12 -11.15 -2.15 10.76
CA CYS A 12 -10.62 -2.52 9.45
C CYS A 12 -11.73 -2.87 8.48
N SER A 13 -12.80 -2.08 8.52
CA SER A 13 -13.95 -2.30 7.63
C SER A 13 -13.67 -1.80 6.23
N TYR A 14 -12.78 -0.82 6.12
CA TYR A 14 -12.42 -0.24 4.84
C TYR A 14 -10.91 -0.23 4.64
N SER A 15 -10.19 -0.11 5.76
CA SER A 15 -8.73 -0.09 5.72
C SER A 15 -8.23 0.75 4.54
N ARG A 16 -8.84 1.92 4.35
CA ARG A 16 -8.46 2.81 3.27
C ARG A 16 -7.17 3.56 3.59
N THR A 17 -7.14 4.19 4.77
CA THR A 17 -5.96 4.94 5.20
C THR A 17 -4.83 4.00 5.58
N ALA A 18 -5.12 2.71 5.66
CA ALA A 18 -4.12 1.72 6.02
C ALA A 18 -2.97 1.72 5.02
N LEU A 19 -3.30 1.57 3.74
CA LEU A 19 -2.29 1.55 2.69
C LEU A 19 -1.33 2.73 2.84
N TYR A 20 -1.75 3.74 3.58
CA TYR A 20 -0.93 4.93 3.80
C TYR A 20 -0.05 4.75 5.04
N ASP A 21 -0.66 4.36 6.15
CA ASP A 21 0.06 4.15 7.39
C ASP A 21 1.24 3.21 7.18
N LEU A 22 1.08 2.27 6.26
CA LEU A 22 2.13 1.30 5.96
C LEU A 22 3.40 2.01 5.45
N LEU A 23 3.19 3.01 4.61
CA LEU A 23 4.31 3.76 4.05
C LEU A 23 4.69 4.94 4.94
N GLY A 24 3.71 5.81 5.21
CA GLY A 24 3.94 6.96 6.05
C GLY A 24 3.69 8.27 5.34
N VAL A 25 2.73 8.26 4.41
CA VAL A 25 2.39 9.45 3.64
C VAL A 25 0.95 9.89 3.93
N PRO A 26 0.71 11.21 3.84
CA PRO A 26 -0.61 11.79 4.08
C PRO A 26 -1.61 11.43 2.99
N SER A 27 -2.89 11.48 3.32
CA SER A 27 -3.95 11.16 2.37
C SER A 27 -3.88 12.08 1.16
N THR A 28 -3.13 13.17 1.29
CA THR A 28 -2.97 14.13 0.21
C THR A 28 -1.54 14.20 -0.27
N ALA A 29 -0.78 13.13 -0.04
CA ALA A 29 0.62 13.07 -0.45
C ALA A 29 0.75 13.24 -1.95
N THR A 30 1.98 13.16 -2.45
CA THR A 30 2.25 13.31 -3.86
C THR A 30 3.04 12.13 -4.41
N GLN A 31 2.81 11.80 -5.68
CA GLN A 31 3.50 10.69 -6.32
C GLN A 31 4.93 10.56 -5.81
N ALA A 32 5.56 11.71 -5.58
CA ALA A 32 6.94 11.73 -5.08
C ALA A 32 7.05 11.01 -3.74
N GLN A 33 6.16 11.35 -2.82
CA GLN A 33 6.16 10.75 -1.50
C GLN A 33 5.74 9.28 -1.57
N ILE A 34 4.52 9.04 -2.04
CA ILE A 34 4.01 7.68 -2.16
C ILE A 34 5.09 6.73 -2.66
N LYS A 35 5.95 7.22 -3.55
CA LYS A 35 7.03 6.42 -4.10
C LYS A 35 8.21 6.36 -3.14
N ALA A 36 8.73 7.52 -2.77
CA ALA A 36 9.86 7.59 -1.86
C ALA A 36 9.67 6.64 -0.67
N ALA A 37 8.43 6.55 -0.19
CA ALA A 37 8.10 5.69 0.93
C ALA A 37 8.31 4.22 0.57
N TYR A 38 7.53 3.74 -0.40
CA TYR A 38 7.62 2.36 -0.83
C TYR A 38 9.07 1.91 -0.94
N TYR A 39 9.90 2.77 -1.52
CA TYR A 39 11.32 2.46 -1.69
C TYR A 39 12.00 2.26 -0.34
N ARG A 40 11.73 3.15 0.59
CA ARG A 40 12.32 3.08 1.93
C ARG A 40 12.05 1.72 2.56
N GLN A 41 10.80 1.27 2.48
CA GLN A 41 10.42 -0.03 3.04
C GLN A 41 11.32 -1.14 2.52
N CYS A 42 11.37 -1.28 1.20
CA CYS A 42 12.20 -2.31 0.57
C CYS A 42 13.50 -2.50 1.35
N PHE A 43 14.15 -1.39 1.68
CA PHE A 43 15.41 -1.44 2.40
C PHE A 43 15.18 -1.84 3.87
N LEU A 44 14.19 -1.21 4.49
CA LEU A 44 13.87 -1.51 5.88
C LEU A 44 13.85 -3.01 6.14
N TYR A 45 13.10 -3.73 5.31
CA TYR A 45 12.99 -5.18 5.44
C TYR A 45 13.86 -5.89 4.41
N HIS A 46 15.11 -5.44 4.31
CA HIS A 46 16.05 -6.04 3.36
C HIS A 46 15.97 -7.56 3.40
N PRO A 47 16.06 -8.19 2.23
CA PRO A 47 16.01 -9.65 2.09
C PRO A 47 17.25 -10.33 2.67
N ASP A 48 18.29 -9.55 2.91
CA ASP A 48 19.54 -10.06 3.46
C ASP A 48 19.49 -10.12 4.98
N ARG A 49 19.13 -8.99 5.58
CA ARG A 49 19.04 -8.91 7.04
C ARG A 49 18.16 -10.02 7.59
N ASN A 50 16.93 -10.09 7.10
CA ASN A 50 15.98 -11.10 7.55
C ASN A 50 16.34 -12.47 6.99
N SER A 51 17.04 -13.28 7.79
CA SER A 51 17.45 -14.61 7.37
C SER A 51 16.26 -15.56 7.34
N GLY A 52 15.76 -15.83 6.14
CA GLY A 52 14.62 -16.73 6.00
C GLY A 52 13.57 -16.51 7.07
N SER A 53 13.16 -15.25 7.25
CA SER A 53 12.17 -14.91 8.26
C SER A 53 10.81 -15.50 7.89
N ALA A 54 9.88 -15.48 8.84
CA ALA A 54 8.54 -16.00 8.61
C ALA A 54 7.50 -14.90 8.74
N GLU A 55 7.62 -14.07 9.77
CA GLU A 55 6.69 -12.98 10.01
C GLU A 55 6.90 -11.85 9.00
N ALA A 56 8.16 -11.51 8.76
CA ALA A 56 8.51 -10.45 7.82
C ALA A 56 7.75 -10.62 6.51
N ALA A 57 7.71 -11.85 6.01
CA ALA A 57 7.02 -12.14 4.75
C ALA A 57 5.68 -11.43 4.69
N GLU A 58 4.80 -11.72 5.64
CA GLU A 58 3.48 -11.11 5.69
C GLU A 58 3.56 -9.63 5.34
N ARG A 59 4.25 -8.86 6.17
CA ARG A 59 4.41 -7.43 5.96
C ARG A 59 4.83 -7.14 4.51
N PHE A 60 5.95 -7.71 4.11
CA PHE A 60 6.47 -7.52 2.76
C PHE A 60 5.33 -7.56 1.74
N THR A 61 4.39 -8.48 1.95
CA THR A 61 3.26 -8.63 1.04
C THR A 61 2.34 -7.40 1.10
N ARG A 62 2.00 -7.00 2.31
CA ARG A 62 1.13 -5.84 2.51
C ARG A 62 1.78 -4.57 1.97
N ILE A 63 3.00 -4.29 2.42
CA ILE A 63 3.73 -3.11 1.98
C ILE A 63 3.57 -2.90 0.49
N SER A 64 3.75 -3.96 -0.28
CA SER A 64 3.63 -3.89 -1.73
C SER A 64 2.22 -3.45 -2.13
N GLN A 65 1.21 -4.05 -1.52
CA GLN A 65 -0.18 -3.72 -1.81
C GLN A 65 -0.40 -2.22 -1.76
N ALA A 66 0.20 -1.57 -0.78
CA ALA A 66 0.07 -0.12 -0.62
C ALA A 66 0.58 0.62 -1.85
N TYR A 67 1.61 0.05 -2.49
CA TYR A 67 2.18 0.66 -3.68
C TYR A 67 1.39 0.27 -4.94
N VAL A 68 0.15 -0.15 -4.73
CA VAL A 68 -0.72 -0.55 -5.83
C VAL A 68 -1.92 0.37 -5.95
N VAL A 69 -2.82 0.29 -4.97
CA VAL A 69 -4.02 1.12 -4.97
C VAL A 69 -3.66 2.60 -5.00
N LEU A 70 -2.50 2.94 -4.44
CA LEU A 70 -2.05 4.32 -4.40
C LEU A 70 -1.00 4.57 -5.49
N GLY A 71 -0.33 3.51 -5.91
CA GLY A 71 0.69 3.64 -6.94
C GLY A 71 0.24 4.49 -8.10
N SER A 72 -1.08 4.60 -8.28
CA SER A 72 -1.65 5.37 -9.37
C SER A 72 -2.84 6.19 -8.89
N ALA A 73 -2.79 7.50 -9.11
CA ALA A 73 -3.87 8.39 -8.70
C ALA A 73 -5.23 7.78 -9.04
N THR A 74 -5.46 7.51 -10.32
CA THR A 74 -6.71 6.94 -10.78
C THR A 74 -7.29 5.98 -9.74
N LEU A 75 -6.61 4.86 -9.54
CA LEU A 75 -7.04 3.86 -8.58
C LEU A 75 -7.62 4.51 -7.33
N ARG A 76 -6.78 5.25 -6.61
CA ARG A 76 -7.21 5.94 -5.40
C ARG A 76 -8.60 6.56 -5.60
N ARG A 77 -8.81 7.19 -6.74
CA ARG A 77 -10.09 7.83 -7.04
C ARG A 77 -11.16 6.78 -7.30
N LYS A 78 -10.76 5.65 -7.85
CA LYS A 78 -11.68 4.56 -8.15
C LYS A 78 -12.28 3.98 -6.87
N TYR A 79 -11.41 3.43 -6.03
CA TYR A 79 -11.84 2.83 -4.76
C TYR A 79 -12.74 3.79 -4.00
N ASP A 80 -12.52 5.09 -4.18
CA ASP A 80 -13.31 6.11 -3.50
C ASP A 80 -14.78 5.97 -3.87
N ARG A 81 -15.05 5.86 -5.17
CA ARG A 81 -16.43 5.74 -5.65
C ARG A 81 -16.84 4.27 -5.73
N GLY A 82 -15.92 3.38 -5.40
CA GLY A 82 -16.20 1.96 -5.44
C GLY A 82 -16.05 1.38 -6.83
N LEU A 83 -15.20 2.00 -7.64
CA LEU A 83 -14.97 1.55 -9.01
C LEU A 83 -13.85 0.51 -9.05
N LEU A 84 -13.00 0.54 -8.02
CA LEU A 84 -11.88 -0.40 -7.94
C LEU A 84 -12.37 -1.82 -7.65
N SER A 85 -11.77 -2.80 -8.31
CA SER A 85 -12.15 -4.20 -8.11
C SER A 85 -10.98 -5.00 -7.55
N ASP A 86 -11.28 -6.17 -7.01
CA ASP A 86 -10.26 -7.04 -6.44
C ASP A 86 -9.20 -7.39 -7.48
N GLU A 87 -9.64 -7.62 -8.71
CA GLU A 87 -8.72 -7.97 -9.79
C GLU A 87 -7.51 -7.04 -9.80
N ASP A 88 -7.77 -5.74 -9.82
CA ASP A 88 -6.70 -4.74 -9.82
C ASP A 88 -5.57 -5.16 -8.89
N LEU A 89 -5.92 -5.51 -7.66
CA LEU A 89 -4.93 -5.94 -6.67
C LEU A 89 -4.04 -7.03 -7.23
N ARG A 90 -4.65 -7.99 -7.93
CA ARG A 90 -3.90 -9.10 -8.51
C ARG A 90 -2.55 -8.63 -9.04
N GLY A 91 -2.57 -7.64 -9.92
CA GLY A 91 -1.34 -7.11 -10.49
C GLY A 91 -1.57 -6.40 -11.80
N PRO A 92 -0.75 -5.37 -12.08
CA PRO A 92 -0.85 -4.59 -13.31
C PRO A 92 -0.41 -5.39 -14.54
N GLY A 93 -0.63 -4.82 -15.72
CA GLY A 93 -0.25 -5.49 -16.95
C GLY A 93 1.11 -5.04 -17.46
N SER A 94 1.10 -4.11 -18.41
CA SER A 94 2.33 -3.59 -18.98
C SER A 94 2.52 -2.12 -18.65
N GLY A 95 1.51 -1.32 -18.97
CA GLY A 95 1.57 0.11 -18.70
C GLY A 95 0.32 0.84 -19.13
N PRO A 96 -0.01 1.93 -18.40
CA PRO A 96 -1.20 2.74 -18.70
C PRO A 96 -1.05 3.53 -19.99
N SER A 97 0.10 3.38 -20.65
CA SER A 97 0.36 4.08 -21.90
C SER A 97 0.85 3.12 -22.98
N SER A 98 0.29 3.24 -24.17
CA SER A 98 0.67 2.38 -25.28
C SER A 98 1.97 2.84 -25.92
N GLY A 99 2.04 4.12 -26.27
CA GLY A 99 3.24 4.67 -26.88
C GLY A 99 4.32 4.97 -25.86
N GLY A 1 -2.63 28.77 2.80
CA GLY A 1 -2.98 27.41 2.46
C GLY A 1 -3.94 26.80 3.47
N SER A 2 -4.69 25.78 3.03
CA SER A 2 -5.66 25.12 3.90
C SER A 2 -4.97 24.58 5.16
N SER A 3 -5.77 24.02 6.06
CA SER A 3 -5.25 23.48 7.31
C SER A 3 -4.94 21.99 7.16
N GLY A 4 -5.95 21.22 6.75
CA GLY A 4 -5.77 19.80 6.58
C GLY A 4 -7.08 19.06 6.46
N SER A 5 -7.01 17.76 6.18
CA SER A 5 -8.20 16.94 6.03
C SER A 5 -8.98 16.86 7.34
N SER A 6 -9.89 17.80 7.53
CA SER A 6 -10.70 17.84 8.74
C SER A 6 -11.54 16.57 8.88
N GLY A 7 -11.85 16.20 10.12
CA GLY A 7 -12.64 15.01 10.37
C GLY A 7 -12.05 14.14 11.45
N SER A 8 -12.66 14.15 12.63
CA SER A 8 -12.18 13.36 13.75
C SER A 8 -12.37 11.87 13.48
N GLN A 9 -11.35 11.25 12.90
CA GLN A 9 -11.40 9.82 12.59
C GLN A 9 -11.93 9.02 13.76
N GLY A 10 -11.46 9.35 14.96
CA GLY A 10 -11.90 8.66 16.16
C GLY A 10 -11.71 7.16 16.06
N ASP A 11 -12.67 6.40 16.55
CA ASP A 11 -12.60 4.94 16.52
C ASP A 11 -13.24 4.39 15.25
N CYS A 12 -12.41 4.07 14.27
CA CYS A 12 -12.89 3.54 12.99
C CYS A 12 -12.74 2.03 12.95
N SER A 13 -13.57 1.38 12.15
CA SER A 13 -13.54 -0.07 12.01
C SER A 13 -13.34 -0.48 10.56
N TYR A 14 -12.53 0.28 9.84
CA TYR A 14 -12.26 0.00 8.44
C TYR A 14 -10.82 0.34 8.08
N SER A 15 -10.15 -0.58 7.38
CA SER A 15 -8.76 -0.37 6.99
C SER A 15 -8.68 0.51 5.75
N ARG A 16 -9.16 1.74 5.88
CA ARG A 16 -9.15 2.70 4.78
C ARG A 16 -7.80 3.40 4.68
N THR A 17 -7.24 3.73 5.83
CA THR A 17 -5.94 4.41 5.89
C THR A 17 -4.80 3.42 6.09
N ALA A 18 -4.95 2.23 5.50
CA ALA A 18 -3.92 1.19 5.61
C ALA A 18 -2.80 1.42 4.61
N LEU A 19 -3.11 1.31 3.33
CA LEU A 19 -2.13 1.50 2.27
C LEU A 19 -1.37 2.81 2.47
N TYR A 20 -1.94 3.71 3.26
CA TYR A 20 -1.33 5.00 3.53
C TYR A 20 -0.46 4.94 4.78
N ASP A 21 -0.87 4.12 5.74
CA ASP A 21 -0.13 3.96 6.99
C ASP A 21 1.16 3.18 6.77
N LEU A 22 1.07 2.12 5.96
CA LEU A 22 2.23 1.29 5.66
C LEU A 22 3.40 2.14 5.18
N LEU A 23 3.12 3.04 4.25
CA LEU A 23 4.16 3.91 3.70
C LEU A 23 4.35 5.15 4.59
N GLY A 24 3.25 5.61 5.19
CA GLY A 24 3.33 6.77 6.05
C GLY A 24 2.96 8.06 5.33
N VAL A 25 2.34 7.92 4.17
CA VAL A 25 1.94 9.07 3.37
C VAL A 25 0.49 9.46 3.67
N PRO A 26 0.19 10.76 3.54
CA PRO A 26 -1.16 11.29 3.79
C PRO A 26 -2.16 10.86 2.72
N SER A 27 -3.42 11.21 2.92
CA SER A 27 -4.47 10.86 1.97
C SER A 27 -4.33 11.66 0.68
N THR A 28 -3.65 12.80 0.77
CA THR A 28 -3.45 13.67 -0.39
C THR A 28 -1.97 13.73 -0.77
N ALA A 29 -1.21 12.72 -0.35
CA ALA A 29 0.21 12.66 -0.65
C ALA A 29 0.46 12.78 -2.15
N THR A 30 1.74 12.84 -2.53
CA THR A 30 2.11 12.96 -3.94
C THR A 30 3.04 11.83 -4.35
N GLN A 31 3.08 11.54 -5.64
CA GLN A 31 3.93 10.49 -6.17
C GLN A 31 5.30 10.51 -5.51
N ALA A 32 5.83 11.71 -5.28
CA ALA A 32 7.13 11.87 -4.65
C ALA A 32 7.18 11.17 -3.29
N GLN A 33 6.12 11.35 -2.51
CA GLN A 33 6.04 10.73 -1.19
C GLN A 33 5.75 9.24 -1.30
N ILE A 34 4.61 8.91 -1.91
CA ILE A 34 4.21 7.52 -2.09
C ILE A 34 5.36 6.68 -2.61
N LYS A 35 6.27 7.32 -3.35
CA LYS A 35 7.42 6.63 -3.91
C LYS A 35 8.53 6.48 -2.87
N ALA A 36 9.06 7.60 -2.42
CA ALA A 36 10.13 7.61 -1.42
C ALA A 36 9.78 6.69 -0.26
N ALA A 37 8.50 6.65 0.10
CA ALA A 37 8.04 5.80 1.20
C ALA A 37 8.30 4.32 0.90
N TYR A 38 7.60 3.80 -0.10
CA TYR A 38 7.76 2.40 -0.48
C TYR A 38 9.23 2.00 -0.50
N TYR A 39 10.09 2.95 -0.85
CA TYR A 39 11.53 2.69 -0.91
C TYR A 39 12.12 2.56 0.49
N ARG A 40 12.14 3.68 1.21
CA ARG A 40 12.68 3.69 2.57
C ARG A 40 12.12 2.52 3.39
N GLN A 41 10.98 2.01 2.97
CA GLN A 41 10.34 0.90 3.65
C GLN A 41 11.16 -0.39 3.51
N CYS A 42 11.29 -0.86 2.28
CA CYS A 42 12.05 -2.07 2.00
C CYS A 42 13.33 -2.11 2.82
N PHE A 43 14.07 -1.01 2.81
CA PHE A 43 15.32 -0.93 3.56
C PHE A 43 15.16 -1.52 4.96
N LEU A 44 14.10 -1.13 5.64
CA LEU A 44 13.83 -1.63 6.99
C LEU A 44 13.91 -3.15 7.04
N TYR A 45 13.49 -3.79 5.95
CA TYR A 45 13.51 -5.24 5.85
C TYR A 45 14.23 -5.71 4.60
N HIS A 46 15.40 -6.30 4.78
CA HIS A 46 16.18 -6.79 3.64
C HIS A 46 16.40 -8.30 3.75
N PRO A 47 16.55 -8.95 2.59
CA PRO A 47 16.76 -10.40 2.52
C PRO A 47 18.14 -10.80 3.04
N ASP A 48 19.03 -9.83 3.17
CA ASP A 48 20.39 -10.09 3.65
C ASP A 48 20.36 -10.47 5.13
N ARG A 49 19.77 -9.62 5.95
CA ARG A 49 19.68 -9.87 7.39
C ARG A 49 18.66 -10.96 7.68
N ASN A 50 17.40 -10.67 7.37
CA ASN A 50 16.32 -11.63 7.61
C ASN A 50 16.62 -12.97 6.95
N SER A 51 17.34 -13.83 7.66
CA SER A 51 17.70 -15.15 7.15
C SER A 51 16.48 -15.86 6.57
N GLY A 52 15.38 -15.86 7.34
CA GLY A 52 14.17 -16.52 6.89
C GLY A 52 12.98 -16.21 7.79
N SER A 53 12.79 -14.92 8.08
CA SER A 53 11.68 -14.51 8.94
C SER A 53 10.35 -14.73 8.25
N ALA A 54 9.45 -15.44 8.92
CA ALA A 54 8.13 -15.72 8.37
C ALA A 54 7.29 -14.45 8.28
N GLU A 55 7.31 -13.67 9.35
CA GLU A 55 6.55 -12.42 9.39
C GLU A 55 6.99 -11.47 8.27
N ALA A 56 8.27 -11.15 8.25
CA ALA A 56 8.82 -10.26 7.23
C ALA A 56 8.14 -10.48 5.88
N ALA A 57 7.88 -11.74 5.56
CA ALA A 57 7.23 -12.09 4.30
C ALA A 57 5.86 -11.45 4.20
N GLU A 58 4.94 -11.91 5.04
CA GLU A 58 3.58 -11.39 5.04
C GLU A 58 3.58 -9.86 5.07
N ARG A 59 4.53 -9.29 5.81
CA ARG A 59 4.64 -7.85 5.94
C ARG A 59 5.28 -7.25 4.67
N PHE A 60 6.12 -8.03 4.01
CA PHE A 60 6.79 -7.58 2.81
C PHE A 60 5.80 -7.42 1.66
N THR A 61 4.96 -8.43 1.47
CA THR A 61 3.96 -8.40 0.42
C THR A 61 2.98 -7.24 0.61
N ARG A 62 2.59 -7.00 1.85
CA ARG A 62 1.66 -5.93 2.18
C ARG A 62 2.20 -4.59 1.71
N ILE A 63 3.48 -4.34 1.98
CA ILE A 63 4.11 -3.09 1.58
C ILE A 63 3.98 -2.86 0.08
N SER A 64 4.23 -3.90 -0.70
CA SER A 64 4.14 -3.80 -2.15
C SER A 64 2.75 -3.35 -2.59
N GLN A 65 1.72 -4.00 -2.04
CA GLN A 65 0.34 -3.66 -2.37
C GLN A 65 0.14 -2.15 -2.34
N ALA A 66 0.55 -1.52 -1.26
CA ALA A 66 0.41 -0.08 -1.11
C ALA A 66 0.87 0.64 -2.36
N TYR A 67 1.90 0.10 -3.01
CA TYR A 67 2.45 0.70 -4.22
C TYR A 67 1.71 0.20 -5.46
N VAL A 68 0.46 -0.21 -5.27
CA VAL A 68 -0.35 -0.70 -6.37
C VAL A 68 -1.68 0.05 -6.47
N VAL A 69 -2.43 0.04 -5.38
CA VAL A 69 -3.73 0.73 -5.34
C VAL A 69 -3.54 2.24 -5.44
N LEU A 70 -2.46 2.74 -4.86
CA LEU A 70 -2.17 4.17 -4.88
C LEU A 70 -1.16 4.50 -5.97
N GLY A 71 -0.35 3.51 -6.34
CA GLY A 71 0.66 3.72 -7.36
C GLY A 71 0.10 4.42 -8.58
N SER A 72 -1.21 4.27 -8.79
CA SER A 72 -1.87 4.90 -9.94
C SER A 72 -2.95 5.88 -9.48
N ALA A 73 -2.86 7.12 -9.96
CA ALA A 73 -3.82 8.14 -9.60
C ALA A 73 -5.25 7.67 -9.87
N THR A 74 -5.47 7.07 -11.03
CA THR A 74 -6.79 6.58 -11.41
C THR A 74 -7.37 5.72 -10.30
N LEU A 75 -6.66 4.65 -9.94
CA LEU A 75 -7.11 3.74 -8.90
C LEU A 75 -7.63 4.51 -7.69
N ARG A 76 -6.77 5.37 -7.14
CA ARG A 76 -7.14 6.17 -5.97
C ARG A 76 -8.57 6.68 -6.10
N ARG A 77 -8.88 7.29 -7.24
CA ARG A 77 -10.22 7.81 -7.48
C ARG A 77 -11.27 6.70 -7.43
N LYS A 78 -10.89 5.52 -7.89
CA LYS A 78 -11.79 4.37 -7.90
C LYS A 78 -12.15 3.96 -6.49
N TYR A 79 -11.17 3.42 -5.76
CA TYR A 79 -11.39 2.98 -4.39
C TYR A 79 -12.13 4.04 -3.58
N ASP A 80 -11.85 5.31 -3.89
CA ASP A 80 -12.49 6.42 -3.20
C ASP A 80 -14.01 6.30 -3.26
N ARG A 81 -14.52 5.91 -4.42
CA ARG A 81 -15.96 5.75 -4.62
C ARG A 81 -16.35 4.28 -4.63
N GLY A 82 -15.38 3.41 -4.38
CA GLY A 82 -15.63 1.98 -4.37
C GLY A 82 -15.79 1.42 -5.76
N LEU A 83 -15.13 2.03 -6.74
CA LEU A 83 -15.19 1.57 -8.12
C LEU A 83 -14.18 0.48 -8.38
N LEU A 84 -13.22 0.34 -7.49
CA LEU A 84 -12.18 -0.68 -7.62
C LEU A 84 -12.76 -2.07 -7.39
N SER A 85 -12.60 -2.94 -8.39
CA SER A 85 -13.10 -4.31 -8.29
C SER A 85 -12.02 -5.25 -7.77
N ASP A 86 -12.45 -6.35 -7.14
CA ASP A 86 -11.52 -7.32 -6.60
C ASP A 86 -10.49 -7.74 -7.65
N GLU A 87 -10.96 -7.99 -8.87
CA GLU A 87 -10.09 -8.40 -9.96
C GLU A 87 -8.84 -7.51 -10.01
N ASP A 88 -9.03 -6.22 -9.75
CA ASP A 88 -7.92 -5.27 -9.77
C ASP A 88 -6.99 -5.50 -8.59
N LEU A 89 -7.57 -5.69 -7.41
CA LEU A 89 -6.78 -5.92 -6.21
C LEU A 89 -5.83 -7.11 -6.39
N ARG A 90 -6.39 -8.27 -6.69
CA ARG A 90 -5.60 -9.48 -6.90
C ARG A 90 -4.92 -9.45 -8.27
N GLY A 91 -5.68 -9.04 -9.29
CA GLY A 91 -5.14 -8.98 -10.63
C GLY A 91 -4.14 -10.09 -10.90
N PRO A 92 -2.84 -9.78 -10.75
CA PRO A 92 -1.77 -10.74 -10.97
C PRO A 92 -1.73 -11.83 -9.92
N GLY A 93 -1.19 -12.99 -10.28
CA GLY A 93 -1.11 -14.10 -9.35
C GLY A 93 -2.38 -14.92 -9.30
N SER A 94 -3.34 -14.48 -8.50
CA SER A 94 -4.61 -15.19 -8.36
C SER A 94 -4.39 -16.61 -7.86
N GLY A 95 -3.50 -16.76 -6.88
CA GLY A 95 -3.22 -18.06 -6.32
C GLY A 95 -3.51 -18.15 -4.84
N PRO A 96 -2.56 -17.69 -4.01
CA PRO A 96 -2.70 -17.70 -2.56
C PRO A 96 -3.76 -16.70 -2.08
N SER A 97 -4.10 -16.79 -0.79
CA SER A 97 -5.09 -15.90 -0.21
C SER A 97 -4.71 -14.44 -0.43
N SER A 98 -5.63 -13.54 -0.08
CA SER A 98 -5.39 -12.11 -0.25
C SER A 98 -5.75 -11.35 1.03
N GLY A 99 -4.74 -11.11 1.86
CA GLY A 99 -4.96 -10.39 3.10
C GLY A 99 -4.19 -9.09 3.18
N GLY A 1 8.01 27.33 7.41
CA GLY A 1 7.58 28.09 8.56
C GLY A 1 7.61 27.27 9.84
N SER A 2 6.61 26.41 10.01
CA SER A 2 6.53 25.57 11.20
C SER A 2 7.71 24.61 11.28
N SER A 3 7.81 23.90 12.39
CA SER A 3 8.91 22.95 12.59
C SER A 3 8.39 21.52 12.61
N GLY A 4 7.32 21.30 13.36
CA GLY A 4 6.74 19.97 13.45
C GLY A 4 6.30 19.62 14.86
N SER A 5 5.07 19.13 14.99
CA SER A 5 4.53 18.77 16.30
C SER A 5 3.33 17.84 16.15
N SER A 6 3.12 16.98 17.14
CA SER A 6 2.00 16.04 17.11
C SER A 6 0.73 16.69 17.64
N GLY A 7 -0.37 15.96 17.56
CA GLY A 7 -1.66 16.49 18.02
C GLY A 7 -2.71 15.40 18.16
N SER A 8 -3.42 15.16 17.06
CA SER A 8 -4.48 14.15 17.05
C SER A 8 -3.95 12.82 16.53
N GLN A 9 -4.63 11.73 16.90
CA GLN A 9 -4.23 10.40 16.47
C GLN A 9 -5.43 9.47 16.35
N GLY A 10 -5.38 8.54 15.40
CA GLY A 10 -6.47 7.62 15.21
C GLY A 10 -6.00 6.21 14.93
N ASP A 11 -5.70 5.46 15.99
CA ASP A 11 -5.23 4.09 15.85
C ASP A 11 -6.30 3.21 15.21
N CYS A 12 -7.54 3.42 15.61
CA CYS A 12 -8.66 2.64 15.08
C CYS A 12 -9.22 3.29 13.82
N SER A 13 -8.94 2.67 12.67
CA SER A 13 -9.40 3.20 11.39
C SER A 13 -9.60 2.08 10.38
N TYR A 14 -10.62 2.21 9.54
CA TYR A 14 -10.92 1.20 8.54
C TYR A 14 -9.64 0.73 7.84
N SER A 15 -9.70 -0.46 7.26
CA SER A 15 -8.55 -1.02 6.56
C SER A 15 -8.09 -0.11 5.43
N ARG A 16 -9.03 0.67 4.89
CA ARG A 16 -8.72 1.59 3.80
C ARG A 16 -7.44 2.37 4.09
N THR A 17 -7.28 2.81 5.33
CA THR A 17 -6.10 3.56 5.73
C THR A 17 -4.88 2.66 5.84
N ALA A 18 -5.12 1.37 6.04
CA ALA A 18 -4.04 0.40 6.15
C ALA A 18 -2.99 0.62 5.08
N LEU A 19 -3.40 0.50 3.82
CA LEU A 19 -2.49 0.70 2.70
C LEU A 19 -1.68 1.98 2.86
N TYR A 20 -2.22 2.91 3.65
CA TYR A 20 -1.54 4.18 3.90
C TYR A 20 -0.65 4.11 5.12
N ASP A 21 -1.05 3.29 6.09
CA ASP A 21 -0.28 3.14 7.32
C ASP A 21 0.98 2.32 7.07
N LEU A 22 0.88 1.33 6.18
CA LEU A 22 2.01 0.48 5.85
C LEU A 22 3.19 1.31 5.35
N LEU A 23 2.89 2.29 4.51
CA LEU A 23 3.93 3.16 3.96
C LEU A 23 4.31 4.25 4.96
N GLY A 24 3.35 4.68 5.77
CA GLY A 24 3.61 5.70 6.76
C GLY A 24 3.20 7.09 6.27
N VAL A 25 2.14 7.14 5.49
CA VAL A 25 1.64 8.41 4.96
C VAL A 25 0.15 8.58 5.23
N PRO A 26 -0.28 9.84 5.37
CA PRO A 26 -1.68 10.16 5.64
C PRO A 26 -2.58 9.88 4.43
N SER A 27 -3.89 10.01 4.64
CA SER A 27 -4.86 9.77 3.58
C SER A 27 -4.87 10.92 2.58
N THR A 28 -3.98 11.89 2.78
CA THR A 28 -3.89 13.05 1.91
C THR A 28 -2.58 13.05 1.14
N ALA A 29 -1.73 12.07 1.41
CA ALA A 29 -0.44 11.95 0.73
C ALA A 29 -0.62 11.87 -0.78
N THR A 30 0.43 12.20 -1.51
CA THR A 30 0.38 12.16 -2.97
C THR A 30 1.45 11.23 -3.53
N GLN A 31 1.41 11.02 -4.84
CA GLN A 31 2.38 10.14 -5.50
C GLN A 31 3.78 10.37 -4.95
N ALA A 32 4.21 11.62 -4.94
CA ALA A 32 5.54 11.97 -4.44
C ALA A 32 5.84 11.23 -3.14
N GLN A 33 4.92 11.30 -2.19
CA GLN A 33 5.09 10.64 -0.91
C GLN A 33 4.92 9.13 -1.04
N ILE A 34 3.69 8.69 -1.29
CA ILE A 34 3.40 7.27 -1.44
C ILE A 34 4.53 6.55 -2.17
N LYS A 35 5.17 7.25 -3.10
CA LYS A 35 6.26 6.68 -3.87
C LYS A 35 7.56 6.72 -3.06
N ALA A 36 7.83 7.84 -2.41
CA ALA A 36 9.03 8.00 -1.60
C ALA A 36 9.03 7.01 -0.43
N ALA A 37 7.85 6.73 0.10
CA ALA A 37 7.72 5.81 1.22
C ALA A 37 8.03 4.38 0.80
N TYR A 38 7.17 3.81 -0.03
CA TYR A 38 7.36 2.45 -0.52
C TYR A 38 8.82 2.17 -0.84
N TYR A 39 9.51 3.20 -1.31
CA TYR A 39 10.91 3.09 -1.67
C TYR A 39 11.77 2.81 -0.43
N ARG A 40 11.50 3.55 0.64
CA ARG A 40 12.24 3.39 1.88
C ARG A 40 12.06 1.98 2.44
N GLN A 41 10.80 1.55 2.56
CA GLN A 41 10.49 0.23 3.08
C GLN A 41 11.46 -0.81 2.53
N CYS A 42 11.47 -0.97 1.21
CA CYS A 42 12.34 -1.93 0.56
C CYS A 42 13.75 -1.87 1.14
N PHE A 43 14.19 -0.67 1.50
CA PHE A 43 15.52 -0.47 2.07
C PHE A 43 15.53 -0.82 3.55
N LEU A 44 14.41 -0.56 4.22
CA LEU A 44 14.29 -0.85 5.65
C LEU A 44 14.31 -2.35 5.90
N TYR A 45 13.37 -3.06 5.27
CA TYR A 45 13.28 -4.50 5.44
C TYR A 45 13.82 -5.22 4.20
N HIS A 46 15.10 -4.99 3.92
CA HIS A 46 15.75 -5.63 2.77
C HIS A 46 15.95 -7.12 3.02
N PRO A 47 15.74 -7.93 1.96
CA PRO A 47 15.90 -9.38 2.04
C PRO A 47 17.35 -9.80 2.20
N ASP A 48 18.25 -9.05 1.58
CA ASP A 48 19.67 -9.33 1.64
C ASP A 48 20.14 -9.45 3.10
N ARG A 49 19.63 -8.57 3.94
CA ARG A 49 19.99 -8.57 5.35
C ARG A 49 19.13 -9.55 6.14
N ASN A 50 17.81 -9.39 6.03
CA ASN A 50 16.88 -10.27 6.73
C ASN A 50 17.06 -11.73 6.29
N SER A 51 17.56 -12.54 7.21
CA SER A 51 17.79 -13.95 6.93
C SER A 51 16.64 -14.82 7.44
N GLY A 52 15.90 -15.41 6.52
CA GLY A 52 14.78 -16.26 6.90
C GLY A 52 13.95 -15.63 8.00
N SER A 53 13.55 -14.38 7.81
CA SER A 53 12.74 -13.68 8.79
C SER A 53 11.31 -14.21 8.81
N ALA A 54 10.61 -13.95 9.91
CA ALA A 54 9.23 -14.41 10.05
C ALA A 54 8.25 -13.26 9.86
N GLU A 55 8.58 -12.11 10.43
CA GLU A 55 7.73 -10.93 10.34
C GLU A 55 7.95 -10.21 9.00
N ALA A 56 9.19 -9.84 8.73
CA ALA A 56 9.53 -9.15 7.50
C ALA A 56 8.93 -9.86 6.28
N ALA A 57 8.73 -11.17 6.42
CA ALA A 57 8.15 -11.97 5.34
C ALA A 57 6.73 -11.55 5.04
N GLU A 58 5.84 -11.72 6.02
CA GLU A 58 4.44 -11.36 5.85
C GLU A 58 4.28 -9.85 5.72
N ARG A 59 5.15 -9.11 6.39
CA ARG A 59 5.11 -7.65 6.36
C ARG A 59 5.45 -7.13 4.96
N PHE A 60 6.51 -7.68 4.37
CA PHE A 60 6.93 -7.27 3.03
C PHE A 60 5.83 -7.51 2.02
N THR A 61 5.42 -8.77 1.87
CA THR A 61 4.36 -9.13 0.93
C THR A 61 3.19 -8.17 1.02
N ARG A 62 2.90 -7.70 2.23
CA ARG A 62 1.80 -6.77 2.44
C ARG A 62 2.19 -5.35 2.00
N ILE A 63 3.40 -4.94 2.38
CA ILE A 63 3.89 -3.61 2.01
C ILE A 63 3.73 -3.35 0.52
N SER A 64 4.10 -4.33 -0.28
CA SER A 64 3.99 -4.21 -1.73
C SER A 64 2.55 -3.93 -2.15
N GLN A 65 1.62 -4.64 -1.52
CA GLN A 65 0.20 -4.47 -1.84
C GLN A 65 -0.21 -3.00 -1.77
N ALA A 66 0.23 -2.32 -0.72
CA ALA A 66 -0.08 -0.90 -0.54
C ALA A 66 0.43 -0.08 -1.71
N TYR A 67 1.48 -0.56 -2.37
CA TYR A 67 2.07 0.12 -3.50
C TYR A 67 1.33 -0.20 -4.79
N VAL A 68 0.14 -0.77 -4.66
CA VAL A 68 -0.68 -1.14 -5.81
C VAL A 68 -1.83 -0.17 -6.00
N VAL A 69 -2.79 -0.21 -5.09
CA VAL A 69 -3.94 0.67 -5.15
C VAL A 69 -3.53 2.14 -5.10
N LEU A 70 -2.40 2.40 -4.46
CA LEU A 70 -1.88 3.76 -4.34
C LEU A 70 -0.69 3.98 -5.26
N GLY A 71 -0.11 2.87 -5.73
CA GLY A 71 1.04 2.97 -6.61
C GLY A 71 0.78 3.86 -7.81
N SER A 72 -0.39 3.68 -8.44
CA SER A 72 -0.76 4.47 -9.60
C SER A 72 -1.80 5.52 -9.25
N ALA A 73 -1.53 6.77 -9.60
CA ALA A 73 -2.45 7.85 -9.32
C ALA A 73 -3.89 7.47 -9.65
N THR A 74 -4.10 6.98 -10.87
CA THR A 74 -5.42 6.57 -11.31
C THR A 74 -6.13 5.75 -10.25
N LEU A 75 -5.65 4.53 -10.03
CA LEU A 75 -6.24 3.65 -9.03
C LEU A 75 -6.65 4.43 -7.78
N ARG A 76 -5.66 5.00 -7.10
CA ARG A 76 -5.93 5.78 -5.90
C ARG A 76 -7.19 6.62 -6.05
N ARG A 77 -7.25 7.40 -7.12
CA ARG A 77 -8.41 8.25 -7.38
C ARG A 77 -9.68 7.41 -7.54
N LYS A 78 -9.58 6.34 -8.32
CA LYS A 78 -10.71 5.45 -8.55
C LYS A 78 -11.35 5.03 -7.23
N TYR A 79 -10.57 4.35 -6.39
CA TYR A 79 -11.07 3.89 -5.09
C TYR A 79 -11.93 4.96 -4.42
N ASP A 80 -11.47 6.20 -4.51
CA ASP A 80 -12.20 7.32 -3.91
C ASP A 80 -13.59 7.47 -4.53
N ARG A 81 -13.65 7.31 -5.85
CA ARG A 81 -14.92 7.42 -6.57
C ARG A 81 -15.66 6.09 -6.58
N GLY A 82 -15.18 5.14 -5.78
CA GLY A 82 -15.80 3.83 -5.71
C GLY A 82 -15.70 3.07 -7.02
N LEU A 83 -14.94 3.61 -7.96
CA LEU A 83 -14.76 2.98 -9.27
C LEU A 83 -13.89 1.73 -9.15
N LEU A 84 -12.92 1.77 -8.25
CA LEU A 84 -12.02 0.65 -8.04
C LEU A 84 -12.71 -0.45 -7.22
N SER A 85 -12.31 -1.70 -7.48
CA SER A 85 -12.88 -2.84 -6.77
C SER A 85 -11.89 -3.99 -6.71
N ASP A 86 -12.31 -5.09 -6.10
CA ASP A 86 -11.47 -6.27 -5.97
C ASP A 86 -10.99 -6.74 -7.34
N GLU A 87 -11.84 -6.57 -8.35
CA GLU A 87 -11.51 -6.98 -9.70
C GLU A 87 -10.12 -6.48 -10.10
N ASP A 88 -9.72 -5.36 -9.54
CA ASP A 88 -8.41 -4.78 -9.82
C ASP A 88 -7.31 -5.50 -9.06
N LEU A 89 -7.64 -5.92 -7.84
CA LEU A 89 -6.67 -6.63 -6.99
C LEU A 89 -6.24 -7.93 -7.64
N ARG A 90 -7.19 -8.65 -8.24
CA ARG A 90 -6.89 -9.91 -8.90
C ARG A 90 -6.53 -9.69 -10.37
N GLY A 91 -7.11 -8.66 -10.97
CA GLY A 91 -6.85 -8.35 -12.36
C GLY A 91 -5.38 -8.53 -12.72
N PRO A 92 -5.12 -8.97 -13.96
CA PRO A 92 -3.76 -9.18 -14.45
C PRO A 92 -2.99 -7.88 -14.64
N GLY A 93 -1.77 -7.84 -14.13
CA GLY A 93 -0.95 -6.64 -14.26
C GLY A 93 -0.07 -6.67 -15.49
N SER A 94 -0.69 -6.84 -16.65
CA SER A 94 0.05 -6.89 -17.90
C SER A 94 1.34 -7.69 -17.76
N GLY A 95 1.23 -8.87 -17.15
CA GLY A 95 2.40 -9.70 -16.94
C GLY A 95 2.89 -10.33 -18.23
N PRO A 96 4.21 -10.54 -18.32
CA PRO A 96 4.85 -11.14 -19.50
C PRO A 96 4.50 -12.62 -19.67
N SER A 97 3.61 -12.91 -20.61
CA SER A 97 3.20 -14.28 -20.86
C SER A 97 4.22 -15.02 -21.72
N SER A 98 5.21 -15.62 -21.08
CA SER A 98 6.26 -16.34 -21.78
C SER A 98 6.32 -17.79 -21.31
N GLY A 99 5.91 -18.71 -22.18
CA GLY A 99 5.92 -20.12 -21.83
C GLY A 99 6.47 -20.98 -22.95
N GLY A 1 9.44 11.68 21.58
CA GLY A 1 9.50 10.42 20.85
C GLY A 1 8.97 9.26 21.68
N SER A 2 9.34 9.21 22.95
CA SER A 2 8.92 8.14 23.84
C SER A 2 7.49 7.70 23.51
N SER A 3 6.59 8.67 23.39
CA SER A 3 5.20 8.38 23.08
C SER A 3 5.08 7.63 21.75
N GLY A 4 4.42 6.48 21.78
CA GLY A 4 4.25 5.69 20.57
C GLY A 4 5.33 4.63 20.43
N SER A 5 5.27 3.62 21.28
CA SER A 5 6.25 2.54 21.25
C SER A 5 5.57 1.19 20.96
N SER A 6 5.78 0.67 19.76
CA SER A 6 5.20 -0.61 19.37
C SER A 6 3.73 -0.67 19.78
N GLY A 7 3.04 0.47 19.72
CA GLY A 7 1.64 0.53 20.09
C GLY A 7 0.73 0.06 18.97
N SER A 8 0.49 -1.24 18.91
CA SER A 8 -0.37 -1.81 17.87
C SER A 8 -1.50 -2.62 18.50
N GLN A 9 -2.72 -2.41 17.99
CA GLN A 9 -3.89 -3.12 18.50
C GLN A 9 -4.22 -4.32 17.62
N GLY A 10 -3.51 -5.43 17.85
CA GLY A 10 -3.73 -6.63 17.07
C GLY A 10 -3.88 -6.35 15.59
N ASP A 11 -4.64 -7.19 14.91
CA ASP A 11 -4.86 -7.02 13.47
C ASP A 11 -6.20 -6.35 13.19
N CYS A 12 -6.16 -5.03 12.96
CA CYS A 12 -7.37 -4.28 12.69
C CYS A 12 -8.21 -4.96 11.61
N SER A 13 -9.49 -4.60 11.56
CA SER A 13 -10.41 -5.18 10.58
C SER A 13 -10.48 -4.32 9.32
N TYR A 14 -10.94 -3.08 9.49
CA TYR A 14 -11.06 -2.15 8.37
C TYR A 14 -9.69 -1.81 7.80
N SER A 15 -9.68 -1.39 6.53
CA SER A 15 -8.44 -1.04 5.86
C SER A 15 -8.60 0.26 5.08
N ARG A 16 -9.74 0.91 5.26
CA ARG A 16 -10.02 2.17 4.57
C ARG A 16 -8.74 2.99 4.40
N THR A 17 -8.03 3.20 5.50
CA THR A 17 -6.79 3.97 5.47
C THR A 17 -5.59 3.10 5.85
N ALA A 18 -5.51 1.91 5.27
CA ALA A 18 -4.41 0.99 5.54
C ALA A 18 -3.23 1.25 4.62
N LEU A 19 -3.42 0.98 3.33
CA LEU A 19 -2.37 1.19 2.35
C LEU A 19 -1.64 2.51 2.60
N TYR A 20 -2.31 3.44 3.27
CA TYR A 20 -1.73 4.73 3.57
C TYR A 20 -0.89 4.68 4.84
N ASP A 21 -1.35 3.89 5.80
CA ASP A 21 -0.63 3.73 7.07
C ASP A 21 0.69 3.00 6.87
N LEU A 22 0.61 1.85 6.20
CA LEU A 22 1.81 1.05 5.94
C LEU A 22 2.98 1.93 5.53
N LEU A 23 2.77 2.77 4.52
CA LEU A 23 3.81 3.66 4.03
C LEU A 23 3.93 4.88 4.94
N GLY A 24 2.81 5.48 5.29
CA GLY A 24 2.82 6.65 6.14
C GLY A 24 2.49 7.93 5.40
N VAL A 25 1.76 7.80 4.30
CA VAL A 25 1.37 8.95 3.50
C VAL A 25 -0.11 9.29 3.69
N PRO A 26 -0.45 10.57 3.52
CA PRO A 26 -1.83 11.04 3.67
C PRO A 26 -2.74 10.55 2.55
N SER A 27 -4.03 10.79 2.70
CA SER A 27 -5.01 10.37 1.69
C SER A 27 -4.83 11.13 0.40
N THR A 28 -4.18 12.29 0.48
CA THR A 28 -3.94 13.13 -0.69
C THR A 28 -2.45 13.35 -0.90
N ALA A 29 -1.64 12.37 -0.51
CA ALA A 29 -0.19 12.46 -0.67
C ALA A 29 0.18 12.78 -2.11
N THR A 30 1.48 12.96 -2.35
CA THR A 30 1.97 13.28 -3.68
C THR A 30 2.89 12.18 -4.20
N GLN A 31 2.85 11.93 -5.51
CA GLN A 31 3.68 10.91 -6.12
C GLN A 31 5.07 10.87 -5.48
N ALA A 32 5.63 12.05 -5.24
CA ALA A 32 6.95 12.15 -4.63
C ALA A 32 7.02 11.36 -3.32
N GLN A 33 5.97 11.48 -2.51
CA GLN A 33 5.91 10.77 -1.23
C GLN A 33 5.60 9.30 -1.44
N ILE A 34 4.39 9.01 -1.92
CA ILE A 34 3.97 7.64 -2.16
C ILE A 34 5.13 6.78 -2.63
N LYS A 35 6.05 7.40 -3.37
CA LYS A 35 7.22 6.69 -3.89
C LYS A 35 8.30 6.56 -2.82
N ALA A 36 8.81 7.70 -2.36
CA ALA A 36 9.85 7.72 -1.33
C ALA A 36 9.47 6.81 -0.16
N ALA A 37 8.16 6.69 0.09
CA ALA A 37 7.67 5.87 1.18
C ALA A 37 7.85 4.39 0.87
N TYR A 38 7.48 4.01 -0.35
CA TYR A 38 7.59 2.61 -0.78
C TYR A 38 9.06 2.16 -0.81
N TYR A 39 9.95 3.10 -1.12
CA TYR A 39 11.37 2.81 -1.18
C TYR A 39 11.95 2.61 0.21
N ARG A 40 11.86 3.65 1.04
CA ARG A 40 12.37 3.60 2.39
C ARG A 40 12.03 2.28 3.06
N GLN A 41 10.86 1.75 2.74
CA GLN A 41 10.42 0.47 3.31
C GLN A 41 11.39 -0.65 2.96
N CYS A 42 11.69 -0.79 1.67
CA CYS A 42 12.61 -1.82 1.21
C CYS A 42 13.84 -1.89 2.11
N PHE A 43 14.45 -0.73 2.37
CA PHE A 43 15.63 -0.66 3.21
C PHE A 43 15.36 -1.26 4.59
N LEU A 44 14.31 -0.80 5.23
CA LEU A 44 13.94 -1.29 6.56
C LEU A 44 13.96 -2.81 6.59
N TYR A 45 13.27 -3.43 5.63
CA TYR A 45 13.21 -4.89 5.55
C TYR A 45 13.74 -5.38 4.20
N HIS A 46 15.05 -5.65 4.15
CA HIS A 46 15.68 -6.12 2.93
C HIS A 46 15.25 -7.56 2.63
N PRO A 47 15.02 -7.85 1.33
CA PRO A 47 14.61 -9.18 0.88
C PRO A 47 15.72 -10.21 1.02
N ASP A 48 16.90 -9.75 1.44
CA ASP A 48 18.05 -10.64 1.62
C ASP A 48 18.38 -10.82 3.10
N ARG A 49 18.45 -9.72 3.82
CA ARG A 49 18.75 -9.76 5.25
C ARG A 49 17.71 -10.58 6.00
N ASN A 50 16.44 -10.26 5.77
CA ASN A 50 15.35 -10.96 6.44
C ASN A 50 14.99 -12.25 5.68
N SER A 51 16.01 -13.02 5.33
CA SER A 51 15.81 -14.27 4.60
C SER A 51 15.40 -15.39 5.56
N GLY A 52 14.13 -15.78 5.50
CA GLY A 52 13.64 -16.83 6.36
C GLY A 52 12.60 -16.35 7.34
N SER A 53 12.87 -15.21 7.98
CA SER A 53 11.95 -14.64 8.95
C SER A 53 10.54 -14.52 8.37
N ALA A 54 9.62 -15.29 8.90
CA ALA A 54 8.23 -15.28 8.44
C ALA A 54 7.62 -13.89 8.59
N GLU A 55 7.65 -13.37 9.82
CA GLU A 55 7.10 -12.05 10.10
C GLU A 55 7.41 -11.07 8.97
N ALA A 56 8.70 -10.95 8.65
CA ALA A 56 9.14 -10.05 7.58
C ALA A 56 8.50 -10.43 6.25
N ALA A 57 8.57 -11.71 5.92
CA ALA A 57 8.00 -12.20 4.67
C ALA A 57 6.61 -11.61 4.43
N GLU A 58 5.67 -11.93 5.32
CA GLU A 58 4.31 -11.44 5.20
C GLU A 58 4.29 -9.92 5.04
N ARG A 59 4.78 -9.23 6.06
CA ARG A 59 4.82 -7.77 6.04
C ARG A 59 5.25 -7.26 4.67
N PHE A 60 6.34 -7.81 4.14
CA PHE A 60 6.85 -7.42 2.84
C PHE A 60 5.75 -7.44 1.78
N THR A 61 5.01 -8.54 1.72
CA THR A 61 3.93 -8.69 0.77
C THR A 61 2.92 -7.55 0.91
N ARG A 62 2.52 -7.28 2.16
CA ARG A 62 1.55 -6.22 2.42
C ARG A 62 2.08 -4.86 1.96
N ILE A 63 3.31 -4.55 2.35
CA ILE A 63 3.93 -3.29 1.97
C ILE A 63 3.82 -3.05 0.46
N SER A 64 4.20 -4.07 -0.31
CA SER A 64 4.16 -3.98 -1.77
C SER A 64 2.78 -3.51 -2.24
N GLN A 65 1.75 -4.21 -1.80
CA GLN A 65 0.37 -3.88 -2.18
C GLN A 65 0.17 -2.36 -2.16
N ALA A 66 0.50 -1.74 -1.04
CA ALA A 66 0.35 -0.30 -0.90
C ALA A 66 0.84 0.43 -2.14
N TYR A 67 1.92 -0.08 -2.74
CA TYR A 67 2.50 0.53 -3.93
C TYR A 67 1.86 -0.04 -5.19
N VAL A 68 0.59 -0.45 -5.07
CA VAL A 68 -0.13 -1.01 -6.20
C VAL A 68 -1.44 -0.26 -6.44
N VAL A 69 -2.26 -0.16 -5.41
CA VAL A 69 -3.54 0.52 -5.50
C VAL A 69 -3.34 2.04 -5.60
N LEU A 70 -2.38 2.54 -4.83
CA LEU A 70 -2.09 3.98 -4.81
C LEU A 70 -1.04 4.33 -5.87
N GLY A 71 -0.19 3.36 -6.19
CA GLY A 71 0.84 3.58 -7.20
C GLY A 71 0.34 4.39 -8.38
N SER A 72 -0.87 4.09 -8.82
CA SER A 72 -1.46 4.80 -9.95
C SER A 72 -2.40 5.91 -9.48
N ALA A 73 -2.26 7.09 -10.08
CA ALA A 73 -3.09 8.23 -9.72
C ALA A 73 -4.57 7.88 -9.83
N THR A 74 -4.93 7.20 -10.92
CA THR A 74 -6.32 6.81 -11.15
C THR A 74 -6.77 5.77 -10.14
N LEU A 75 -6.05 4.65 -10.08
CA LEU A 75 -6.38 3.57 -9.16
C LEU A 75 -6.86 4.12 -7.82
N ARG A 76 -6.08 5.04 -7.26
CA ARG A 76 -6.44 5.65 -5.99
C ARG A 76 -7.83 6.26 -6.04
N ARG A 77 -8.12 6.96 -7.12
CA ARG A 77 -9.41 7.60 -7.30
C ARG A 77 -10.55 6.59 -7.17
N LYS A 78 -10.43 5.48 -7.90
CA LYS A 78 -11.44 4.43 -7.88
C LYS A 78 -11.90 4.16 -6.44
N TYR A 79 -10.96 3.71 -5.61
CA TYR A 79 -11.28 3.40 -4.22
C TYR A 79 -12.05 4.55 -3.57
N ASP A 80 -11.68 5.77 -3.93
CA ASP A 80 -12.34 6.96 -3.38
C ASP A 80 -13.85 6.85 -3.51
N ARG A 81 -14.32 6.52 -4.72
CA ARG A 81 -15.75 6.38 -4.97
C ARG A 81 -16.19 4.93 -4.79
N GLY A 82 -15.28 4.09 -4.32
CA GLY A 82 -15.60 2.69 -4.10
C GLY A 82 -15.74 1.93 -5.41
N LEU A 83 -14.95 2.30 -6.41
CA LEU A 83 -14.98 1.64 -7.71
C LEU A 83 -14.00 0.47 -7.76
N LEU A 84 -13.05 0.47 -6.82
CA LEU A 84 -12.06 -0.59 -6.75
C LEU A 84 -12.67 -1.87 -6.20
N SER A 85 -12.65 -2.93 -7.01
CA SER A 85 -13.20 -4.21 -6.59
C SER A 85 -12.16 -5.32 -6.75
N ASP A 86 -12.53 -6.53 -6.33
CA ASP A 86 -11.63 -7.67 -6.42
C ASP A 86 -10.94 -7.72 -7.78
N GLU A 87 -11.73 -7.70 -8.84
CA GLU A 87 -11.20 -7.74 -10.20
C GLU A 87 -9.91 -6.91 -10.30
N ASP A 88 -9.91 -5.76 -9.64
CA ASP A 88 -8.75 -4.88 -9.65
C ASP A 88 -7.64 -5.42 -8.76
N LEU A 89 -8.00 -5.82 -7.56
CA LEU A 89 -7.04 -6.36 -6.60
C LEU A 89 -6.29 -7.55 -7.21
N ARG A 90 -7.04 -8.51 -7.74
CA ARG A 90 -6.45 -9.70 -8.35
C ARG A 90 -5.81 -9.35 -9.68
N GLY A 91 -6.56 -8.65 -10.53
CA GLY A 91 -6.04 -8.27 -11.84
C GLY A 91 -6.86 -8.85 -12.97
N PRO A 92 -6.94 -8.12 -14.09
CA PRO A 92 -7.70 -8.55 -15.27
C PRO A 92 -7.05 -9.73 -15.98
N GLY A 93 -7.74 -10.27 -16.99
CA GLY A 93 -7.21 -11.40 -17.73
C GLY A 93 -6.59 -12.44 -16.83
N SER A 94 -7.36 -12.92 -15.86
CA SER A 94 -6.87 -13.93 -14.93
C SER A 94 -6.28 -15.12 -15.66
N GLY A 95 -4.96 -15.10 -15.84
CA GLY A 95 -4.29 -16.18 -16.52
C GLY A 95 -3.89 -15.81 -17.94
N PRO A 96 -3.18 -16.72 -18.62
CA PRO A 96 -2.73 -16.51 -20.00
C PRO A 96 -3.88 -16.51 -21.00
N SER A 97 -3.93 -15.47 -21.83
CA SER A 97 -4.99 -15.35 -22.83
C SER A 97 -4.81 -16.38 -23.94
N SER A 98 -5.80 -17.25 -24.11
CA SER A 98 -5.75 -18.29 -25.13
C SER A 98 -5.99 -17.70 -26.52
N GLY A 99 -5.79 -18.52 -27.54
CA GLY A 99 -5.99 -18.07 -28.91
C GLY A 99 -6.58 -19.14 -29.80
N GLY A 1 5.99 25.62 -1.19
CA GLY A 1 6.02 24.20 -0.91
C GLY A 1 4.88 23.75 -0.02
N SER A 2 5.15 22.79 0.85
CA SER A 2 4.12 22.27 1.75
C SER A 2 4.75 21.49 2.91
N SER A 3 3.97 21.26 3.95
CA SER A 3 4.46 20.54 5.13
C SER A 3 3.66 19.26 5.35
N GLY A 4 4.11 18.45 6.30
CA GLY A 4 3.43 17.20 6.58
C GLY A 4 3.55 16.80 8.05
N SER A 5 2.43 16.42 8.64
CA SER A 5 2.42 16.01 10.05
C SER A 5 1.50 14.81 10.26
N SER A 6 2.09 13.67 10.58
CA SER A 6 1.32 12.44 10.80
C SER A 6 0.00 12.76 11.51
N GLY A 7 -1.02 11.95 11.23
CA GLY A 7 -2.32 12.15 11.85
C GLY A 7 -2.76 10.96 12.66
N SER A 8 -4.05 10.91 12.98
CA SER A 8 -4.60 9.81 13.76
C SER A 8 -4.62 8.51 12.96
N GLN A 9 -4.57 7.39 13.66
CA GLN A 9 -4.59 6.08 13.02
C GLN A 9 -5.68 6.01 11.96
N GLY A 10 -6.93 6.21 12.38
CA GLY A 10 -8.04 6.15 11.46
C GLY A 10 -8.28 4.76 10.92
N ASP A 11 -9.13 4.00 11.60
CA ASP A 11 -9.44 2.64 11.18
C ASP A 11 -10.90 2.52 10.76
N CYS A 12 -11.13 2.00 9.56
CA CYS A 12 -12.49 1.83 9.05
C CYS A 12 -12.75 0.38 8.67
N SER A 13 -14.03 0.03 8.56
CA SER A 13 -14.42 -1.33 8.21
C SER A 13 -13.45 -1.93 7.20
N TYR A 14 -13.30 -1.27 6.06
CA TYR A 14 -12.41 -1.73 5.01
C TYR A 14 -11.05 -1.07 5.12
N SER A 15 -10.04 -1.71 4.53
CA SER A 15 -8.68 -1.18 4.57
C SER A 15 -8.47 -0.14 3.47
N ARG A 16 -8.50 1.13 3.86
CA ARG A 16 -8.32 2.22 2.91
C ARG A 16 -7.19 3.15 3.37
N THR A 17 -7.31 3.68 4.58
CA THR A 17 -6.30 4.58 5.11
C THR A 17 -5.09 3.81 5.61
N ALA A 18 -5.16 2.49 5.53
CA ALA A 18 -4.06 1.63 5.97
C ALA A 18 -2.90 1.69 4.98
N LEU A 19 -3.21 1.62 3.69
CA LEU A 19 -2.19 1.67 2.65
C LEU A 19 -1.29 2.89 2.82
N TYR A 20 -1.74 3.84 3.63
CA TYR A 20 -0.98 5.06 3.88
C TYR A 20 -0.13 4.92 5.14
N ASP A 21 -0.58 4.06 6.05
CA ASP A 21 0.14 3.84 7.30
C ASP A 21 1.30 2.87 7.09
N LEU A 22 1.15 1.98 6.12
CA LEU A 22 2.19 1.00 5.82
C LEU A 22 3.45 1.68 5.32
N LEU A 23 3.28 2.69 4.48
CA LEU A 23 4.41 3.43 3.93
C LEU A 23 4.87 4.53 4.88
N GLY A 24 3.91 5.12 5.60
CA GLY A 24 4.23 6.17 6.54
C GLY A 24 4.05 7.55 5.94
N VAL A 25 2.96 7.74 5.20
CA VAL A 25 2.65 9.02 4.57
C VAL A 25 1.20 9.39 4.75
N PRO A 26 0.93 10.70 4.86
CA PRO A 26 -0.43 11.22 5.04
C PRO A 26 -1.28 11.06 3.78
N SER A 27 -2.60 11.07 3.96
CA SER A 27 -3.52 10.92 2.84
C SER A 27 -3.41 12.10 1.88
N THR A 28 -2.63 13.10 2.27
CA THR A 28 -2.44 14.29 1.46
C THR A 28 -1.10 14.26 0.73
N ALA A 29 -0.31 13.23 1.03
CA ALA A 29 1.00 13.08 0.40
C ALA A 29 0.89 13.07 -1.13
N THR A 30 2.02 13.24 -1.79
CA THR A 30 2.04 13.25 -3.25
C THR A 30 2.78 12.03 -3.80
N GLN A 31 2.80 11.90 -5.12
CA GLN A 31 3.46 10.77 -5.77
C GLN A 31 4.91 10.66 -5.30
N ALA A 32 5.61 11.79 -5.27
CA ALA A 32 7.00 11.81 -4.83
C ALA A 32 7.18 11.07 -3.50
N GLN A 33 6.29 11.35 -2.57
CA GLN A 33 6.34 10.72 -1.25
C GLN A 33 5.92 9.25 -1.33
N ILE A 34 4.68 9.02 -1.76
CA ILE A 34 4.16 7.67 -1.89
C ILE A 34 5.16 6.75 -2.59
N LYS A 35 6.04 7.35 -3.38
CA LYS A 35 7.04 6.60 -4.12
C LYS A 35 8.30 6.41 -3.28
N ALA A 36 8.74 7.48 -2.63
CA ALA A 36 9.93 7.43 -1.78
C ALA A 36 9.71 6.53 -0.57
N ALA A 37 8.46 6.45 -0.12
CA ALA A 37 8.12 5.62 1.03
C ALA A 37 8.25 4.14 0.69
N TYR A 38 7.47 3.69 -0.29
CA TYR A 38 7.50 2.30 -0.70
C TYR A 38 8.94 1.77 -0.79
N TYR A 39 9.84 2.66 -1.19
CA TYR A 39 11.25 2.29 -1.32
C TYR A 39 11.96 2.37 0.03
N ARG A 40 11.53 3.31 0.86
CA ARG A 40 12.12 3.51 2.18
C ARG A 40 12.10 2.21 2.98
N GLN A 41 10.98 1.49 2.90
CA GLN A 41 10.83 0.22 3.61
C GLN A 41 11.78 -0.83 3.06
N CYS A 42 11.85 -0.92 1.74
CA CYS A 42 12.71 -1.89 1.08
C CYS A 42 14.05 -2.01 1.81
N PHE A 43 14.62 -0.87 2.17
CA PHE A 43 15.90 -0.85 2.87
C PHE A 43 15.75 -1.39 4.29
N LEU A 44 14.64 -1.07 4.93
CA LEU A 44 14.37 -1.54 6.29
C LEU A 44 14.15 -3.05 6.32
N TYR A 45 13.66 -3.59 5.21
CA TYR A 45 13.40 -5.02 5.10
C TYR A 45 13.88 -5.56 3.77
N HIS A 46 14.99 -6.31 3.81
CA HIS A 46 15.56 -6.90 2.60
C HIS A 46 15.39 -8.41 2.61
N PRO A 47 15.51 -9.03 1.41
CA PRO A 47 15.38 -10.48 1.25
C PRO A 47 16.55 -11.23 1.86
N ASP A 48 17.68 -10.55 2.01
CA ASP A 48 18.87 -11.15 2.59
C ASP A 48 18.98 -10.84 4.07
N ARG A 49 18.85 -9.56 4.41
CA ARG A 49 18.93 -9.13 5.81
C ARG A 49 18.14 -10.06 6.72
N ASN A 50 16.91 -10.36 6.30
CA ASN A 50 16.03 -11.24 7.09
C ASN A 50 16.46 -12.69 6.95
N SER A 51 17.18 -12.99 5.86
CA SER A 51 17.65 -14.35 5.61
C SER A 51 16.64 -15.38 6.10
N GLY A 52 15.37 -15.19 5.70
CA GLY A 52 14.33 -16.10 6.10
C GLY A 52 13.63 -15.66 7.37
N SER A 53 12.43 -15.10 7.22
CA SER A 53 11.66 -14.63 8.36
C SER A 53 10.16 -14.75 8.10
N ALA A 54 9.39 -14.99 9.15
CA ALA A 54 7.95 -15.13 9.02
C ALA A 54 7.26 -13.77 9.17
N GLU A 55 7.72 -12.98 10.13
CA GLU A 55 7.15 -11.66 10.37
C GLU A 55 7.31 -10.76 9.15
N ALA A 56 8.50 -10.77 8.57
CA ALA A 56 8.79 -9.97 7.40
C ALA A 56 7.98 -10.44 6.19
N ALA A 57 8.02 -11.75 5.94
CA ALA A 57 7.29 -12.33 4.82
C ALA A 57 5.93 -11.67 4.65
N GLU A 58 5.05 -11.88 5.62
CA GLU A 58 3.70 -11.30 5.57
C GLU A 58 3.77 -9.82 5.22
N ARG A 59 4.37 -9.03 6.11
CA ARG A 59 4.49 -7.60 5.90
C ARG A 59 4.83 -7.30 4.43
N PHE A 60 5.97 -7.80 3.98
CA PHE A 60 6.41 -7.57 2.61
C PHE A 60 5.22 -7.63 1.64
N THR A 61 4.44 -8.70 1.75
CA THR A 61 3.28 -8.88 0.88
C THR A 61 2.37 -7.67 0.93
N ARG A 62 2.00 -7.24 2.14
CA ARG A 62 1.13 -6.10 2.32
C ARG A 62 1.77 -4.83 1.77
N ILE A 63 3.02 -4.58 2.17
CA ILE A 63 3.75 -3.41 1.72
C ILE A 63 3.57 -3.19 0.22
N SER A 64 3.83 -4.23 -0.56
CA SER A 64 3.69 -4.15 -2.01
C SER A 64 2.31 -3.65 -2.39
N GLN A 65 1.28 -4.18 -1.73
CA GLN A 65 -0.09 -3.78 -2.01
C GLN A 65 -0.24 -2.26 -1.97
N ALA A 66 0.27 -1.65 -0.91
CA ALA A 66 0.19 -0.20 -0.76
C ALA A 66 0.74 0.51 -1.98
N TYR A 67 1.74 -0.10 -2.61
CA TYR A 67 2.37 0.48 -3.80
C TYR A 67 1.59 0.10 -5.06
N VAL A 68 0.33 -0.29 -4.88
CA VAL A 68 -0.52 -0.68 -5.99
C VAL A 68 -1.73 0.23 -6.10
N VAL A 69 -2.61 0.17 -5.11
CA VAL A 69 -3.81 0.99 -5.08
C VAL A 69 -3.47 2.48 -5.14
N LEU A 70 -2.37 2.85 -4.48
CA LEU A 70 -1.93 4.23 -4.45
C LEU A 70 -0.88 4.49 -5.54
N GLY A 71 -0.19 3.43 -5.95
CA GLY A 71 0.82 3.56 -6.97
C GLY A 71 0.35 4.38 -8.16
N SER A 72 -0.96 4.43 -8.36
CA SER A 72 -1.54 5.17 -9.46
C SER A 72 -2.72 6.02 -9.00
N ALA A 73 -2.73 7.29 -9.40
CA ALA A 73 -3.80 8.20 -9.02
C ALA A 73 -5.17 7.62 -9.36
N THR A 74 -5.41 7.38 -10.64
CA THR A 74 -6.68 6.82 -11.09
C THR A 74 -7.24 5.83 -10.07
N LEU A 75 -6.43 4.84 -9.72
CA LEU A 75 -6.86 3.83 -8.75
C LEU A 75 -7.46 4.48 -7.51
N ARG A 76 -6.64 5.23 -6.79
CA ARG A 76 -7.10 5.91 -5.58
C ARG A 76 -8.54 6.37 -5.72
N ARG A 77 -8.84 7.05 -6.82
CA ARG A 77 -10.19 7.54 -7.07
C ARG A 77 -11.17 6.38 -7.21
N LYS A 78 -10.83 5.43 -8.06
CA LYS A 78 -11.68 4.26 -8.28
C LYS A 78 -12.24 3.73 -6.97
N TYR A 79 -11.34 3.51 -6.02
CA TYR A 79 -11.75 2.99 -4.70
C TYR A 79 -12.76 3.92 -4.04
N ASP A 80 -12.50 5.22 -4.12
CA ASP A 80 -13.39 6.22 -3.53
C ASP A 80 -14.75 6.18 -4.21
N ARG A 81 -14.79 5.69 -5.43
CA ARG A 81 -16.04 5.61 -6.19
C ARG A 81 -16.57 4.18 -6.21
N GLY A 82 -15.88 3.29 -5.50
CA GLY A 82 -16.31 1.90 -5.44
C GLY A 82 -16.06 1.17 -6.74
N LEU A 83 -15.42 1.85 -7.69
CA LEU A 83 -15.10 1.25 -8.99
C LEU A 83 -13.93 0.28 -8.88
N LEU A 84 -13.12 0.46 -7.84
CA LEU A 84 -11.97 -0.40 -7.61
C LEU A 84 -12.35 -1.62 -6.79
N SER A 85 -12.11 -2.81 -7.35
CA SER A 85 -12.42 -4.06 -6.66
C SER A 85 -11.24 -5.01 -6.69
N ASP A 86 -11.44 -6.22 -6.16
CA ASP A 86 -10.39 -7.23 -6.14
C ASP A 86 -9.82 -7.45 -7.52
N GLU A 87 -10.70 -7.51 -8.52
CA GLU A 87 -10.27 -7.74 -9.90
C GLU A 87 -9.04 -6.90 -10.23
N ASP A 88 -9.03 -5.66 -9.75
CA ASP A 88 -7.91 -4.75 -9.99
C ASP A 88 -6.71 -5.12 -9.12
N LEU A 89 -6.94 -5.23 -7.82
CA LEU A 89 -5.88 -5.57 -6.87
C LEU A 89 -5.03 -6.72 -7.42
N ARG A 90 -5.69 -7.74 -7.95
CA ARG A 90 -4.99 -8.89 -8.51
C ARG A 90 -3.77 -8.46 -9.30
N GLY A 91 -3.95 -7.47 -10.16
CA GLY A 91 -2.85 -6.98 -10.98
C GLY A 91 -3.05 -7.26 -12.46
N PRO A 92 -2.57 -6.34 -13.30
CA PRO A 92 -2.68 -6.47 -14.76
C PRO A 92 -1.80 -7.58 -15.32
N GLY A 93 -0.61 -7.74 -14.74
CA GLY A 93 0.30 -8.76 -15.18
C GLY A 93 1.42 -9.02 -14.19
N SER A 94 2.07 -10.18 -14.31
CA SER A 94 3.16 -10.54 -13.41
C SER A 94 4.51 -10.28 -14.06
N GLY A 95 4.70 -10.81 -15.25
CA GLY A 95 5.96 -10.63 -15.96
C GLY A 95 6.58 -11.94 -16.40
N PRO A 96 5.98 -12.56 -17.44
CA PRO A 96 6.46 -13.84 -17.97
C PRO A 96 7.79 -13.69 -18.70
N SER A 97 8.63 -14.71 -18.61
CA SER A 97 9.94 -14.70 -19.25
C SER A 97 10.16 -15.98 -20.07
N SER A 98 10.92 -15.85 -21.15
CA SER A 98 11.20 -16.99 -22.02
C SER A 98 12.54 -16.82 -22.72
N GLY A 99 13.29 -17.91 -22.84
CA GLY A 99 14.58 -17.86 -23.50
C GLY A 99 15.71 -17.53 -22.54
N GLY A 1 -19.20 10.12 18.00
CA GLY A 1 -19.04 10.94 16.82
C GLY A 1 -18.40 10.20 15.68
N SER A 2 -17.10 10.44 15.47
CA SER A 2 -16.36 9.79 14.39
C SER A 2 -14.87 9.95 14.60
N SER A 3 -14.15 8.83 14.53
CA SER A 3 -12.70 8.83 14.71
C SER A 3 -12.31 9.72 15.89
N GLY A 4 -13.07 9.63 16.98
CA GLY A 4 -12.78 10.43 18.15
C GLY A 4 -11.64 9.86 18.98
N SER A 5 -11.83 8.66 19.50
CA SER A 5 -10.81 8.01 20.32
C SER A 5 -10.40 6.68 19.71
N SER A 6 -9.12 6.34 19.86
CA SER A 6 -8.59 5.09 19.32
C SER A 6 -8.49 4.03 20.41
N GLY A 7 -9.35 3.02 20.34
CA GLY A 7 -9.33 1.95 21.32
C GLY A 7 -10.59 1.10 21.28
N SER A 8 -11.62 1.53 21.99
CA SER A 8 -12.88 0.80 22.04
C SER A 8 -13.21 0.19 20.68
N GLN A 9 -13.30 1.04 19.67
CA GLN A 9 -13.60 0.59 18.31
C GLN A 9 -12.73 -0.61 17.94
N GLY A 10 -13.06 -1.25 16.81
CA GLY A 10 -12.30 -2.39 16.36
C GLY A 10 -12.26 -2.51 14.85
N ASP A 11 -12.07 -3.72 14.35
CA ASP A 11 -12.02 -3.97 12.92
C ASP A 11 -13.42 -4.16 12.34
N CYS A 12 -14.36 -3.36 12.81
CA CYS A 12 -15.74 -3.45 12.34
C CYS A 12 -15.81 -3.44 10.82
N SER A 13 -15.15 -2.47 10.20
CA SER A 13 -15.13 -2.36 8.75
C SER A 13 -13.71 -2.51 8.22
N TYR A 14 -13.57 -3.30 7.15
CA TYR A 14 -12.27 -3.53 6.53
C TYR A 14 -11.41 -2.28 6.58
N SER A 15 -10.09 -2.46 6.61
CA SER A 15 -9.17 -1.33 6.66
C SER A 15 -9.05 -0.67 5.29
N ARG A 16 -9.64 0.52 5.17
CA ARG A 16 -9.60 1.26 3.92
C ARG A 16 -8.40 2.20 3.87
N THR A 17 -7.91 2.57 5.06
CA THR A 17 -6.76 3.47 5.17
C THR A 17 -5.51 2.72 5.59
N ALA A 18 -5.38 1.48 5.11
CA ALA A 18 -4.22 0.66 5.43
C ALA A 18 -3.09 0.88 4.44
N LEU A 19 -3.41 0.77 3.15
CA LEU A 19 -2.41 0.95 2.09
C LEU A 19 -1.74 2.31 2.22
N TYR A 20 -2.39 3.23 2.94
CA TYR A 20 -1.85 4.56 3.13
C TYR A 20 -1.05 4.65 4.42
N ASP A 21 -1.40 3.81 5.39
CA ASP A 21 -0.72 3.79 6.68
C ASP A 21 0.60 3.04 6.58
N LEU A 22 0.61 1.97 5.80
CA LEU A 22 1.81 1.15 5.61
C LEU A 22 2.96 2.01 5.10
N LEU A 23 2.65 2.91 4.17
CA LEU A 23 3.66 3.79 3.59
C LEU A 23 3.80 5.07 4.41
N GLY A 24 2.67 5.66 4.76
CA GLY A 24 2.69 6.89 5.55
C GLY A 24 2.30 8.11 4.73
N VAL A 25 1.61 7.86 3.61
CA VAL A 25 1.18 8.95 2.73
C VAL A 25 -0.31 9.23 2.90
N PRO A 26 -0.70 10.50 2.75
CA PRO A 26 -2.10 10.92 2.88
C PRO A 26 -2.97 10.43 1.72
N SER A 27 -4.28 10.55 1.87
CA SER A 27 -5.20 10.10 0.84
C SER A 27 -5.04 10.93 -0.42
N THR A 28 -4.45 12.11 -0.29
CA THR A 28 -4.24 13.00 -1.43
C THR A 28 -2.75 13.22 -1.67
N ALA A 29 -1.94 12.24 -1.29
CA ALA A 29 -0.50 12.32 -1.46
C ALA A 29 -0.14 12.51 -2.93
N THR A 30 1.15 12.58 -3.22
CA THR A 30 1.63 12.76 -4.59
C THR A 30 2.58 11.64 -4.99
N GLN A 31 2.69 11.42 -6.30
CA GLN A 31 3.57 10.37 -6.82
C GLN A 31 4.92 10.39 -6.11
N ALA A 32 5.40 11.59 -5.80
CA ALA A 32 6.69 11.73 -5.12
C ALA A 32 6.65 11.10 -3.74
N GLN A 33 5.54 11.29 -3.03
CA GLN A 33 5.38 10.73 -1.69
C GLN A 33 5.12 9.22 -1.75
N ILE A 34 3.97 8.86 -2.31
CA ILE A 34 3.60 7.45 -2.44
C ILE A 34 4.81 6.59 -2.81
N LYS A 35 5.68 7.15 -3.66
CA LYS A 35 6.87 6.44 -4.10
C LYS A 35 7.94 6.45 -3.02
N ALA A 36 8.42 7.65 -2.68
CA ALA A 36 9.45 7.80 -1.65
C ALA A 36 9.18 6.88 -0.46
N ALA A 37 7.91 6.79 -0.07
CA ALA A 37 7.52 5.95 1.05
C ALA A 37 7.87 4.49 0.79
N TYR A 38 7.28 3.93 -0.25
CA TYR A 38 7.52 2.53 -0.60
C TYR A 38 9.01 2.19 -0.49
N TYR A 39 9.85 3.15 -0.87
CA TYR A 39 11.30 2.97 -0.82
C TYR A 39 11.77 2.74 0.62
N ARG A 40 11.32 3.61 1.52
CA ARG A 40 11.69 3.50 2.93
C ARG A 40 11.36 2.12 3.48
N GLN A 41 10.24 1.57 3.02
CA GLN A 41 9.80 0.25 3.47
C GLN A 41 10.93 -0.77 3.36
N CYS A 42 11.49 -0.91 2.16
CA CYS A 42 12.58 -1.85 1.93
C CYS A 42 13.73 -1.60 2.90
N PHE A 43 14.12 -0.34 3.04
CA PHE A 43 15.21 0.02 3.94
C PHE A 43 14.99 -0.57 5.33
N LEU A 44 13.82 -0.30 5.91
CA LEU A 44 13.49 -0.81 7.23
C LEU A 44 13.82 -2.29 7.35
N TYR A 45 13.47 -3.05 6.32
CA TYR A 45 13.72 -4.49 6.31
C TYR A 45 14.74 -4.85 5.23
N HIS A 46 16.02 -4.62 5.53
CA HIS A 46 17.09 -4.91 4.59
C HIS A 46 17.23 -6.42 4.38
N PRO A 47 17.48 -6.82 3.12
CA PRO A 47 17.65 -8.23 2.77
C PRO A 47 18.93 -8.83 3.33
N ASP A 48 19.86 -7.97 3.72
CA ASP A 48 21.13 -8.42 4.28
C ASP A 48 20.97 -8.82 5.74
N ARG A 49 20.42 -7.92 6.54
CA ARG A 49 20.22 -8.17 7.96
C ARG A 49 19.22 -9.31 8.17
N ASN A 50 18.01 -9.14 7.65
CA ASN A 50 16.97 -10.15 7.78
C ASN A 50 17.15 -11.25 6.73
N SER A 51 18.38 -11.71 6.57
CA SER A 51 18.69 -12.75 5.60
C SER A 51 17.65 -13.87 5.65
N GLY A 52 17.37 -14.35 6.86
CA GLY A 52 16.39 -15.40 7.03
C GLY A 52 15.35 -15.08 8.07
N SER A 53 14.34 -14.31 7.68
CA SER A 53 13.27 -13.92 8.59
C SER A 53 11.92 -14.43 8.12
N ALA A 54 11.10 -14.89 9.06
CA ALA A 54 9.78 -15.41 8.73
C ALA A 54 8.71 -14.33 8.87
N GLU A 55 8.92 -13.42 9.82
CA GLU A 55 7.97 -12.33 10.05
C GLU A 55 8.05 -11.29 8.94
N ALA A 56 9.28 -11.00 8.50
CA ALA A 56 9.49 -10.03 7.44
C ALA A 56 8.69 -10.38 6.19
N ALA A 57 8.80 -11.63 5.76
CA ALA A 57 8.09 -12.09 4.57
C ALA A 57 6.69 -11.49 4.50
N GLU A 58 5.86 -11.82 5.49
CA GLU A 58 4.49 -11.31 5.53
C GLU A 58 4.45 -9.83 5.19
N ARG A 59 5.14 -9.03 5.99
CA ARG A 59 5.18 -7.59 5.78
C ARG A 59 5.47 -7.26 4.32
N PHE A 60 6.59 -7.77 3.82
CA PHE A 60 6.99 -7.54 2.44
C PHE A 60 5.80 -7.70 1.49
N THR A 61 5.06 -8.78 1.66
CA THR A 61 3.89 -9.04 0.81
C THR A 61 2.88 -7.91 0.91
N ARG A 62 2.54 -7.53 2.14
CA ARG A 62 1.58 -6.46 2.37
C ARG A 62 2.07 -5.15 1.75
N ILE A 63 3.28 -4.75 2.11
CA ILE A 63 3.87 -3.52 1.59
C ILE A 63 3.69 -3.43 0.08
N SER A 64 4.20 -4.41 -0.63
CA SER A 64 4.11 -4.44 -2.10
C SER A 64 2.70 -4.04 -2.54
N GLN A 65 1.69 -4.52 -1.83
CA GLN A 65 0.31 -4.21 -2.15
C GLN A 65 0.07 -2.70 -2.16
N ALA A 66 0.44 -2.05 -1.07
CA ALA A 66 0.27 -0.61 -0.93
C ALA A 66 0.74 0.11 -2.20
N TYR A 67 1.76 -0.45 -2.85
CA TYR A 67 2.30 0.14 -4.07
C TYR A 67 1.60 -0.43 -5.31
N VAL A 68 0.35 -0.84 -5.14
CA VAL A 68 -0.43 -1.40 -6.24
C VAL A 68 -1.70 -0.59 -6.47
N VAL A 69 -2.54 -0.51 -5.45
CA VAL A 69 -3.79 0.24 -5.54
C VAL A 69 -3.53 1.74 -5.65
N LEU A 70 -2.44 2.19 -5.05
CA LEU A 70 -2.08 3.60 -5.08
C LEU A 70 -1.05 3.88 -6.17
N GLY A 71 -0.24 2.87 -6.49
CA GLY A 71 0.77 3.02 -7.52
C GLY A 71 0.31 3.91 -8.66
N SER A 72 -0.90 3.68 -9.14
CA SER A 72 -1.46 4.46 -10.24
C SER A 72 -2.46 5.48 -9.72
N ALA A 73 -2.11 6.76 -9.84
CA ALA A 73 -2.99 7.84 -9.38
C ALA A 73 -4.45 7.47 -9.59
N THR A 74 -4.82 7.17 -10.83
CA THR A 74 -6.20 6.81 -11.16
C THR A 74 -6.78 5.88 -10.10
N LEU A 75 -6.21 4.69 -9.97
CA LEU A 75 -6.68 3.71 -9.00
C LEU A 75 -7.05 4.39 -7.69
N ARG A 76 -6.10 5.11 -7.12
CA ARG A 76 -6.32 5.81 -5.85
C ARG A 76 -7.68 6.52 -5.86
N ARG A 77 -7.84 7.47 -6.77
CA ARG A 77 -9.08 8.22 -6.88
C ARG A 77 -10.30 7.27 -6.86
N LYS A 78 -10.23 6.23 -7.69
CA LYS A 78 -11.31 5.26 -7.77
C LYS A 78 -11.69 4.74 -6.39
N TYR A 79 -10.72 4.14 -5.70
CA TYR A 79 -10.95 3.60 -4.37
C TYR A 79 -11.59 4.65 -3.46
N ASP A 80 -11.01 5.86 -3.46
CA ASP A 80 -11.52 6.94 -2.64
C ASP A 80 -13.04 7.04 -2.75
N ARG A 81 -13.55 6.91 -3.96
CA ARG A 81 -14.99 6.99 -4.20
C ARG A 81 -15.61 5.60 -4.18
N GLY A 82 -14.77 4.57 -4.27
CA GLY A 82 -15.26 3.21 -4.26
C GLY A 82 -15.55 2.69 -5.65
N LEU A 83 -14.99 3.36 -6.66
CA LEU A 83 -15.19 2.96 -8.05
C LEU A 83 -14.32 1.76 -8.41
N LEU A 84 -13.41 1.42 -7.51
CA LEU A 84 -12.51 0.29 -7.72
C LEU A 84 -13.19 -1.03 -7.33
N SER A 85 -12.83 -2.10 -8.04
CA SER A 85 -13.41 -3.41 -7.77
C SER A 85 -12.32 -4.45 -7.53
N ASP A 86 -12.67 -5.53 -6.85
CA ASP A 86 -11.73 -6.60 -6.56
C ASP A 86 -10.92 -6.97 -7.80
N GLU A 87 -11.56 -6.91 -8.96
CA GLU A 87 -10.91 -7.24 -10.22
C GLU A 87 -9.49 -6.65 -10.27
N ASP A 88 -9.32 -5.49 -9.65
CA ASP A 88 -8.03 -4.83 -9.62
C ASP A 88 -7.08 -5.52 -8.65
N LEU A 89 -7.53 -5.65 -7.39
CA LEU A 89 -6.73 -6.29 -6.36
C LEU A 89 -6.12 -7.60 -6.87
N ARG A 90 -6.97 -8.45 -7.46
CA ARG A 90 -6.53 -9.73 -7.98
C ARG A 90 -5.76 -9.54 -9.29
N GLY A 91 -6.04 -8.44 -9.99
CA GLY A 91 -5.36 -8.17 -11.24
C GLY A 91 -5.41 -9.34 -12.20
N PRO A 92 -4.47 -9.37 -13.15
CA PRO A 92 -4.39 -10.44 -14.15
C PRO A 92 -3.96 -11.77 -13.54
N GLY A 93 -3.81 -12.79 -14.39
CA GLY A 93 -3.40 -14.09 -13.92
C GLY A 93 -3.99 -15.22 -14.74
N SER A 94 -3.54 -16.44 -14.49
CA SER A 94 -4.03 -17.60 -15.21
C SER A 94 -5.53 -17.80 -14.97
N GLY A 95 -6.34 -17.33 -15.91
CA GLY A 95 -7.78 -17.47 -15.77
C GLY A 95 -8.39 -18.31 -16.87
N PRO A 96 -9.70 -18.14 -17.11
CA PRO A 96 -10.42 -18.89 -18.14
C PRO A 96 -10.01 -18.48 -19.55
N SER A 97 -9.86 -19.48 -20.43
CA SER A 97 -9.47 -19.22 -21.81
C SER A 97 -10.57 -19.64 -22.77
N SER A 98 -10.72 -18.89 -23.86
CA SER A 98 -11.74 -19.18 -24.86
C SER A 98 -11.62 -20.62 -25.35
N GLY A 99 -12.59 -21.04 -26.18
CA GLY A 99 -12.57 -22.39 -26.71
C GLY A 99 -13.43 -23.33 -25.90
N GLY A 1 -13.78 7.85 7.87
CA GLY A 1 -14.16 7.52 6.51
C GLY A 1 -15.65 7.67 6.27
N SER A 2 -16.38 6.55 6.34
CA SER A 2 -17.82 6.58 6.12
C SER A 2 -18.55 5.90 7.28
N SER A 3 -19.88 5.91 7.22
CA SER A 3 -20.69 5.30 8.27
C SER A 3 -20.11 3.96 8.70
N GLY A 4 -20.07 3.73 10.01
CA GLY A 4 -19.54 2.49 10.52
C GLY A 4 -20.30 1.98 11.73
N SER A 5 -19.97 0.78 12.18
CA SER A 5 -20.64 0.18 13.33
C SER A 5 -20.47 1.05 14.57
N SER A 6 -21.34 0.84 15.56
CA SER A 6 -21.29 1.61 16.79
C SER A 6 -20.73 0.76 17.93
N GLY A 7 -19.47 1.03 18.30
CA GLY A 7 -18.85 0.29 19.37
C GLY A 7 -18.14 1.19 20.37
N SER A 8 -16.82 1.05 20.46
CA SER A 8 -16.04 1.86 21.39
C SER A 8 -14.56 1.82 21.02
N GLN A 9 -13.82 2.82 21.47
CA GLN A 9 -12.39 2.91 21.19
C GLN A 9 -12.13 3.01 19.70
N GLY A 10 -12.86 3.91 19.04
CA GLY A 10 -12.70 4.10 17.62
C GLY A 10 -12.73 2.79 16.85
N ASP A 11 -13.93 2.26 16.64
CA ASP A 11 -14.09 1.00 15.92
C ASP A 11 -13.92 1.21 14.41
N CYS A 12 -13.70 0.12 13.69
CA CYS A 12 -13.50 0.18 12.25
C CYS A 12 -14.14 -1.03 11.56
N SER A 13 -14.61 -0.83 10.34
CA SER A 13 -15.25 -1.91 9.58
C SER A 13 -14.26 -2.55 8.62
N TYR A 14 -13.68 -1.74 7.74
CA TYR A 14 -12.71 -2.23 6.77
C TYR A 14 -11.56 -1.25 6.59
N SER A 15 -10.49 -1.70 5.96
CA SER A 15 -9.32 -0.86 5.73
C SER A 15 -9.50 0.00 4.49
N ARG A 16 -9.39 1.31 4.66
CA ARG A 16 -9.54 2.25 3.56
C ARG A 16 -8.29 3.10 3.38
N THR A 17 -7.58 3.34 4.49
CA THR A 17 -6.37 4.14 4.46
C THR A 17 -5.16 3.33 4.93
N ALA A 18 -5.38 2.05 5.20
CA ALA A 18 -4.32 1.17 5.66
C ALA A 18 -3.13 1.22 4.72
N LEU A 19 -3.40 1.08 3.42
CA LEU A 19 -2.35 1.11 2.41
C LEU A 19 -1.51 2.38 2.53
N TYR A 20 -2.02 3.35 3.27
CA TYR A 20 -1.33 4.61 3.47
C TYR A 20 -0.54 4.62 4.78
N ASP A 21 -0.92 3.71 5.68
CA ASP A 21 -0.26 3.61 6.98
C ASP A 21 0.96 2.70 6.89
N LEU A 22 0.90 1.72 5.97
CA LEU A 22 2.01 0.79 5.79
C LEU A 22 3.26 1.52 5.32
N LEU A 23 3.10 2.45 4.39
CA LEU A 23 4.22 3.21 3.86
C LEU A 23 4.63 4.32 4.83
N GLY A 24 3.66 5.07 5.32
CA GLY A 24 3.94 6.14 6.26
C GLY A 24 3.49 7.49 5.74
N VAL A 25 2.39 7.52 5.00
CA VAL A 25 1.86 8.75 4.44
C VAL A 25 0.37 8.88 4.70
N PRO A 26 -0.10 10.14 4.83
CA PRO A 26 -1.51 10.42 5.08
C PRO A 26 -2.39 10.12 3.87
N SER A 27 -3.70 10.30 4.03
CA SER A 27 -4.64 10.03 2.96
C SER A 27 -4.69 11.21 1.97
N THR A 28 -3.79 12.16 2.15
CA THR A 28 -3.72 13.33 1.29
C THR A 28 -2.41 13.36 0.50
N ALA A 29 -1.52 12.42 0.81
CA ALA A 29 -0.23 12.34 0.13
C ALA A 29 -0.41 12.13 -1.36
N THR A 30 0.62 12.45 -2.13
CA THR A 30 0.58 12.30 -3.59
C THR A 30 1.60 11.28 -4.06
N GLN A 31 1.62 11.04 -5.37
CA GLN A 31 2.56 10.08 -5.95
C GLN A 31 3.98 10.33 -5.45
N ALA A 32 4.37 11.61 -5.41
CA ALA A 32 5.70 11.97 -4.95
C ALA A 32 6.00 11.38 -3.57
N GLN A 33 5.02 11.49 -2.68
CA GLN A 33 5.17 10.96 -1.32
C GLN A 33 4.91 9.47 -1.28
N ILE A 34 3.69 9.08 -1.63
CA ILE A 34 3.31 7.67 -1.63
C ILE A 34 4.40 6.81 -2.26
N LYS A 35 5.22 7.43 -3.11
CA LYS A 35 6.31 6.73 -3.77
C LYS A 35 7.57 6.72 -2.91
N ALA A 36 8.04 7.91 -2.54
CA ALA A 36 9.22 8.03 -1.71
C ALA A 36 9.20 7.04 -0.55
N ALA A 37 8.01 6.79 -0.01
CA ALA A 37 7.85 5.87 1.10
C ALA A 37 8.12 4.44 0.66
N TYR A 38 7.41 3.98 -0.36
CA TYR A 38 7.59 2.63 -0.88
C TYR A 38 9.06 2.33 -1.14
N TYR A 39 9.86 3.38 -1.23
CA TYR A 39 11.29 3.23 -1.48
C TYR A 39 12.06 3.08 -0.17
N ARG A 40 11.58 3.74 0.88
CA ARG A 40 12.22 3.68 2.18
C ARG A 40 11.60 2.57 3.04
N GLN A 41 10.99 1.60 2.37
CA GLN A 41 10.36 0.48 3.08
C GLN A 41 11.00 -0.84 2.69
N CYS A 42 11.19 -1.04 1.40
CA CYS A 42 11.79 -2.28 0.89
C CYS A 42 13.19 -2.48 1.49
N PHE A 43 13.92 -1.38 1.65
CA PHE A 43 15.26 -1.44 2.21
C PHE A 43 15.23 -1.81 3.69
N LEU A 44 14.29 -1.22 4.42
CA LEU A 44 14.15 -1.48 5.84
C LEU A 44 13.90 -2.96 6.10
N TYR A 45 13.03 -3.56 5.29
CA TYR A 45 12.71 -4.97 5.42
C TYR A 45 13.33 -5.79 4.29
N HIS A 46 14.56 -5.43 3.92
CA HIS A 46 15.26 -6.13 2.85
C HIS A 46 15.34 -7.62 3.14
N PRO A 47 15.17 -8.43 2.09
CA PRO A 47 15.22 -9.89 2.20
C PRO A 47 16.64 -10.40 2.50
N ASP A 48 17.63 -9.58 2.22
CA ASP A 48 19.02 -9.95 2.46
C ASP A 48 19.33 -9.93 3.96
N ARG A 49 18.71 -9.01 4.67
CA ARG A 49 18.92 -8.89 6.11
C ARG A 49 18.21 -10.00 6.87
N ASN A 50 16.92 -10.19 6.55
CA ASN A 50 16.12 -11.22 7.20
C ASN A 50 16.47 -12.60 6.66
N SER A 51 16.66 -12.68 5.35
CA SER A 51 17.00 -13.95 4.70
C SER A 51 16.06 -15.06 5.15
N GLY A 52 14.76 -14.74 5.16
CA GLY A 52 13.76 -15.73 5.56
C GLY A 52 13.14 -15.39 6.91
N SER A 53 11.83 -15.20 6.91
CA SER A 53 11.10 -14.88 8.14
C SER A 53 9.61 -15.15 7.97
N ALA A 54 8.94 -15.38 9.10
CA ALA A 54 7.50 -15.65 9.09
C ALA A 54 6.70 -14.35 9.12
N GLU A 55 7.03 -13.48 10.07
CA GLU A 55 6.34 -12.21 10.20
C GLU A 55 6.85 -11.20 9.18
N ALA A 56 8.17 -11.10 9.05
CA ALA A 56 8.78 -10.17 8.12
C ALA A 56 8.32 -10.46 6.69
N ALA A 57 8.00 -11.72 6.41
CA ALA A 57 7.54 -12.11 5.08
C ALA A 57 6.16 -11.55 4.79
N GLU A 58 5.17 -11.97 5.58
CA GLU A 58 3.80 -11.51 5.40
C GLU A 58 3.74 -9.98 5.38
N ARG A 59 4.64 -9.35 6.14
CA ARG A 59 4.69 -7.90 6.20
C ARG A 59 5.37 -7.31 4.98
N PHE A 60 6.30 -8.07 4.41
CA PHE A 60 7.03 -7.63 3.23
C PHE A 60 6.11 -7.58 2.00
N THR A 61 5.34 -8.65 1.81
CA THR A 61 4.42 -8.74 0.69
C THR A 61 3.37 -7.64 0.75
N ARG A 62 2.84 -7.41 1.94
CA ARG A 62 1.82 -6.38 2.15
C ARG A 62 2.31 -5.02 1.66
N ILE A 63 3.50 -4.62 2.12
CA ILE A 63 4.07 -3.34 1.74
C ILE A 63 3.99 -3.14 0.23
N SER A 64 4.41 -4.15 -0.52
CA SER A 64 4.38 -4.09 -1.98
C SER A 64 2.98 -3.77 -2.49
N GLN A 65 1.98 -4.37 -1.84
CA GLN A 65 0.59 -4.15 -2.22
C GLN A 65 0.23 -2.67 -2.17
N ALA A 66 0.57 -2.02 -1.07
CA ALA A 66 0.29 -0.61 -0.90
C ALA A 66 0.84 0.21 -2.06
N TYR A 67 1.90 -0.30 -2.68
CA TYR A 67 2.52 0.39 -3.82
C TYR A 67 1.78 0.07 -5.11
N VAL A 68 0.57 -0.44 -4.99
CA VAL A 68 -0.24 -0.79 -6.15
C VAL A 68 -1.46 0.12 -6.27
N VAL A 69 -2.42 -0.08 -5.39
CA VAL A 69 -3.63 0.73 -5.39
C VAL A 69 -3.31 2.21 -5.32
N LEU A 70 -2.17 2.54 -4.74
CA LEU A 70 -1.73 3.92 -4.60
C LEU A 70 -0.62 4.24 -5.60
N GLY A 71 0.08 3.20 -6.04
CA GLY A 71 1.16 3.39 -6.99
C GLY A 71 0.77 4.25 -8.17
N SER A 72 -0.52 4.23 -8.51
CA SER A 72 -1.03 5.02 -9.63
C SER A 72 -1.95 6.13 -9.13
N ALA A 73 -2.18 7.12 -9.99
CA ALA A 73 -3.04 8.25 -9.65
C ALA A 73 -4.51 7.88 -9.81
N THR A 74 -4.84 7.27 -10.95
CA THR A 74 -6.22 6.88 -11.24
C THR A 74 -6.80 6.07 -10.09
N LEU A 75 -6.11 5.00 -9.70
CA LEU A 75 -6.55 4.14 -8.62
C LEU A 75 -6.91 4.96 -7.38
N ARG A 76 -5.93 5.72 -6.88
CA ARG A 76 -6.15 6.56 -5.70
C ARG A 76 -7.55 7.15 -5.71
N ARG A 77 -7.95 7.73 -6.83
CA ARG A 77 -9.26 8.34 -6.96
C ARG A 77 -10.35 7.26 -7.04
N LYS A 78 -10.10 6.23 -7.82
CA LYS A 78 -11.05 5.13 -7.97
C LYS A 78 -11.53 4.63 -6.61
N TYR A 79 -10.58 4.18 -5.79
CA TYR A 79 -10.91 3.67 -4.47
C TYR A 79 -11.89 4.59 -3.75
N ASP A 80 -11.80 5.89 -4.05
CA ASP A 80 -12.68 6.88 -3.44
C ASP A 80 -14.10 6.76 -3.99
N ARG A 81 -14.20 6.58 -5.30
CA ARG A 81 -15.50 6.45 -5.95
C ARG A 81 -15.99 5.00 -5.92
N GLY A 82 -15.20 4.13 -5.29
CA GLY A 82 -15.57 2.73 -5.20
C GLY A 82 -15.46 2.02 -6.52
N LEU A 83 -14.76 2.63 -7.48
CA LEU A 83 -14.58 2.05 -8.80
C LEU A 83 -13.55 0.92 -8.76
N LEU A 84 -12.74 0.90 -7.70
CA LEU A 84 -11.72 -0.12 -7.54
C LEU A 84 -12.30 -1.39 -6.93
N SER A 85 -12.19 -2.50 -7.65
CA SER A 85 -12.71 -3.78 -7.18
C SER A 85 -11.59 -4.80 -7.03
N ASP A 86 -11.87 -5.88 -6.30
CA ASP A 86 -10.89 -6.93 -6.08
C ASP A 86 -10.11 -7.22 -7.36
N GLU A 87 -10.78 -7.14 -8.49
CA GLU A 87 -10.15 -7.39 -9.78
C GLU A 87 -8.73 -6.84 -9.81
N ASP A 88 -8.57 -5.61 -9.32
CA ASP A 88 -7.28 -4.96 -9.29
C ASP A 88 -6.34 -5.67 -8.31
N LEU A 89 -6.84 -5.95 -7.12
CA LEU A 89 -6.05 -6.62 -6.09
C LEU A 89 -5.53 -7.97 -6.61
N ARG A 90 -6.45 -8.79 -7.11
CA ARG A 90 -6.08 -10.10 -7.63
C ARG A 90 -5.27 -9.97 -8.91
N GLY A 91 -5.54 -8.92 -9.67
CA GLY A 91 -4.83 -8.70 -10.92
C GLY A 91 -5.58 -9.25 -12.12
N PRO A 92 -5.01 -9.07 -13.32
CA PRO A 92 -5.60 -9.55 -14.57
C PRO A 92 -5.57 -11.08 -14.67
N GLY A 93 -6.73 -11.66 -14.97
CA GLY A 93 -6.82 -13.10 -15.10
C GLY A 93 -8.11 -13.55 -15.74
N SER A 94 -8.22 -13.36 -17.04
CA SER A 94 -9.43 -13.74 -17.78
C SER A 94 -9.10 -14.04 -19.24
N GLY A 95 -9.93 -14.86 -19.86
CA GLY A 95 -9.71 -15.22 -21.26
C GLY A 95 -10.05 -16.67 -21.54
N PRO A 96 -9.48 -17.20 -22.63
CA PRO A 96 -9.71 -18.60 -23.05
C PRO A 96 -9.06 -19.59 -22.09
N SER A 97 -8.26 -19.09 -21.16
CA SER A 97 -7.58 -19.93 -20.19
C SER A 97 -8.49 -21.05 -19.71
N SER A 98 -7.94 -22.26 -19.62
CA SER A 98 -8.71 -23.42 -19.17
C SER A 98 -8.38 -23.77 -17.72
N GLY A 99 -7.39 -23.07 -17.16
CA GLY A 99 -6.99 -23.32 -15.79
C GLY A 99 -5.70 -24.08 -15.70
N GLY A 1 -35.89 21.43 3.64
CA GLY A 1 -34.58 20.89 3.95
C GLY A 1 -33.68 21.89 4.65
N SER A 2 -32.52 21.43 5.11
CA SER A 2 -31.58 22.30 5.80
C SER A 2 -30.58 22.90 4.82
N SER A 3 -30.75 24.20 4.54
CA SER A 3 -29.87 24.90 3.62
C SER A 3 -28.48 25.09 4.23
N GLY A 4 -28.43 25.77 5.37
CA GLY A 4 -27.16 26.00 6.05
C GLY A 4 -26.50 24.72 6.51
N SER A 5 -25.32 24.85 7.09
CA SER A 5 -24.57 23.69 7.56
C SER A 5 -24.00 23.95 8.96
N SER A 6 -24.05 22.93 9.81
CA SER A 6 -23.54 23.05 11.18
C SER A 6 -22.04 22.78 11.22
N GLY A 7 -21.43 23.07 12.36
CA GLY A 7 -20.01 22.85 12.51
C GLY A 7 -19.67 21.96 13.70
N SER A 8 -19.62 20.66 13.47
CA SER A 8 -19.32 19.70 14.52
C SER A 8 -18.10 18.87 14.16
N GLN A 9 -17.19 18.71 15.12
CA GLN A 9 -15.98 17.93 14.91
C GLN A 9 -16.30 16.45 14.79
N GLY A 10 -15.29 15.65 14.43
CA GLY A 10 -15.48 14.22 14.28
C GLY A 10 -15.70 13.81 12.84
N ASP A 11 -16.90 13.31 12.54
CA ASP A 11 -17.23 12.88 11.20
C ASP A 11 -16.46 11.62 10.82
N CYS A 12 -16.33 10.70 11.77
CA CYS A 12 -15.62 9.45 11.55
C CYS A 12 -16.07 8.78 10.25
N SER A 13 -15.15 8.65 9.31
CA SER A 13 -15.46 8.03 8.02
C SER A 13 -14.52 6.88 7.73
N TYR A 14 -14.70 6.26 6.56
CA TYR A 14 -13.86 5.14 6.16
C TYR A 14 -12.39 5.39 6.52
N SER A 15 -11.64 4.30 6.67
CA SER A 15 -10.23 4.41 7.02
C SER A 15 -9.40 4.93 5.84
N ARG A 16 -9.38 4.16 4.76
CA ARG A 16 -8.64 4.54 3.57
C ARG A 16 -7.37 5.29 3.93
N THR A 17 -6.77 4.92 5.07
CA THR A 17 -5.55 5.56 5.53
C THR A 17 -4.44 4.53 5.77
N ALA A 18 -4.84 3.30 6.03
CA ALA A 18 -3.88 2.21 6.26
C ALA A 18 -2.82 2.18 5.16
N LEU A 19 -3.26 1.99 3.93
CA LEU A 19 -2.35 1.92 2.80
C LEU A 19 -1.40 3.12 2.80
N TYR A 20 -1.77 4.16 3.53
CA TYR A 20 -0.96 5.37 3.61
C TYR A 20 -0.05 5.33 4.84
N ASP A 21 -0.56 4.73 5.91
CA ASP A 21 0.20 4.63 7.16
C ASP A 21 1.37 3.66 7.00
N LEU A 22 1.21 2.69 6.11
CA LEU A 22 2.25 1.69 5.86
C LEU A 22 3.52 2.36 5.32
N LEU A 23 3.34 3.21 4.30
CA LEU A 23 4.47 3.91 3.70
C LEU A 23 4.94 5.05 4.59
N GLY A 24 4.01 5.83 5.10
CA GLY A 24 4.35 6.94 5.98
C GLY A 24 4.00 8.29 5.36
N VAL A 25 3.29 8.26 4.25
CA VAL A 25 2.88 9.49 3.56
C VAL A 25 1.46 9.88 3.95
N PRO A 26 1.18 11.19 3.91
CA PRO A 26 -0.14 11.72 4.25
C PRO A 26 -1.19 11.37 3.21
N SER A 27 -2.46 11.54 3.57
CA SER A 27 -3.57 11.23 2.67
C SER A 27 -3.55 12.16 1.45
N THR A 28 -2.83 13.27 1.59
CA THR A 28 -2.74 14.25 0.51
C THR A 28 -1.31 14.35 -0.02
N ALA A 29 -0.56 13.26 0.11
CA ALA A 29 0.81 13.21 -0.36
C ALA A 29 0.88 13.32 -1.88
N THR A 30 2.09 13.18 -2.42
CA THR A 30 2.29 13.26 -3.86
C THR A 30 3.03 12.03 -4.38
N GLN A 31 2.83 11.72 -5.66
CA GLN A 31 3.48 10.57 -6.27
C GLN A 31 4.94 10.46 -5.83
N ALA A 32 5.58 11.61 -5.67
CA ALA A 32 6.98 11.64 -5.24
C ALA A 32 7.15 11.01 -3.87
N GLN A 33 6.23 11.31 -2.97
CA GLN A 33 6.29 10.77 -1.61
C GLN A 33 5.89 9.29 -1.60
N ILE A 34 4.67 9.02 -2.05
CA ILE A 34 4.16 7.65 -2.09
C ILE A 34 5.21 6.70 -2.64
N LYS A 35 6.15 7.23 -3.40
CA LYS A 35 7.22 6.41 -3.97
C LYS A 35 8.44 6.39 -3.06
N ALA A 36 9.07 7.54 -2.88
CA ALA A 36 10.24 7.65 -2.02
C ALA A 36 10.04 6.88 -0.72
N ALA A 37 8.82 6.91 -0.20
CA ALA A 37 8.50 6.22 1.04
C ALA A 37 8.56 4.71 0.85
N TYR A 38 7.71 4.19 -0.03
CA TYR A 38 7.67 2.76 -0.30
C TYR A 38 9.07 2.17 -0.42
N TYR A 39 9.99 2.98 -0.94
CA TYR A 39 11.38 2.55 -1.11
C TYR A 39 11.99 2.17 0.24
N ARG A 40 11.68 2.96 1.26
CA ARG A 40 12.21 2.71 2.59
C ARG A 40 11.79 1.34 3.10
N GLN A 41 10.50 1.04 3.00
CA GLN A 41 9.97 -0.25 3.44
C GLN A 41 10.56 -1.39 2.62
N CYS A 42 10.42 -1.31 1.30
CA CYS A 42 10.93 -2.33 0.41
C CYS A 42 12.40 -2.65 0.73
N PHE A 43 13.16 -1.62 1.04
CA PHE A 43 14.58 -1.78 1.36
C PHE A 43 14.75 -2.40 2.75
N LEU A 44 13.89 -2.00 3.68
CA LEU A 44 13.94 -2.51 5.05
C LEU A 44 13.90 -4.03 5.06
N TYR A 45 12.83 -4.60 4.51
CA TYR A 45 12.67 -6.05 4.45
C TYR A 45 13.10 -6.60 3.10
N HIS A 46 14.39 -6.48 2.80
CA HIS A 46 14.92 -6.96 1.54
C HIS A 46 14.68 -8.46 1.38
N PRO A 47 14.34 -8.88 0.15
CA PRO A 47 14.07 -10.28 -0.17
C PRO A 47 15.33 -11.14 -0.12
N ASP A 48 16.49 -10.48 -0.08
CA ASP A 48 17.76 -11.18 -0.03
C ASP A 48 18.30 -11.24 1.39
N ARG A 49 18.02 -10.20 2.17
CA ARG A 49 18.47 -10.14 3.55
C ARG A 49 17.86 -11.27 4.38
N ASN A 50 16.56 -11.48 4.22
CA ASN A 50 15.86 -12.53 4.95
C ASN A 50 15.74 -13.79 4.10
N SER A 51 16.64 -14.74 4.33
CA SER A 51 16.64 -15.99 3.59
C SER A 51 15.25 -16.62 3.58
N GLY A 52 14.84 -17.18 4.71
CA GLY A 52 13.53 -17.80 4.80
C GLY A 52 12.75 -17.31 6.00
N SER A 53 12.15 -16.13 5.87
CA SER A 53 11.37 -15.54 6.96
C SER A 53 9.99 -16.19 7.03
N ALA A 54 9.37 -16.11 8.21
CA ALA A 54 8.05 -16.68 8.43
C ALA A 54 7.00 -15.59 8.59
N GLU A 55 7.35 -14.55 9.35
CA GLU A 55 6.43 -13.44 9.59
C GLU A 55 6.78 -12.24 8.72
N ALA A 56 8.08 -12.04 8.51
CA ALA A 56 8.56 -10.92 7.69
C ALA A 56 7.82 -10.85 6.36
N ALA A 57 7.50 -12.02 5.82
CA ALA A 57 6.78 -12.10 4.54
C ALA A 57 5.47 -11.33 4.61
N GLU A 58 4.61 -11.69 5.55
CA GLU A 58 3.32 -11.05 5.71
C GLU A 58 3.46 -9.52 5.58
N ARG A 59 4.23 -8.92 6.48
CA ARG A 59 4.44 -7.48 6.46
C ARG A 59 4.79 -7.01 5.05
N PHE A 60 5.98 -7.34 4.60
CA PHE A 60 6.43 -6.96 3.26
C PHE A 60 5.29 -7.06 2.25
N THR A 61 4.56 -8.17 2.30
CA THR A 61 3.46 -8.39 1.38
C THR A 61 2.41 -7.29 1.51
N ARG A 62 2.19 -6.82 2.73
CA ARG A 62 1.21 -5.77 2.99
C ARG A 62 1.67 -4.45 2.37
N ILE A 63 2.95 -4.13 2.55
CA ILE A 63 3.51 -2.89 2.00
C ILE A 63 3.24 -2.78 0.51
N SER A 64 3.77 -3.73 -0.26
CA SER A 64 3.58 -3.74 -1.70
C SER A 64 2.16 -3.29 -2.07
N GLN A 65 1.17 -3.90 -1.43
CA GLN A 65 -0.22 -3.57 -1.69
C GLN A 65 -0.43 -2.06 -1.69
N ALA A 66 0.16 -1.39 -0.71
CA ALA A 66 0.03 0.06 -0.59
C ALA A 66 0.59 0.76 -1.83
N TYR A 67 1.59 0.13 -2.45
CA TYR A 67 2.21 0.69 -3.64
C TYR A 67 1.46 0.29 -4.90
N VAL A 68 0.20 -0.12 -4.72
CA VAL A 68 -0.63 -0.53 -5.85
C VAL A 68 -1.86 0.36 -5.98
N VAL A 69 -2.76 0.27 -5.00
CA VAL A 69 -3.97 1.07 -5.00
C VAL A 69 -3.65 2.56 -5.08
N LEU A 70 -2.54 2.95 -4.47
CA LEU A 70 -2.12 4.35 -4.48
C LEU A 70 -1.11 4.62 -5.60
N GLY A 71 -0.42 3.56 -6.02
CA GLY A 71 0.56 3.70 -7.08
C GLY A 71 0.10 4.63 -8.19
N SER A 72 -1.21 4.65 -8.43
CA SER A 72 -1.78 5.49 -9.46
C SER A 72 -2.87 6.40 -8.90
N ALA A 73 -2.79 7.69 -9.22
CA ALA A 73 -3.77 8.66 -8.75
C ALA A 73 -5.19 8.21 -9.08
N THR A 74 -5.39 7.70 -10.28
CA THR A 74 -6.70 7.24 -10.72
C THR A 74 -7.20 6.10 -9.83
N LEU A 75 -6.47 5.00 -9.81
CA LEU A 75 -6.83 3.85 -9.00
C LEU A 75 -7.49 4.28 -7.70
N ARG A 76 -6.87 5.24 -7.01
CA ARG A 76 -7.39 5.74 -5.75
C ARG A 76 -8.87 6.11 -5.88
N ARG A 77 -9.18 6.91 -6.89
CA ARG A 77 -10.55 7.35 -7.14
C ARG A 77 -11.48 6.15 -7.24
N LYS A 78 -11.04 5.12 -7.96
CA LYS A 78 -11.84 3.92 -8.15
C LYS A 78 -12.21 3.30 -6.80
N TYR A 79 -11.21 2.84 -6.06
CA TYR A 79 -11.44 2.23 -4.76
C TYR A 79 -12.34 3.10 -3.90
N ASP A 80 -12.15 4.42 -4.01
CA ASP A 80 -12.95 5.37 -3.23
C ASP A 80 -14.44 5.12 -3.45
N ARG A 81 -14.82 4.91 -4.70
CA ARG A 81 -16.23 4.66 -5.04
C ARG A 81 -16.53 3.16 -5.07
N GLY A 82 -15.64 2.38 -4.48
CA GLY A 82 -15.82 0.94 -4.44
C GLY A 82 -15.76 0.32 -5.82
N LEU A 83 -14.96 0.91 -6.71
CA LEU A 83 -14.82 0.41 -8.07
C LEU A 83 -13.63 -0.54 -8.17
N LEU A 84 -12.65 -0.35 -7.29
CA LEU A 84 -11.46 -1.20 -7.28
C LEU A 84 -11.79 -2.60 -6.82
N SER A 85 -11.50 -3.59 -7.65
CA SER A 85 -11.77 -4.99 -7.32
C SER A 85 -10.46 -5.77 -7.18
N ASP A 86 -10.56 -6.96 -6.57
CA ASP A 86 -9.39 -7.80 -6.38
C ASP A 86 -8.69 -8.08 -7.71
N GLU A 87 -9.38 -7.79 -8.80
CA GLU A 87 -8.83 -8.02 -10.14
C GLU A 87 -7.76 -6.98 -10.47
N ASP A 88 -7.93 -5.78 -9.92
CA ASP A 88 -6.97 -4.71 -10.16
C ASP A 88 -5.84 -4.74 -9.14
N LEU A 89 -6.19 -5.00 -7.89
CA LEU A 89 -5.19 -5.08 -6.82
C LEU A 89 -4.01 -5.95 -7.23
N ARG A 90 -4.30 -7.03 -7.96
CA ARG A 90 -3.26 -7.94 -8.41
C ARG A 90 -2.44 -7.31 -9.54
N GLY A 91 -3.12 -6.54 -10.39
CA GLY A 91 -2.45 -5.90 -11.50
C GLY A 91 -2.48 -6.74 -12.76
N PRO A 92 -3.58 -6.64 -13.52
CA PRO A 92 -3.76 -7.39 -14.76
C PRO A 92 -2.84 -6.90 -15.88
N GLY A 93 -2.55 -5.60 -15.86
CA GLY A 93 -1.67 -5.03 -16.88
C GLY A 93 -1.70 -3.52 -16.87
N SER A 94 -0.52 -2.91 -16.91
CA SER A 94 -0.41 -1.46 -16.91
C SER A 94 -0.24 -0.91 -18.33
N GLY A 95 -1.21 -0.11 -18.76
CA GLY A 95 -1.15 0.44 -20.10
C GLY A 95 -1.34 -0.59 -21.18
N PRO A 96 -1.83 -0.16 -22.35
CA PRO A 96 -2.07 -1.06 -23.49
C PRO A 96 -0.78 -1.55 -24.12
N SER A 97 -0.77 -2.81 -24.57
CA SER A 97 0.41 -3.39 -25.18
C SER A 97 1.01 -2.45 -26.22
N SER A 98 2.23 -1.99 -25.96
CA SER A 98 2.91 -1.07 -26.87
C SER A 98 3.33 -1.79 -28.14
N GLY A 99 3.65 -1.01 -29.17
CA GLY A 99 4.06 -1.59 -30.44
C GLY A 99 5.49 -1.24 -30.80
N GLY A 1 12.45 14.13 5.05
CA GLY A 1 11.18 13.51 5.33
C GLY A 1 10.68 13.79 6.74
N SER A 2 9.40 13.54 6.97
CA SER A 2 8.81 13.77 8.29
C SER A 2 7.67 12.78 8.55
N SER A 3 7.40 12.55 9.82
CA SER A 3 6.33 11.61 10.21
C SER A 3 5.79 11.97 11.59
N GLY A 4 4.55 11.55 11.86
CA GLY A 4 3.93 11.83 13.14
C GLY A 4 2.60 11.12 13.31
N SER A 5 2.57 10.09 14.13
CA SER A 5 1.35 9.33 14.37
C SER A 5 1.52 8.38 15.54
N SER A 6 0.58 8.41 16.47
CA SER A 6 0.62 7.54 17.65
C SER A 6 -0.78 7.10 18.06
N GLY A 7 -0.85 6.14 18.98
CA GLY A 7 -2.14 5.64 19.43
C GLY A 7 -2.82 4.77 18.40
N SER A 8 -3.11 3.52 18.77
CA SER A 8 -3.76 2.59 17.88
C SER A 8 -4.53 1.52 18.65
N GLN A 9 -5.53 0.94 18.01
CA GLN A 9 -6.35 -0.09 18.65
C GLN A 9 -7.00 -0.98 17.60
N GLY A 10 -7.27 -2.23 17.98
CA GLY A 10 -7.89 -3.17 17.06
C GLY A 10 -9.39 -2.97 16.96
N ASP A 11 -9.89 -2.87 15.73
CA ASP A 11 -11.31 -2.67 15.48
C ASP A 11 -11.67 -3.00 14.04
N CYS A 12 -12.40 -4.09 13.84
CA CYS A 12 -12.80 -4.51 12.51
C CYS A 12 -13.44 -3.36 11.75
N SER A 13 -12.65 -2.69 10.91
CA SER A 13 -13.14 -1.57 10.13
C SER A 13 -12.45 -1.52 8.77
N TYR A 14 -13.21 -1.11 7.75
CA TYR A 14 -12.67 -1.02 6.40
C TYR A 14 -11.21 -0.59 6.40
N SER A 15 -10.46 -1.02 5.39
CA SER A 15 -9.05 -0.68 5.29
C SER A 15 -8.81 0.32 4.15
N ARG A 16 -8.93 1.61 4.49
CA ARG A 16 -8.73 2.66 3.50
C ARG A 16 -7.50 3.49 3.84
N THR A 17 -7.48 4.03 5.06
CA THR A 17 -6.36 4.85 5.52
C THR A 17 -5.20 3.99 5.99
N ALA A 18 -5.22 2.71 5.61
CA ALA A 18 -4.16 1.79 6.00
C ALA A 18 -2.98 1.87 5.04
N LEU A 19 -3.25 1.68 3.75
CA LEU A 19 -2.20 1.73 2.74
C LEU A 19 -1.26 2.91 2.98
N TYR A 20 -1.81 3.98 3.56
CA TYR A 20 -1.02 5.18 3.85
C TYR A 20 -0.15 4.97 5.08
N ASP A 21 -0.66 4.21 6.04
CA ASP A 21 0.07 3.93 7.28
C ASP A 21 1.26 3.01 7.01
N LEU A 22 1.03 1.97 6.20
CA LEU A 22 2.08 1.03 5.87
C LEU A 22 3.33 1.75 5.37
N LEU A 23 3.14 2.70 4.46
CA LEU A 23 4.26 3.46 3.91
C LEU A 23 4.64 4.61 4.84
N GLY A 24 3.68 5.50 5.11
CA GLY A 24 3.93 6.62 5.98
C GLY A 24 3.68 7.95 5.29
N VAL A 25 2.78 7.95 4.32
CA VAL A 25 2.46 9.17 3.58
C VAL A 25 1.07 9.68 3.94
N PRO A 26 0.87 11.00 3.81
CA PRO A 26 -0.41 11.64 4.13
C PRO A 26 -1.49 11.29 3.13
N SER A 27 -2.75 11.49 3.51
CA SER A 27 -3.88 11.19 2.65
C SER A 27 -3.81 12.00 1.36
N THR A 28 -2.99 13.05 1.37
CA THR A 28 -2.83 13.91 0.21
C THR A 28 -1.37 13.98 -0.23
N ALA A 29 -0.64 12.89 -0.03
CA ALA A 29 0.76 12.82 -0.41
C ALA A 29 0.94 13.05 -1.91
N THR A 30 2.18 12.98 -2.37
CA THR A 30 2.48 13.18 -3.78
C THR A 30 3.26 11.99 -4.35
N GLN A 31 3.27 11.89 -5.67
CA GLN A 31 3.98 10.79 -6.34
C GLN A 31 5.41 10.66 -5.82
N ALA A 32 6.06 11.80 -5.61
CA ALA A 32 7.43 11.82 -5.11
C ALA A 32 7.53 11.09 -3.78
N GLN A 33 6.56 11.33 -2.90
CA GLN A 33 6.55 10.70 -1.58
C GLN A 33 6.08 9.24 -1.69
N ILE A 34 4.81 9.07 -2.08
CA ILE A 34 4.24 7.73 -2.21
C ILE A 34 5.27 6.75 -2.77
N LYS A 35 6.06 7.21 -3.73
CA LYS A 35 7.07 6.37 -4.36
C LYS A 35 8.27 6.20 -3.43
N ALA A 36 8.83 7.32 -2.97
CA ALA A 36 9.98 7.28 -2.07
C ALA A 36 9.73 6.34 -0.89
N ALA A 37 8.49 6.32 -0.42
CA ALA A 37 8.12 5.47 0.70
C ALA A 37 8.29 3.99 0.35
N TYR A 38 7.53 3.53 -0.65
CA TYR A 38 7.60 2.15 -1.08
C TYR A 38 9.04 1.68 -1.21
N TYR A 39 9.93 2.60 -1.58
CA TYR A 39 11.34 2.28 -1.74
C TYR A 39 12.00 2.04 -0.39
N ARG A 40 12.15 3.12 0.39
CA ARG A 40 12.77 3.03 1.70
C ARG A 40 12.25 1.82 2.47
N GLN A 41 10.99 1.47 2.23
CA GLN A 41 10.37 0.33 2.90
C GLN A 41 11.17 -0.94 2.67
N CYS A 42 11.53 -1.20 1.41
CA CYS A 42 12.30 -2.38 1.06
C CYS A 42 13.58 -2.46 1.89
N PHE A 43 14.25 -1.32 2.04
CA PHE A 43 15.50 -1.26 2.81
C PHE A 43 15.28 -1.74 4.23
N LEU A 44 14.34 -1.12 4.93
CA LEU A 44 14.03 -1.50 6.31
C LEU A 44 14.09 -3.01 6.49
N TYR A 45 13.45 -3.73 5.57
CA TYR A 45 13.43 -5.18 5.63
C TYR A 45 14.34 -5.80 4.56
N HIS A 46 15.60 -5.98 4.90
CA HIS A 46 16.57 -6.55 3.97
C HIS A 46 16.28 -8.02 3.72
N PRO A 47 16.44 -8.46 2.46
CA PRO A 47 16.20 -9.85 2.05
C PRO A 47 17.25 -10.80 2.62
N ASP A 48 18.51 -10.41 2.53
CA ASP A 48 19.61 -11.24 3.03
C ASP A 48 19.46 -11.48 4.53
N ARG A 49 19.26 -10.40 5.28
CA ARG A 49 19.11 -10.48 6.72
C ARG A 49 18.04 -11.51 7.09
N ASN A 50 16.86 -11.37 6.50
CA ASN A 50 15.76 -12.29 6.76
C ASN A 50 15.53 -13.23 5.59
N SER A 51 16.09 -14.43 5.68
CA SER A 51 15.95 -15.43 4.62
C SER A 51 14.63 -16.18 4.76
N GLY A 52 13.56 -15.57 4.27
CA GLY A 52 12.25 -16.20 4.35
C GLY A 52 11.69 -16.20 5.75
N SER A 53 11.60 -15.03 6.36
CA SER A 53 11.08 -14.89 7.72
C SER A 53 9.56 -14.93 7.71
N ALA A 54 8.99 -15.39 8.82
CA ALA A 54 7.54 -15.47 8.95
C ALA A 54 6.94 -14.12 9.32
N GLU A 55 7.60 -13.41 10.22
CA GLU A 55 7.14 -12.11 10.65
C GLU A 55 7.30 -11.07 9.54
N ALA A 56 8.45 -11.09 8.89
CA ALA A 56 8.74 -10.16 7.80
C ALA A 56 8.19 -10.68 6.48
N ALA A 57 7.28 -11.65 6.56
CA ALA A 57 6.69 -12.23 5.37
C ALA A 57 5.36 -11.58 5.03
N GLU A 58 4.39 -11.72 5.94
CA GLU A 58 3.07 -11.14 5.75
C GLU A 58 3.17 -9.65 5.42
N ARG A 59 3.91 -8.92 6.24
CA ARG A 59 4.08 -7.49 6.04
C ARG A 59 4.58 -7.20 4.63
N PHE A 60 5.71 -7.79 4.27
CA PHE A 60 6.29 -7.59 2.94
C PHE A 60 5.21 -7.65 1.86
N THR A 61 4.32 -8.63 1.98
CA THR A 61 3.25 -8.81 1.02
C THR A 61 2.29 -7.61 1.04
N ARG A 62 1.99 -7.12 2.23
CA ARG A 62 1.09 -5.99 2.38
C ARG A 62 1.70 -4.72 1.80
N ILE A 63 2.91 -4.40 2.25
CA ILE A 63 3.61 -3.21 1.77
C ILE A 63 3.43 -3.03 0.27
N SER A 64 3.63 -4.11 -0.47
CA SER A 64 3.49 -4.08 -1.92
C SER A 64 2.14 -3.49 -2.33
N GLN A 65 1.07 -4.05 -1.77
CA GLN A 65 -0.28 -3.58 -2.06
C GLN A 65 -0.35 -2.06 -2.03
N ALA A 66 0.19 -1.47 -0.96
CA ALA A 66 0.18 -0.02 -0.80
C ALA A 66 0.73 0.66 -2.04
N TYR A 67 1.67 0.01 -2.71
CA TYR A 67 2.28 0.55 -3.92
C TYR A 67 1.51 0.12 -5.17
N VAL A 68 0.22 -0.14 -4.99
CA VAL A 68 -0.63 -0.56 -6.11
C VAL A 68 -1.87 0.32 -6.21
N VAL A 69 -2.69 0.30 -5.17
CA VAL A 69 -3.91 1.10 -5.13
C VAL A 69 -3.59 2.59 -5.17
N LEU A 70 -2.54 2.97 -4.48
CA LEU A 70 -2.12 4.38 -4.44
C LEU A 70 -1.16 4.70 -5.56
N GLY A 71 -0.40 3.69 -5.99
CA GLY A 71 0.55 3.88 -7.06
C GLY A 71 0.00 4.72 -8.20
N SER A 72 -1.32 4.71 -8.35
CA SER A 72 -1.98 5.47 -9.40
C SER A 72 -3.13 6.28 -8.84
N ALA A 73 -3.10 7.59 -9.07
CA ALA A 73 -4.15 8.48 -8.58
C ALA A 73 -5.53 7.91 -8.90
N THR A 74 -5.83 7.77 -10.18
CA THR A 74 -7.12 7.25 -10.62
C THR A 74 -7.64 6.18 -9.65
N LEU A 75 -6.86 5.12 -9.51
CA LEU A 75 -7.24 4.02 -8.61
C LEU A 75 -7.82 4.56 -7.31
N ARG A 76 -7.01 5.29 -6.56
CA ARG A 76 -7.45 5.86 -5.29
C ARG A 76 -8.90 6.34 -5.39
N ARG A 77 -9.19 7.16 -6.40
CA ARG A 77 -10.53 7.68 -6.59
C ARG A 77 -11.52 6.55 -6.88
N LYS A 78 -11.06 5.55 -7.62
CA LYS A 78 -11.89 4.41 -7.98
C LYS A 78 -12.36 3.67 -6.72
N TYR A 79 -11.40 3.18 -5.94
CA TYR A 79 -11.71 2.45 -4.72
C TYR A 79 -12.72 3.22 -3.87
N ASP A 80 -12.57 4.54 -3.84
CA ASP A 80 -13.47 5.40 -3.06
C ASP A 80 -14.92 5.16 -3.45
N ARG A 81 -15.18 5.14 -4.76
CA ARG A 81 -16.52 4.93 -5.27
C ARG A 81 -16.78 3.44 -5.51
N GLY A 82 -15.87 2.60 -5.05
CA GLY A 82 -16.01 1.16 -5.23
C GLY A 82 -15.81 0.74 -6.67
N LEU A 83 -15.17 1.59 -7.45
CA LEU A 83 -14.91 1.30 -8.86
C LEU A 83 -13.74 0.33 -9.01
N LEU A 84 -12.88 0.30 -8.00
CA LEU A 84 -11.72 -0.59 -8.01
C LEU A 84 -12.10 -2.01 -7.63
N SER A 85 -11.74 -2.96 -8.47
CA SER A 85 -12.05 -4.37 -8.22
C SER A 85 -10.78 -5.17 -7.96
N ASP A 86 -10.93 -6.30 -7.27
CA ASP A 86 -9.80 -7.16 -6.97
C ASP A 86 -8.85 -7.27 -8.16
N GLU A 87 -9.41 -7.51 -9.34
CA GLU A 87 -8.63 -7.63 -10.56
C GLU A 87 -7.47 -6.65 -10.55
N ASP A 88 -7.73 -5.42 -10.12
CA ASP A 88 -6.71 -4.38 -10.07
C ASP A 88 -5.69 -4.68 -8.97
N LEU A 89 -6.18 -4.90 -7.76
CA LEU A 89 -5.31 -5.19 -6.62
C LEU A 89 -4.22 -6.17 -7.02
N ARG A 90 -4.61 -7.32 -7.54
CA ARG A 90 -3.67 -8.34 -7.96
C ARG A 90 -2.81 -7.84 -9.12
N GLY A 91 -3.46 -7.23 -10.11
CA GLY A 91 -2.74 -6.72 -11.25
C GLY A 91 -3.36 -7.15 -12.57
N PRO A 92 -2.83 -6.62 -13.69
CA PRO A 92 -3.32 -6.94 -15.03
C PRO A 92 -2.99 -8.38 -15.44
N GLY A 93 -2.23 -9.07 -14.59
CA GLY A 93 -1.85 -10.43 -14.88
C GLY A 93 -0.44 -10.56 -15.41
N SER A 94 -0.16 -11.64 -16.13
CA SER A 94 1.17 -11.86 -16.68
C SER A 94 1.10 -12.79 -17.89
N GLY A 95 1.91 -12.49 -18.91
CA GLY A 95 1.92 -13.30 -20.11
C GLY A 95 3.25 -14.00 -20.32
N PRO A 96 3.21 -15.22 -20.88
CA PRO A 96 4.42 -16.01 -21.15
C PRO A 96 5.27 -15.41 -22.26
N SER A 97 6.43 -16.02 -22.49
CA SER A 97 7.34 -15.55 -23.53
C SER A 97 6.97 -16.14 -24.89
N SER A 98 7.59 -15.62 -25.95
CA SER A 98 7.33 -16.10 -27.29
C SER A 98 8.49 -16.93 -27.82
N GLY A 99 8.18 -18.15 -28.25
CA GLY A 99 9.21 -19.04 -28.77
C GLY A 99 8.78 -20.49 -28.77
N GLY A 1 13.63 14.87 23.16
CA GLY A 1 12.75 13.88 22.56
C GLY A 1 13.46 12.99 21.56
N SER A 2 14.45 12.26 22.04
CA SER A 2 15.22 11.36 21.19
C SER A 2 14.38 10.18 20.74
N SER A 3 13.59 10.39 19.69
CA SER A 3 12.72 9.35 19.16
C SER A 3 12.05 8.57 20.29
N GLY A 4 11.51 9.30 21.26
CA GLY A 4 10.84 8.67 22.38
C GLY A 4 9.53 9.34 22.73
N SER A 5 9.35 9.68 24.00
CA SER A 5 8.13 10.33 24.46
C SER A 5 6.91 9.72 23.76
N SER A 6 6.91 8.40 23.63
CA SER A 6 5.80 7.70 22.99
C SER A 6 4.74 7.32 24.01
N GLY A 7 3.62 6.79 23.52
CA GLY A 7 2.54 6.39 24.40
C GLY A 7 1.18 6.50 23.74
N SER A 8 1.00 5.80 22.62
CA SER A 8 -0.26 5.83 21.89
C SER A 8 -0.52 4.49 21.22
N GLN A 9 -1.71 4.35 20.63
CA GLN A 9 -2.09 3.11 19.97
C GLN A 9 -2.95 3.39 18.74
N GLY A 10 -3.01 2.42 17.83
CA GLY A 10 -3.80 2.60 16.62
C GLY A 10 -4.53 1.33 16.22
N ASP A 11 -5.43 0.86 17.08
CA ASP A 11 -6.20 -0.35 16.81
C ASP A 11 -7.62 0.00 16.38
N CYS A 12 -7.91 -0.20 15.10
CA CYS A 12 -9.23 0.08 14.56
C CYS A 12 -9.70 -1.04 13.63
N SER A 13 -10.98 -0.99 13.26
CA SER A 13 -11.55 -2.00 12.39
C SER A 13 -11.37 -1.62 10.92
N TYR A 14 -11.94 -0.47 10.55
CA TYR A 14 -11.85 0.00 9.18
C TYR A 14 -10.40 0.30 8.80
N SER A 15 -9.88 -0.43 7.82
CA SER A 15 -8.51 -0.24 7.36
C SER A 15 -8.46 0.67 6.14
N ARG A 16 -9.59 1.31 5.85
CA ARG A 16 -9.67 2.21 4.71
C ARG A 16 -8.40 3.06 4.58
N THR A 17 -7.82 3.41 5.73
CA THR A 17 -6.61 4.22 5.75
C THR A 17 -5.41 3.39 6.19
N ALA A 18 -5.19 2.27 5.53
CA ALA A 18 -4.07 1.39 5.86
C ALA A 18 -2.92 1.59 4.87
N LEU A 19 -3.20 1.39 3.60
CA LEU A 19 -2.18 1.54 2.55
C LEU A 19 -1.36 2.80 2.78
N TYR A 20 -1.96 3.79 3.44
CA TYR A 20 -1.29 5.05 3.73
C TYR A 20 -0.40 4.93 4.96
N ASP A 21 -0.86 4.17 5.95
CA ASP A 21 -0.11 3.97 7.18
C ASP A 21 1.16 3.17 6.92
N LEU A 22 1.02 2.08 6.19
CA LEU A 22 2.17 1.23 5.86
C LEU A 22 3.36 2.07 5.42
N LEU A 23 3.14 2.94 4.44
CA LEU A 23 4.21 3.80 3.93
C LEU A 23 4.45 4.97 4.88
N GLY A 24 3.37 5.49 5.46
CA GLY A 24 3.49 6.61 6.37
C GLY A 24 3.21 7.94 5.70
N VAL A 25 2.31 7.93 4.72
CA VAL A 25 1.95 9.14 4.01
C VAL A 25 0.54 9.60 4.35
N PRO A 26 0.30 10.92 4.26
CA PRO A 26 -1.00 11.50 4.56
C PRO A 26 -2.06 11.15 3.51
N SER A 27 -3.31 11.46 3.81
CA SER A 27 -4.41 11.18 2.89
C SER A 27 -4.29 12.02 1.62
N THR A 28 -3.57 13.13 1.71
CA THR A 28 -3.38 14.01 0.58
C THR A 28 -1.92 14.01 0.11
N ALA A 29 -1.22 12.91 0.40
CA ALA A 29 0.18 12.77 0.01
C ALA A 29 0.34 12.94 -1.50
N THR A 30 1.57 13.17 -1.94
CA THR A 30 1.86 13.34 -3.36
C THR A 30 2.65 12.17 -3.90
N GLN A 31 2.68 12.04 -5.23
CA GLN A 31 3.40 10.96 -5.88
C GLN A 31 4.88 10.98 -5.48
N ALA A 32 5.37 12.14 -5.10
CA ALA A 32 6.76 12.29 -4.69
C ALA A 32 7.01 11.63 -3.34
N GLN A 33 6.00 11.66 -2.47
CA GLN A 33 6.12 11.06 -1.15
C GLN A 33 5.77 9.58 -1.19
N ILE A 34 4.57 9.27 -1.68
CA ILE A 34 4.12 7.89 -1.78
C ILE A 34 5.23 6.99 -2.33
N LYS A 35 6.02 7.53 -3.25
CA LYS A 35 7.11 6.79 -3.85
C LYS A 35 8.28 6.64 -2.89
N ALA A 36 8.71 7.75 -2.30
CA ALA A 36 9.81 7.73 -1.35
C ALA A 36 9.54 6.77 -0.21
N ALA A 37 8.28 6.74 0.25
CA ALA A 37 7.89 5.87 1.35
C ALA A 37 8.02 4.40 0.95
N TYR A 38 7.40 4.04 -0.17
CA TYR A 38 7.45 2.66 -0.67
C TYR A 38 8.88 2.16 -0.75
N TYR A 39 9.70 2.86 -1.54
CA TYR A 39 11.09 2.48 -1.72
C TYR A 39 11.74 2.14 -0.37
N ARG A 40 11.47 2.98 0.62
CA ARG A 40 12.04 2.77 1.96
C ARG A 40 11.56 1.45 2.54
N GLN A 41 10.27 1.16 2.42
CA GLN A 41 9.70 -0.07 2.94
C GLN A 41 10.56 -1.27 2.55
N CYS A 42 10.88 -1.37 1.28
CA CYS A 42 11.70 -2.47 0.77
C CYS A 42 13.04 -2.52 1.50
N PHE A 43 13.72 -1.39 1.56
CA PHE A 43 15.02 -1.30 2.22
C PHE A 43 14.93 -1.84 3.66
N LEU A 44 13.96 -1.33 4.40
CA LEU A 44 13.77 -1.74 5.79
C LEU A 44 13.63 -3.26 5.89
N TYR A 45 12.83 -3.83 4.99
CA TYR A 45 12.60 -5.27 4.96
C TYR A 45 13.28 -5.92 3.76
N HIS A 46 14.50 -5.47 3.47
CA HIS A 46 15.25 -6.01 2.34
C HIS A 46 15.10 -7.53 2.25
N PRO A 47 14.99 -8.04 1.02
CA PRO A 47 14.84 -9.48 0.77
C PRO A 47 16.11 -10.25 1.07
N ASP A 48 17.15 -9.54 1.47
CA ASP A 48 18.43 -10.16 1.79
C ASP A 48 18.55 -10.39 3.30
N ARG A 49 18.47 -9.31 4.07
CA ARG A 49 18.57 -9.40 5.51
C ARG A 49 17.69 -10.52 6.07
N ASN A 50 16.40 -10.43 5.79
CA ASN A 50 15.45 -11.43 6.25
C ASN A 50 15.57 -12.72 5.43
N SER A 51 16.37 -13.65 5.93
CA SER A 51 16.58 -14.93 5.25
C SER A 51 15.49 -15.92 5.61
N GLY A 52 14.52 -16.07 4.71
CA GLY A 52 13.42 -17.00 4.95
C GLY A 52 12.72 -16.73 6.26
N SER A 53 11.98 -15.62 6.31
CA SER A 53 11.25 -15.24 7.52
C SER A 53 9.77 -15.55 7.38
N ALA A 54 9.15 -15.97 8.47
CA ALA A 54 7.73 -16.30 8.47
C ALA A 54 6.87 -15.02 8.45
N GLU A 55 7.18 -14.10 9.36
CA GLU A 55 6.44 -12.84 9.45
C GLU A 55 6.84 -11.90 8.32
N ALA A 56 8.14 -11.64 8.20
CA ALA A 56 8.64 -10.75 7.17
C ALA A 56 7.94 -10.99 5.84
N ALA A 57 7.81 -12.26 5.46
CA ALA A 57 7.15 -12.63 4.22
C ALA A 57 5.82 -11.89 4.06
N GLU A 58 4.91 -12.13 4.99
CA GLU A 58 3.60 -11.49 4.95
C GLU A 58 3.73 -9.97 4.85
N ARG A 59 4.35 -9.37 5.86
CA ARG A 59 4.54 -7.92 5.88
C ARG A 59 5.00 -7.41 4.52
N PHE A 60 6.03 -8.05 3.97
CA PHE A 60 6.55 -7.65 2.68
C PHE A 60 5.44 -7.55 1.64
N THR A 61 4.55 -8.53 1.63
CA THR A 61 3.43 -8.55 0.70
C THR A 61 2.54 -7.33 0.88
N ARG A 62 2.02 -7.15 2.09
CA ARG A 62 1.16 -6.02 2.40
C ARG A 62 1.73 -4.73 1.83
N ILE A 63 3.00 -4.49 2.09
CA ILE A 63 3.67 -3.29 1.60
C ILE A 63 3.49 -3.13 0.09
N SER A 64 3.80 -4.19 -0.65
CA SER A 64 3.67 -4.17 -2.09
C SER A 64 2.32 -3.62 -2.52
N GLN A 65 1.27 -4.05 -1.83
CA GLN A 65 -0.08 -3.59 -2.13
C GLN A 65 -0.16 -2.08 -2.09
N ALA A 66 0.29 -1.49 -1.00
CA ALA A 66 0.27 -0.03 -0.85
C ALA A 66 0.82 0.65 -2.08
N TYR A 67 1.83 0.05 -2.70
CA TYR A 67 2.45 0.61 -3.89
C TYR A 67 1.73 0.13 -5.15
N VAL A 68 0.44 -0.17 -5.01
CA VAL A 68 -0.35 -0.63 -6.14
C VAL A 68 -1.61 0.21 -6.31
N VAL A 69 -2.46 0.23 -5.27
CA VAL A 69 -3.69 0.99 -5.31
C VAL A 69 -3.40 2.49 -5.37
N LEU A 70 -2.36 2.92 -4.66
CA LEU A 70 -1.98 4.33 -4.65
C LEU A 70 -0.93 4.62 -5.71
N GLY A 71 -0.12 3.62 -6.05
CA GLY A 71 0.90 3.79 -7.05
C GLY A 71 0.40 4.53 -8.27
N SER A 72 -0.89 4.37 -8.58
CA SER A 72 -1.50 5.03 -9.72
C SER A 72 -2.67 5.89 -9.31
N ALA A 73 -2.60 7.18 -9.64
CA ALA A 73 -3.67 8.11 -9.30
C ALA A 73 -5.03 7.55 -9.67
N THR A 74 -5.19 7.17 -10.94
CA THR A 74 -6.46 6.62 -11.41
C THR A 74 -7.09 5.70 -10.38
N LEU A 75 -6.38 4.63 -10.04
CA LEU A 75 -6.87 3.67 -9.06
C LEU A 75 -7.50 4.39 -7.87
N ARG A 76 -6.68 5.15 -7.14
CA ARG A 76 -7.16 5.88 -5.98
C ARG A 76 -8.59 6.37 -6.19
N ARG A 77 -8.81 7.09 -7.28
CA ARG A 77 -10.14 7.62 -7.60
C ARG A 77 -11.15 6.49 -7.72
N LYS A 78 -10.79 5.45 -8.48
CA LYS A 78 -11.66 4.31 -8.68
C LYS A 78 -12.13 3.74 -7.34
N TYR A 79 -11.19 3.29 -6.53
CA TYR A 79 -11.51 2.72 -5.22
C TYR A 79 -12.45 3.64 -4.45
N ASP A 80 -12.17 4.93 -4.50
CA ASP A 80 -13.00 5.91 -3.80
C ASP A 80 -14.47 5.77 -4.21
N ARG A 81 -14.70 5.50 -5.49
CA ARG A 81 -16.06 5.35 -6.00
C ARG A 81 -16.44 3.87 -6.09
N GLY A 82 -15.65 3.02 -5.43
CA GLY A 82 -15.93 1.60 -5.45
C GLY A 82 -15.86 1.02 -6.85
N LEU A 83 -15.10 1.66 -7.72
CA LEU A 83 -14.95 1.19 -9.09
C LEU A 83 -13.78 0.22 -9.22
N LEU A 84 -12.81 0.34 -8.32
CA LEU A 84 -11.65 -0.52 -8.32
C LEU A 84 -12.02 -1.94 -7.92
N SER A 85 -11.71 -2.90 -8.80
CA SER A 85 -12.02 -4.30 -8.53
C SER A 85 -11.08 -4.87 -7.47
N ASP A 86 -11.44 -6.03 -6.93
CA ASP A 86 -10.64 -6.68 -5.91
C ASP A 86 -9.29 -7.13 -6.48
N GLU A 87 -9.33 -7.77 -7.64
CA GLU A 87 -8.11 -8.25 -8.29
C GLU A 87 -7.07 -7.14 -8.37
N ASP A 88 -7.54 -5.91 -8.56
CA ASP A 88 -6.64 -4.76 -8.66
C ASP A 88 -5.81 -4.60 -7.38
N LEU A 89 -6.47 -4.71 -6.24
CA LEU A 89 -5.79 -4.58 -4.95
C LEU A 89 -4.46 -5.33 -4.96
N ARG A 90 -4.53 -6.63 -5.25
CA ARG A 90 -3.33 -7.46 -5.29
C ARG A 90 -2.51 -7.17 -6.55
N GLY A 91 -3.18 -7.13 -7.69
CA GLY A 91 -2.50 -6.85 -8.94
C GLY A 91 -1.67 -8.03 -9.42
N PRO A 92 -2.35 -9.03 -10.01
CA PRO A 92 -1.68 -10.24 -10.52
C PRO A 92 -0.83 -9.96 -11.75
N GLY A 93 0.06 -10.89 -12.08
CA GLY A 93 0.92 -10.72 -13.23
C GLY A 93 0.23 -11.08 -14.53
N SER A 94 1.01 -11.49 -15.53
CA SER A 94 0.47 -11.86 -16.82
C SER A 94 1.46 -12.72 -17.60
N GLY A 95 1.16 -14.01 -17.72
CA GLY A 95 2.04 -14.91 -18.44
C GLY A 95 2.69 -14.25 -19.64
N PRO A 96 3.93 -14.67 -19.95
CA PRO A 96 4.69 -14.13 -21.08
C PRO A 96 4.10 -14.55 -22.42
N SER A 97 4.06 -13.61 -23.37
CA SER A 97 3.52 -13.88 -24.69
C SER A 97 4.33 -14.96 -25.39
N SER A 98 3.68 -16.08 -25.69
CA SER A 98 4.35 -17.20 -26.36
C SER A 98 3.64 -17.55 -27.66
N GLY A 99 4.20 -18.51 -28.40
CA GLY A 99 3.61 -18.91 -29.65
C GLY A 99 4.24 -20.18 -30.21
N GLY A 1 8.88 21.69 25.30
CA GLY A 1 8.56 20.30 25.51
C GLY A 1 7.08 20.09 25.82
N SER A 2 6.81 19.45 26.96
CA SER A 2 5.44 19.20 27.37
C SER A 2 4.63 18.61 26.22
N SER A 3 5.18 17.61 25.55
CA SER A 3 4.52 16.97 24.43
C SER A 3 3.82 15.68 24.88
N GLY A 4 2.85 15.23 24.08
CA GLY A 4 2.13 14.03 24.41
C GLY A 4 0.62 14.21 24.31
N SER A 5 -0.12 13.12 24.49
CA SER A 5 -1.58 13.18 24.42
C SER A 5 -2.21 12.50 25.65
N SER A 6 -3.45 12.86 25.93
CA SER A 6 -4.16 12.31 27.07
C SER A 6 -5.61 11.99 26.71
N GLY A 7 -5.98 10.72 26.81
CA GLY A 7 -7.33 10.30 26.49
C GLY A 7 -7.37 9.23 25.42
N SER A 8 -7.55 7.98 25.85
CA SER A 8 -7.61 6.87 24.91
C SER A 8 -8.42 7.22 23.68
N GLN A 9 -8.22 6.45 22.61
CA GLN A 9 -8.93 6.69 21.36
C GLN A 9 -9.88 5.54 21.04
N GLY A 10 -9.33 4.33 20.98
CA GLY A 10 -10.14 3.16 20.68
C GLY A 10 -9.75 2.50 19.37
N ASP A 11 -9.65 1.18 19.38
CA ASP A 11 -9.29 0.42 18.19
C ASP A 11 -10.10 0.89 16.98
N CYS A 12 -9.57 0.64 15.79
CA CYS A 12 -10.25 1.04 14.55
C CYS A 12 -10.71 -0.18 13.77
N SER A 13 -11.92 -0.12 13.24
CA SER A 13 -12.49 -1.22 12.48
C SER A 13 -12.19 -1.05 10.99
N TYR A 14 -12.68 0.05 10.42
CA TYR A 14 -12.48 0.32 9.00
C TYR A 14 -11.00 0.55 8.70
N SER A 15 -10.51 -0.15 7.67
CA SER A 15 -9.11 -0.04 7.28
C SER A 15 -8.98 0.66 5.93
N ARG A 16 -10.06 1.28 5.48
CA ARG A 16 -10.07 1.99 4.21
C ARG A 16 -8.77 2.76 4.01
N THR A 17 -8.11 3.10 5.11
CA THR A 17 -6.86 3.85 5.06
C THR A 17 -5.70 3.01 5.59
N ALA A 18 -5.53 1.81 5.03
CA ALA A 18 -4.47 0.92 5.45
C ALA A 18 -3.28 0.99 4.49
N LEU A 19 -3.55 0.79 3.20
CA LEU A 19 -2.51 0.84 2.19
C LEU A 19 -1.63 2.07 2.36
N TYR A 20 -2.16 3.07 3.05
CA TYR A 20 -1.43 4.32 3.29
C TYR A 20 -0.49 4.17 4.49
N ASP A 21 -1.06 3.87 5.65
CA ASP A 21 -0.28 3.71 6.86
C ASP A 21 0.94 2.82 6.62
N LEU A 22 0.74 1.79 5.81
CA LEU A 22 1.83 0.85 5.48
C LEU A 22 3.07 1.61 5.03
N LEU A 23 2.87 2.63 4.20
CA LEU A 23 3.98 3.42 3.69
C LEU A 23 4.26 4.61 4.60
N GLY A 24 3.21 5.13 5.23
CA GLY A 24 3.37 6.26 6.13
C GLY A 24 3.02 7.59 5.46
N VAL A 25 2.17 7.53 4.45
CA VAL A 25 1.76 8.73 3.73
C VAL A 25 0.29 9.05 3.97
N PRO A 26 -0.06 10.34 3.89
CA PRO A 26 -1.43 10.80 4.10
C PRO A 26 -2.37 10.38 2.97
N SER A 27 -3.65 10.67 3.13
CA SER A 27 -4.65 10.31 2.13
C SER A 27 -4.50 11.18 0.88
N THR A 28 -3.90 12.35 1.06
CA THR A 28 -3.69 13.28 -0.05
C THR A 28 -2.22 13.38 -0.42
N ALA A 29 -1.46 12.35 -0.07
CA ALA A 29 -0.03 12.32 -0.37
C ALA A 29 0.22 12.44 -1.86
N THR A 30 1.48 12.66 -2.23
CA THR A 30 1.86 12.79 -3.64
C THR A 30 2.81 11.67 -4.06
N GLN A 31 2.85 11.41 -5.36
CA GLN A 31 3.72 10.36 -5.89
C GLN A 31 5.09 10.39 -5.20
N ALA A 32 5.69 11.57 -5.14
CA ALA A 32 6.99 11.74 -4.50
C ALA A 32 7.04 11.03 -3.15
N GLN A 33 5.96 11.15 -2.39
CA GLN A 33 5.89 10.52 -1.07
C GLN A 33 5.56 9.03 -1.20
N ILE A 34 4.42 8.74 -1.80
CA ILE A 34 4.00 7.35 -1.98
C ILE A 34 5.15 6.48 -2.46
N LYS A 35 6.04 7.08 -3.24
CA LYS A 35 7.20 6.37 -3.77
C LYS A 35 8.32 6.30 -2.73
N ALA A 36 8.71 7.45 -2.22
CA ALA A 36 9.76 7.53 -1.21
C ALA A 36 9.51 6.55 -0.07
N ALA A 37 8.27 6.46 0.36
CA ALA A 37 7.89 5.56 1.45
C ALA A 37 8.17 4.11 1.06
N TYR A 38 7.51 3.65 0.01
CA TYR A 38 7.67 2.27 -0.46
C TYR A 38 9.15 1.90 -0.53
N TYR A 39 9.94 2.73 -1.20
CA TYR A 39 11.37 2.48 -1.34
C TYR A 39 12.02 2.30 0.03
N ARG A 40 11.71 3.20 0.95
CA ARG A 40 12.28 3.13 2.30
C ARG A 40 12.07 1.75 2.91
N GLN A 41 10.86 1.23 2.78
CA GLN A 41 10.53 -0.08 3.33
C GLN A 41 11.65 -1.09 3.02
N CYS A 42 11.87 -1.36 1.75
CA CYS A 42 12.91 -2.28 1.32
C CYS A 42 14.16 -2.13 2.17
N PHE A 43 14.59 -0.89 2.36
CA PHE A 43 15.78 -0.60 3.15
C PHE A 43 15.55 -0.94 4.62
N LEU A 44 14.39 -0.55 5.14
CA LEU A 44 14.05 -0.81 6.53
C LEU A 44 14.10 -2.30 6.84
N TYR A 45 13.66 -3.11 5.87
CA TYR A 45 13.65 -4.56 6.03
C TYR A 45 14.44 -5.23 4.91
N HIS A 46 15.76 -5.21 5.04
CA HIS A 46 16.64 -5.83 4.05
C HIS A 46 16.66 -7.34 4.21
N PRO A 47 16.98 -8.06 3.12
CA PRO A 47 17.05 -9.52 3.11
C PRO A 47 18.24 -10.04 3.92
N ASP A 48 19.39 -9.39 3.74
CA ASP A 48 20.61 -9.78 4.44
C ASP A 48 20.36 -9.91 5.94
N ARG A 49 20.09 -8.77 6.58
CA ARG A 49 19.83 -8.75 8.02
C ARG A 49 18.81 -9.82 8.41
N ASN A 50 17.78 -9.98 7.58
CA ASN A 50 16.74 -10.97 7.83
C ASN A 50 16.59 -11.91 6.66
N SER A 51 17.18 -13.10 6.78
CA SER A 51 17.12 -14.10 5.72
C SER A 51 15.84 -14.93 5.83
N GLY A 52 15.09 -15.00 4.73
CA GLY A 52 13.86 -15.76 4.73
C GLY A 52 13.11 -15.67 6.05
N SER A 53 12.82 -14.44 6.47
CA SER A 53 12.11 -14.21 7.72
C SER A 53 10.70 -14.80 7.67
N ALA A 54 10.04 -14.84 8.82
CA ALA A 54 8.69 -15.38 8.90
C ALA A 54 7.67 -14.28 9.21
N GLU A 55 8.10 -13.28 9.95
CA GLU A 55 7.23 -12.16 10.31
C GLU A 55 7.34 -11.03 9.30
N ALA A 56 8.56 -10.57 9.06
CA ALA A 56 8.81 -9.50 8.11
C ALA A 56 8.34 -9.88 6.71
N ALA A 57 8.46 -11.17 6.38
CA ALA A 57 8.05 -11.66 5.08
C ALA A 57 6.63 -11.19 4.73
N GLU A 58 5.66 -11.56 5.57
CA GLU A 58 4.28 -11.18 5.35
C GLU A 58 4.18 -9.71 4.95
N ARG A 59 4.62 -8.83 5.84
CA ARG A 59 4.58 -7.40 5.57
C ARG A 59 5.10 -7.08 4.18
N PHE A 60 6.34 -7.49 3.90
CA PHE A 60 6.95 -7.26 2.60
C PHE A 60 5.95 -7.49 1.47
N THR A 61 5.13 -8.53 1.62
CA THR A 61 4.13 -8.87 0.62
C THR A 61 3.05 -7.80 0.55
N ARG A 62 2.54 -7.40 1.72
CA ARG A 62 1.50 -6.39 1.79
C ARG A 62 2.01 -5.04 1.29
N ILE A 63 3.10 -4.58 1.86
CA ILE A 63 3.70 -3.30 1.47
C ILE A 63 3.58 -3.08 -0.03
N SER A 64 4.04 -4.05 -0.81
CA SER A 64 3.98 -3.97 -2.26
C SER A 64 2.59 -3.55 -2.73
N GLN A 65 1.57 -4.27 -2.25
CA GLN A 65 0.19 -3.97 -2.62
C GLN A 65 -0.08 -2.47 -2.57
N ALA A 66 0.23 -1.85 -1.42
CA ALA A 66 0.03 -0.42 -1.25
C ALA A 66 0.60 0.37 -2.42
N TYR A 67 1.65 -0.19 -3.04
CA TYR A 67 2.30 0.47 -4.17
C TYR A 67 1.65 0.05 -5.48
N VAL A 68 0.40 -0.38 -5.41
CA VAL A 68 -0.33 -0.82 -6.59
C VAL A 68 -1.63 -0.03 -6.76
N VAL A 69 -2.48 -0.07 -5.74
CA VAL A 69 -3.74 0.64 -5.77
C VAL A 69 -3.53 2.15 -5.74
N LEU A 70 -2.52 2.58 -5.00
CA LEU A 70 -2.21 4.01 -4.88
C LEU A 70 -1.14 4.41 -5.89
N GLY A 71 -0.39 3.43 -6.37
CA GLY A 71 0.66 3.70 -7.34
C GLY A 71 0.19 4.61 -8.46
N SER A 72 -1.06 4.46 -8.85
CA SER A 72 -1.64 5.27 -9.93
C SER A 72 -2.72 6.20 -9.39
N ALA A 73 -2.56 7.49 -9.62
CA ALA A 73 -3.52 8.48 -9.17
C ALA A 73 -4.94 8.07 -9.53
N THR A 74 -5.12 7.62 -10.77
CA THR A 74 -6.44 7.19 -11.25
C THR A 74 -7.07 6.20 -10.29
N LEU A 75 -6.33 5.14 -9.96
CA LEU A 75 -6.82 4.11 -9.06
C LEU A 75 -7.33 4.72 -7.77
N ARG A 76 -6.46 5.43 -7.05
CA ARG A 76 -6.83 6.07 -5.80
C ARG A 76 -8.26 6.59 -5.86
N ARG A 77 -8.55 7.39 -6.90
CA ARG A 77 -9.89 7.95 -7.07
C ARG A 77 -10.94 6.86 -7.21
N LYS A 78 -10.68 5.90 -8.09
CA LYS A 78 -11.59 4.79 -8.31
C LYS A 78 -12.13 4.25 -6.99
N TYR A 79 -11.22 3.77 -6.14
CA TYR A 79 -11.60 3.23 -4.84
C TYR A 79 -12.38 4.25 -4.02
N ASP A 80 -12.14 5.52 -4.31
CA ASP A 80 -12.83 6.60 -3.60
C ASP A 80 -14.33 6.48 -3.74
N ARG A 81 -14.79 6.24 -4.97
CA ARG A 81 -16.22 6.11 -5.24
C ARG A 81 -16.61 4.63 -5.32
N GLY A 82 -15.78 3.77 -4.74
CA GLY A 82 -16.06 2.34 -4.76
C GLY A 82 -16.13 1.79 -6.17
N LEU A 83 -15.24 2.25 -7.04
CA LEU A 83 -15.21 1.80 -8.42
C LEU A 83 -14.19 0.68 -8.60
N LEU A 84 -13.22 0.62 -7.69
CA LEU A 84 -12.19 -0.42 -7.75
C LEU A 84 -12.80 -1.80 -7.66
N SER A 85 -12.51 -2.64 -8.65
CA SER A 85 -13.02 -4.00 -8.69
C SER A 85 -12.11 -4.96 -7.93
N ASP A 86 -12.70 -5.98 -7.33
CA ASP A 86 -11.93 -6.98 -6.58
C ASP A 86 -10.71 -7.44 -7.37
N GLU A 87 -10.91 -7.67 -8.66
CA GLU A 87 -9.82 -8.11 -9.54
C GLU A 87 -8.65 -7.13 -9.50
N ASP A 88 -8.97 -5.84 -9.36
CA ASP A 88 -7.95 -4.81 -9.32
C ASP A 88 -7.12 -4.92 -8.04
N LEU A 89 -7.77 -5.29 -6.95
CA LEU A 89 -7.09 -5.44 -5.66
C LEU A 89 -5.94 -6.43 -5.77
N ARG A 90 -6.26 -7.68 -6.05
CA ARG A 90 -5.26 -8.73 -6.18
C ARG A 90 -4.22 -8.36 -7.23
N GLY A 91 -4.69 -7.77 -8.33
CA GLY A 91 -3.79 -7.39 -9.40
C GLY A 91 -3.28 -8.57 -10.19
N PRO A 92 -4.04 -8.97 -11.22
CA PRO A 92 -3.68 -10.11 -12.07
C PRO A 92 -2.48 -9.80 -12.96
N GLY A 93 -1.40 -10.55 -12.76
CA GLY A 93 -0.20 -10.34 -13.55
C GLY A 93 -0.13 -11.24 -14.76
N SER A 94 -0.97 -10.96 -15.75
CA SER A 94 -1.02 -11.77 -16.97
C SER A 94 0.37 -11.87 -17.60
N GLY A 95 0.75 -13.09 -18.00
CA GLY A 95 2.04 -13.29 -18.60
C GLY A 95 1.99 -13.15 -20.12
N PRO A 96 3.10 -12.64 -20.69
CA PRO A 96 3.21 -12.44 -22.14
C PRO A 96 3.29 -13.75 -22.91
N SER A 97 3.21 -14.86 -22.18
CA SER A 97 3.28 -16.18 -22.79
C SER A 97 4.64 -16.40 -23.45
N SER A 98 5.70 -16.22 -22.68
CA SER A 98 7.06 -16.38 -23.19
C SER A 98 7.76 -17.54 -22.50
N GLY A 99 8.87 -17.99 -23.08
CA GLY A 99 9.62 -19.10 -22.50
C GLY A 99 10.31 -19.93 -23.55
N GLY A 1 8.74 15.94 2.06
CA GLY A 1 9.36 14.89 1.26
C GLY A 1 10.86 15.09 1.10
N SER A 2 11.60 14.90 2.18
CA SER A 2 13.05 15.07 2.16
C SER A 2 13.75 13.89 2.82
N SER A 3 15.06 13.81 2.66
CA SER A 3 15.84 12.73 3.24
C SER A 3 15.61 12.64 4.75
N GLY A 4 15.63 11.43 5.28
CA GLY A 4 15.43 11.24 6.70
C GLY A 4 14.10 11.80 7.18
N SER A 5 13.02 11.09 6.88
CA SER A 5 11.68 11.53 7.27
C SER A 5 11.70 12.13 8.68
N SER A 6 11.23 13.36 8.79
CA SER A 6 11.19 14.05 10.08
C SER A 6 9.77 14.40 10.48
N GLY A 7 9.32 13.85 11.60
CA GLY A 7 7.97 14.10 12.07
C GLY A 7 6.93 13.26 11.36
N SER A 8 7.11 11.95 11.41
CA SER A 8 6.19 11.02 10.76
C SER A 8 4.95 10.81 11.61
N GLN A 9 3.79 11.23 11.08
CA GLN A 9 2.53 11.09 11.80
C GLN A 9 2.51 9.80 12.62
N GLY A 10 2.29 9.93 13.92
CA GLY A 10 2.25 8.77 14.78
C GLY A 10 0.88 8.54 15.39
N ASP A 11 -0.12 8.31 14.54
CA ASP A 11 -1.48 8.07 14.99
C ASP A 11 -2.09 6.87 14.28
N CYS A 12 -2.26 5.78 15.02
CA CYS A 12 -2.83 4.56 14.46
C CYS A 12 -4.16 4.84 13.77
N SER A 13 -4.10 5.19 12.48
CA SER A 13 -5.29 5.49 11.71
C SER A 13 -6.15 4.25 11.52
N TYR A 14 -7.33 4.43 10.94
CA TYR A 14 -8.24 3.32 10.68
C TYR A 14 -7.82 2.55 9.45
N SER A 15 -8.62 1.53 9.10
CA SER A 15 -8.33 0.70 7.93
C SER A 15 -8.59 1.47 6.64
N ARG A 16 -9.72 2.17 6.60
CA ARG A 16 -10.09 2.94 5.42
C ARG A 16 -8.87 3.53 4.74
N THR A 17 -7.87 3.90 5.54
CA THR A 17 -6.64 4.48 5.02
C THR A 17 -5.41 3.71 5.52
N ALA A 18 -5.45 2.39 5.39
CA ALA A 18 -4.35 1.55 5.82
C ALA A 18 -3.21 1.56 4.81
N LEU A 19 -3.55 1.32 3.55
CA LEU A 19 -2.56 1.31 2.48
C LEU A 19 -1.59 2.48 2.62
N TYR A 20 -2.03 3.52 3.31
CA TYR A 20 -1.21 4.70 3.51
C TYR A 20 -0.35 4.56 4.76
N ASP A 21 -0.89 3.88 5.77
CA ASP A 21 -0.17 3.67 7.02
C ASP A 21 1.00 2.71 6.82
N LEU A 22 0.90 1.87 5.80
CA LEU A 22 1.95 0.90 5.50
C LEU A 22 3.19 1.59 4.95
N LEU A 23 2.98 2.66 4.20
CA LEU A 23 4.08 3.42 3.61
C LEU A 23 4.49 4.57 4.53
N GLY A 24 3.51 5.36 4.96
CA GLY A 24 3.80 6.48 5.83
C GLY A 24 3.51 7.82 5.17
N VAL A 25 2.56 7.81 4.24
CA VAL A 25 2.19 9.04 3.53
C VAL A 25 0.73 9.40 3.78
N PRO A 26 0.43 10.70 3.71
CA PRO A 26 -0.93 11.21 3.93
C PRO A 26 -1.88 10.84 2.80
N SER A 27 -3.17 10.90 3.08
CA SER A 27 -4.19 10.56 2.08
C SER A 27 -4.17 11.57 0.93
N THR A 28 -3.44 12.67 1.12
CA THR A 28 -3.35 13.71 0.11
C THR A 28 -1.91 13.84 -0.41
N ALA A 29 -1.12 12.78 -0.23
CA ALA A 29 0.26 12.79 -0.69
C ALA A 29 0.34 12.80 -2.22
N THR A 30 1.56 12.85 -2.74
CA THR A 30 1.77 12.87 -4.19
C THR A 30 2.62 11.69 -4.63
N GLN A 31 2.75 11.52 -5.95
CA GLN A 31 3.54 10.43 -6.50
C GLN A 31 4.89 10.32 -5.80
N ALA A 32 5.63 11.43 -5.79
CA ALA A 32 6.93 11.46 -5.15
C ALA A 32 6.90 10.82 -3.78
N GLN A 33 5.91 11.20 -2.97
CA GLN A 33 5.76 10.65 -1.63
C GLN A 33 5.40 9.18 -1.68
N ILE A 34 4.23 8.88 -2.23
CA ILE A 34 3.76 7.50 -2.34
C ILE A 34 4.88 6.58 -2.79
N LYS A 35 5.87 7.15 -3.47
CA LYS A 35 7.02 6.37 -3.95
C LYS A 35 8.12 6.32 -2.91
N ALA A 36 8.72 7.48 -2.64
CA ALA A 36 9.80 7.57 -1.67
C ALA A 36 9.52 6.69 -0.45
N ALA A 37 8.27 6.73 0.02
CA ALA A 37 7.87 5.93 1.17
C ALA A 37 8.04 4.44 0.90
N TYR A 38 7.51 4.00 -0.23
CA TYR A 38 7.60 2.59 -0.60
C TYR A 38 9.04 2.10 -0.54
N TYR A 39 9.98 2.99 -0.84
CA TYR A 39 11.40 2.65 -0.83
C TYR A 39 11.86 2.34 0.59
N ARG A 40 11.74 3.32 1.48
CA ARG A 40 12.15 3.17 2.87
C ARG A 40 11.89 1.73 3.35
N GLN A 41 10.68 1.23 3.08
CA GLN A 41 10.32 -0.12 3.48
C GLN A 41 11.31 -1.14 2.94
N CYS A 42 11.63 -1.03 1.66
CA CYS A 42 12.57 -1.94 1.02
C CYS A 42 13.82 -2.11 1.87
N PHE A 43 14.49 -1.01 2.17
CA PHE A 43 15.71 -1.04 2.97
C PHE A 43 15.41 -1.47 4.40
N LEU A 44 14.45 -0.80 5.03
CA LEU A 44 14.07 -1.11 6.40
C LEU A 44 13.85 -2.62 6.57
N TYR A 45 13.45 -3.27 5.49
CA TYR A 45 13.22 -4.72 5.51
C TYR A 45 13.96 -5.41 4.38
N HIS A 46 15.26 -5.60 4.56
CA HIS A 46 16.08 -6.26 3.54
C HIS A 46 15.87 -7.77 3.58
N PRO A 47 16.04 -8.42 2.42
CA PRO A 47 15.87 -9.86 2.28
C PRO A 47 17.00 -10.64 2.97
N ASP A 48 18.14 -9.98 3.16
CA ASP A 48 19.29 -10.60 3.80
C ASP A 48 19.11 -10.63 5.31
N ARG A 49 18.92 -9.46 5.90
CA ARG A 49 18.75 -9.34 7.34
C ARG A 49 17.78 -10.41 7.86
N ASN A 50 16.60 -10.48 7.25
CA ASN A 50 15.59 -11.45 7.64
C ASN A 50 15.74 -12.74 6.84
N SER A 51 16.08 -13.82 7.54
CA SER A 51 16.26 -15.11 6.89
C SER A 51 14.93 -15.87 6.83
N GLY A 52 14.17 -15.64 5.76
CA GLY A 52 12.90 -16.30 5.60
C GLY A 52 12.06 -16.27 6.86
N SER A 53 11.68 -15.06 7.28
CA SER A 53 10.87 -14.89 8.48
C SER A 53 9.40 -14.66 8.12
N ALA A 54 8.51 -15.09 9.01
CA ALA A 54 7.08 -14.93 8.79
C ALA A 54 6.68 -13.46 8.80
N GLU A 55 7.02 -12.77 9.88
CA GLU A 55 6.70 -11.34 10.01
C GLU A 55 7.10 -10.58 8.76
N ALA A 56 8.39 -10.62 8.43
CA ALA A 56 8.90 -9.94 7.26
C ALA A 56 8.21 -10.41 6.00
N ALA A 57 7.85 -11.68 5.96
CA ALA A 57 7.17 -12.25 4.80
C ALA A 57 5.82 -11.57 4.56
N GLU A 58 4.84 -11.88 5.39
CA GLU A 58 3.51 -11.29 5.27
C GLU A 58 3.60 -9.78 5.11
N ARG A 59 4.53 -9.16 5.85
CA ARG A 59 4.71 -7.72 5.80
C ARG A 59 5.13 -7.28 4.39
N PHE A 60 6.33 -7.68 3.98
CA PHE A 60 6.84 -7.32 2.66
C PHE A 60 5.72 -7.31 1.63
N THR A 61 4.96 -8.40 1.56
CA THR A 61 3.86 -8.50 0.62
C THR A 61 2.90 -7.33 0.75
N ARG A 62 2.25 -7.24 1.90
CA ARG A 62 1.30 -6.16 2.16
C ARG A 62 1.85 -4.83 1.67
N ILE A 63 3.06 -4.49 2.12
CA ILE A 63 3.69 -3.24 1.74
C ILE A 63 3.57 -3.01 0.23
N SER A 64 3.95 -4.02 -0.54
CA SER A 64 3.89 -3.92 -2.00
C SER A 64 2.48 -3.57 -2.47
N GLN A 65 1.49 -4.22 -1.87
CA GLN A 65 0.10 -3.98 -2.22
C GLN A 65 -0.24 -2.50 -2.11
N ALA A 66 0.25 -1.86 -1.05
CA ALA A 66 0.00 -0.43 -0.83
C ALA A 66 0.50 0.39 -2.02
N TYR A 67 1.53 -0.10 -2.68
CA TYR A 67 2.10 0.60 -3.82
C TYR A 67 1.31 0.32 -5.10
N VAL A 68 0.12 -0.26 -4.92
CA VAL A 68 -0.74 -0.58 -6.06
C VAL A 68 -1.93 0.37 -6.14
N VAL A 69 -2.88 0.21 -5.22
CA VAL A 69 -4.06 1.05 -5.19
C VAL A 69 -3.68 2.53 -5.12
N LEU A 70 -2.52 2.80 -4.55
CA LEU A 70 -2.04 4.18 -4.42
C LEU A 70 -0.93 4.46 -5.43
N GLY A 71 -0.33 3.40 -5.96
CA GLY A 71 0.74 3.55 -6.93
C GLY A 71 0.39 4.55 -8.02
N SER A 72 -0.88 4.58 -8.41
CA SER A 72 -1.34 5.50 -9.45
C SER A 72 -2.36 6.48 -8.90
N ALA A 73 -2.52 7.60 -9.59
CA ALA A 73 -3.47 8.63 -9.17
C ALA A 73 -4.91 8.21 -9.46
N THR A 74 -5.10 7.52 -10.59
CA THR A 74 -6.43 7.06 -10.98
C THR A 74 -7.02 6.14 -9.92
N LEU A 75 -6.46 4.94 -9.81
CA LEU A 75 -6.92 3.96 -8.84
C LEU A 75 -7.42 4.65 -7.56
N ARG A 76 -6.60 5.55 -7.03
CA ARG A 76 -6.95 6.28 -5.82
C ARG A 76 -8.39 6.80 -5.89
N ARG A 77 -8.70 7.48 -7.00
CA ARG A 77 -10.03 8.04 -7.19
C ARG A 77 -11.09 6.95 -7.11
N LYS A 78 -10.79 5.80 -7.69
CA LYS A 78 -11.73 4.67 -7.69
C LYS A 78 -12.00 4.20 -6.26
N TYR A 79 -10.95 4.15 -5.45
CA TYR A 79 -11.08 3.72 -4.06
C TYR A 79 -12.05 4.61 -3.30
N ASP A 80 -11.92 5.92 -3.49
CA ASP A 80 -12.79 6.88 -2.82
C ASP A 80 -14.21 6.79 -3.36
N ARG A 81 -14.36 6.17 -4.52
CA ARG A 81 -15.68 6.03 -5.14
C ARG A 81 -16.14 4.57 -5.08
N GLY A 82 -15.41 3.75 -4.33
CA GLY A 82 -15.77 2.35 -4.20
C GLY A 82 -15.85 1.65 -5.54
N LEU A 83 -15.18 2.21 -6.55
CA LEU A 83 -15.18 1.63 -7.89
C LEU A 83 -14.11 0.55 -8.02
N LEU A 84 -13.13 0.58 -7.12
CA LEU A 84 -12.05 -0.39 -7.13
C LEU A 84 -12.56 -1.79 -6.78
N SER A 85 -11.88 -2.80 -7.27
CA SER A 85 -12.27 -4.19 -7.01
C SER A 85 -11.04 -5.09 -6.90
N ASP A 86 -11.23 -6.26 -6.30
CA ASP A 86 -10.14 -7.21 -6.13
C ASP A 86 -9.42 -7.45 -7.46
N GLU A 87 -10.16 -7.37 -8.56
CA GLU A 87 -9.59 -7.59 -9.89
C GLU A 87 -8.29 -6.81 -10.05
N ASP A 88 -8.19 -5.69 -9.35
CA ASP A 88 -6.99 -4.86 -9.41
C ASP A 88 -5.80 -5.57 -8.78
N LEU A 89 -6.06 -6.29 -7.69
CA LEU A 89 -5.00 -7.02 -7.00
C LEU A 89 -4.84 -8.42 -7.57
N ARG A 90 -5.87 -9.25 -7.40
CA ARG A 90 -5.84 -10.62 -7.89
C ARG A 90 -5.23 -10.68 -9.29
N GLY A 91 -5.53 -9.67 -10.11
CA GLY A 91 -5.00 -9.64 -11.46
C GLY A 91 -5.40 -10.85 -12.28
N PRO A 92 -5.60 -10.65 -13.59
CA PRO A 92 -5.98 -11.72 -14.51
C PRO A 92 -4.85 -12.72 -14.74
N GLY A 93 -5.11 -13.98 -14.40
CA GLY A 93 -4.10 -15.01 -14.58
C GLY A 93 -3.95 -15.43 -16.03
N SER A 94 -2.76 -15.21 -16.59
CA SER A 94 -2.50 -15.56 -17.97
C SER A 94 -1.23 -16.40 -18.09
N GLY A 95 -0.97 -16.91 -19.29
CA GLY A 95 0.22 -17.72 -19.51
C GLY A 95 1.47 -16.88 -19.69
N PRO A 96 2.64 -17.54 -19.64
CA PRO A 96 3.93 -16.87 -19.80
C PRO A 96 4.16 -16.37 -21.23
N SER A 97 4.53 -15.11 -21.36
CA SER A 97 4.77 -14.53 -22.67
C SER A 97 5.71 -15.40 -23.49
N SER A 98 5.50 -15.42 -24.81
CA SER A 98 6.32 -16.21 -25.70
C SER A 98 7.73 -15.64 -25.80
N GLY A 99 8.69 -16.32 -25.16
CA GLY A 99 10.06 -15.86 -25.20
C GLY A 99 11.00 -16.88 -25.81
N GLY A 1 -13.02 17.94 2.75
CA GLY A 1 -13.55 17.44 4.00
C GLY A 1 -12.83 18.02 5.20
N SER A 2 -13.11 19.28 5.51
CA SER A 2 -12.47 19.95 6.64
C SER A 2 -13.35 19.86 7.89
N SER A 3 -14.62 20.18 7.73
CA SER A 3 -15.57 20.14 8.83
C SER A 3 -15.81 18.71 9.30
N GLY A 4 -15.70 18.48 10.60
CA GLY A 4 -15.90 17.15 11.15
C GLY A 4 -16.98 16.38 10.42
N SER A 5 -16.79 15.08 10.28
CA SER A 5 -17.75 14.23 9.59
C SER A 5 -17.71 12.80 10.13
N SER A 6 -18.89 12.26 10.44
CA SER A 6 -18.99 10.90 10.98
C SER A 6 -20.27 10.23 10.51
N GLY A 7 -20.25 8.90 10.48
CA GLY A 7 -21.43 8.15 10.05
C GLY A 7 -21.34 6.69 10.42
N SER A 8 -22.39 5.93 10.09
CA SER A 8 -22.43 4.51 10.38
C SER A 8 -21.10 3.84 10.02
N GLN A 9 -20.95 2.59 10.46
CA GLN A 9 -19.73 1.84 10.18
C GLN A 9 -19.31 1.99 8.72
N GLY A 10 -18.09 1.57 8.42
CA GLY A 10 -17.60 1.67 7.05
C GLY A 10 -16.12 1.35 6.95
N ASP A 11 -15.33 1.90 7.86
CA ASP A 11 -13.88 1.65 7.87
C ASP A 11 -13.58 0.22 8.28
N CYS A 12 -14.02 -0.16 9.48
CA CYS A 12 -13.78 -1.50 10.00
C CYS A 12 -14.08 -2.55 8.93
N SER A 13 -15.23 -2.40 8.27
CA SER A 13 -15.64 -3.33 7.22
C SER A 13 -14.44 -3.80 6.41
N TYR A 14 -13.76 -2.86 5.78
CA TYR A 14 -12.59 -3.17 4.96
C TYR A 14 -11.47 -2.18 5.21
N SER A 15 -10.23 -2.67 5.16
CA SER A 15 -9.06 -1.81 5.37
C SER A 15 -8.80 -0.93 4.17
N ARG A 16 -9.01 0.38 4.34
CA ARG A 16 -8.80 1.34 3.26
C ARG A 16 -7.70 2.34 3.63
N THR A 17 -7.56 2.60 4.93
CA THR A 17 -6.56 3.54 5.41
C THR A 17 -5.25 2.82 5.73
N ALA A 18 -5.24 1.51 5.54
CA ALA A 18 -4.05 0.71 5.80
C ALA A 18 -2.94 1.02 4.80
N LEU A 19 -3.26 0.88 3.52
CA LEU A 19 -2.30 1.15 2.46
C LEU A 19 -1.57 2.47 2.70
N TYR A 20 -2.21 3.36 3.46
CA TYR A 20 -1.63 4.66 3.76
C TYR A 20 -0.78 4.60 5.02
N ASP A 21 -1.20 3.76 5.97
CA ASP A 21 -0.47 3.60 7.22
C ASP A 21 0.79 2.79 7.02
N LEU A 22 0.78 1.90 6.04
CA LEU A 22 1.92 1.06 5.73
C LEU A 22 3.11 1.89 5.25
N LEU A 23 2.84 2.79 4.31
CA LEU A 23 3.88 3.65 3.77
C LEU A 23 4.15 4.83 4.70
N GLY A 24 3.09 5.51 5.12
CA GLY A 24 3.24 6.65 6.01
C GLY A 24 2.80 7.95 5.37
N VAL A 25 1.91 7.84 4.38
CA VAL A 25 1.41 9.03 3.69
C VAL A 25 -0.07 9.26 3.99
N PRO A 26 -0.48 10.54 3.93
CA PRO A 26 -1.87 10.92 4.19
C PRO A 26 -2.83 10.46 3.10
N SER A 27 -4.12 10.71 3.28
CA SER A 27 -5.12 10.32 2.31
C SER A 27 -5.08 11.24 1.08
N THR A 28 -4.51 12.42 1.26
CA THR A 28 -4.40 13.39 0.17
C THR A 28 -2.95 13.56 -0.27
N ALA A 29 -2.14 12.55 -0.01
CA ALA A 29 -0.72 12.58 -0.39
C ALA A 29 -0.56 12.73 -1.90
N THR A 30 0.68 12.70 -2.36
CA THR A 30 0.98 12.83 -3.78
C THR A 30 1.90 11.73 -4.26
N GLN A 31 1.78 11.36 -5.53
CA GLN A 31 2.62 10.32 -6.11
C GLN A 31 4.06 10.43 -5.62
N ALA A 32 4.57 11.65 -5.59
CA ALA A 32 5.94 11.90 -5.14
C ALA A 32 6.18 11.27 -3.77
N GLN A 33 5.28 11.52 -2.83
CA GLN A 33 5.40 10.97 -1.48
C GLN A 33 5.10 9.48 -1.47
N ILE A 34 3.93 9.11 -1.99
CA ILE A 34 3.52 7.72 -2.03
C ILE A 34 4.65 6.83 -2.55
N LYS A 35 5.45 7.38 -3.47
CA LYS A 35 6.58 6.64 -4.04
C LYS A 35 7.77 6.65 -3.09
N ALA A 36 8.15 7.84 -2.64
CA ALA A 36 9.28 7.98 -1.73
C ALA A 36 9.13 7.07 -0.52
N ALA A 37 7.89 6.87 -0.08
CA ALA A 37 7.61 6.02 1.06
C ALA A 37 7.94 4.56 0.77
N TYR A 38 7.16 3.95 -0.12
CA TYR A 38 7.37 2.55 -0.49
C TYR A 38 8.87 2.24 -0.59
N TYR A 39 9.59 3.07 -1.33
CA TYR A 39 11.02 2.88 -1.50
C TYR A 39 11.71 2.63 -0.17
N ARG A 40 11.38 3.47 0.81
CA ARG A 40 11.97 3.34 2.15
C ARG A 40 11.62 2.00 2.78
N GLN A 41 10.35 1.63 2.69
CA GLN A 41 9.89 0.36 3.25
C GLN A 41 10.73 -0.80 2.74
N CYS A 42 11.00 -0.79 1.44
CA CYS A 42 11.80 -1.85 0.83
C CYS A 42 13.06 -2.13 1.64
N PHE A 43 13.82 -1.08 1.92
CA PHE A 43 15.05 -1.21 2.71
C PHE A 43 14.75 -1.65 4.14
N LEU A 44 13.81 -0.95 4.76
CA LEU A 44 13.43 -1.26 6.14
C LEU A 44 13.26 -2.77 6.34
N TYR A 45 12.51 -3.38 5.42
CA TYR A 45 12.27 -4.82 5.49
C TYR A 45 12.81 -5.53 4.25
N HIS A 46 14.04 -5.17 3.86
CA HIS A 46 14.67 -5.76 2.69
C HIS A 46 14.93 -7.25 2.92
N PRO A 47 14.73 -8.06 1.87
CA PRO A 47 14.94 -9.51 1.93
C PRO A 47 16.42 -9.88 2.03
N ASP A 48 17.27 -9.02 1.49
CA ASP A 48 18.71 -9.25 1.52
C ASP A 48 19.23 -9.23 2.96
N ARG A 49 18.77 -8.26 3.74
CA ARG A 49 19.19 -8.13 5.13
C ARG A 49 18.14 -8.72 6.06
N ASN A 50 17.76 -9.96 5.83
CA ASN A 50 16.76 -10.64 6.65
C ASN A 50 16.66 -12.12 6.29
N SER A 51 16.98 -12.97 7.26
CA SER A 51 16.93 -14.41 7.05
C SER A 51 16.16 -15.10 8.17
N GLY A 52 15.17 -15.89 7.80
CA GLY A 52 14.38 -16.60 8.79
C GLY A 52 13.22 -15.77 9.31
N SER A 53 13.44 -14.47 9.44
CA SER A 53 12.40 -13.56 9.93
C SER A 53 11.06 -13.84 9.24
N ALA A 54 10.22 -14.63 9.91
CA ALA A 54 8.91 -14.98 9.37
C ALA A 54 8.09 -13.72 9.08
N GLU A 55 7.89 -12.91 10.11
CA GLU A 55 7.12 -11.68 9.97
C GLU A 55 7.59 -10.87 8.76
N ALA A 56 8.87 -10.52 8.77
CA ALA A 56 9.45 -9.75 7.67
C ALA A 56 8.81 -10.11 6.34
N ALA A 57 8.66 -11.42 6.09
CA ALA A 57 8.05 -11.90 4.86
C ALA A 57 6.61 -11.40 4.72
N GLU A 58 5.78 -11.75 5.70
CA GLU A 58 4.37 -11.34 5.68
C GLU A 58 4.25 -9.85 5.40
N ARG A 59 4.91 -9.03 6.21
CA ARG A 59 4.86 -7.59 6.05
C ARG A 59 5.18 -7.20 4.61
N PHE A 60 6.34 -7.59 4.13
CA PHE A 60 6.76 -7.27 2.76
C PHE A 60 5.62 -7.50 1.78
N THR A 61 5.02 -8.69 1.84
CA THR A 61 3.92 -9.04 0.95
C THR A 61 2.84 -7.97 0.99
N ARG A 62 2.48 -7.53 2.19
CA ARG A 62 1.46 -6.50 2.36
C ARG A 62 1.94 -5.16 1.81
N ILE A 63 3.07 -4.69 2.31
CA ILE A 63 3.64 -3.42 1.88
C ILE A 63 3.46 -3.23 0.37
N SER A 64 3.88 -4.23 -0.39
CA SER A 64 3.78 -4.18 -1.84
C SER A 64 2.36 -3.79 -2.28
N GLN A 65 1.36 -4.40 -1.65
CA GLN A 65 -0.03 -4.11 -1.97
C GLN A 65 -0.27 -2.61 -2.00
N ALA A 66 0.28 -1.91 -1.01
CA ALA A 66 0.11 -0.47 -0.92
C ALA A 66 0.65 0.23 -2.18
N TYR A 67 1.70 -0.34 -2.75
CA TYR A 67 2.31 0.23 -3.96
C TYR A 67 1.61 -0.28 -5.21
N VAL A 68 0.38 -0.75 -5.05
CA VAL A 68 -0.39 -1.26 -6.17
C VAL A 68 -1.63 -0.41 -6.44
N VAL A 69 -2.41 -0.19 -5.38
CA VAL A 69 -3.63 0.61 -5.50
C VAL A 69 -3.30 2.10 -5.52
N LEU A 70 -2.28 2.49 -4.76
CA LEU A 70 -1.87 3.89 -4.70
C LEU A 70 -0.76 4.17 -5.71
N GLY A 71 -0.11 3.12 -6.19
CA GLY A 71 0.96 3.28 -7.16
C GLY A 71 0.60 4.26 -8.26
N SER A 72 -0.60 4.11 -8.82
CA SER A 72 -1.06 4.99 -9.89
C SER A 72 -2.10 5.98 -9.37
N ALA A 73 -1.76 7.27 -9.43
CA ALA A 73 -2.66 8.31 -8.97
C ALA A 73 -4.11 7.97 -9.28
N THR A 74 -4.33 7.33 -10.42
CA THR A 74 -5.67 6.94 -10.83
C THR A 74 -6.28 5.92 -9.86
N LEU A 75 -5.77 4.69 -9.92
CA LEU A 75 -6.26 3.63 -9.06
C LEU A 75 -6.56 4.16 -7.66
N ARG A 76 -5.76 5.12 -7.21
CA ARG A 76 -5.94 5.71 -5.88
C ARG A 76 -7.25 6.49 -5.82
N ARG A 77 -7.53 7.27 -6.85
CA ARG A 77 -8.75 8.07 -6.91
C ARG A 77 -9.98 7.17 -7.01
N LYS A 78 -9.87 6.12 -7.81
CA LYS A 78 -10.97 5.18 -7.99
C LYS A 78 -11.45 4.63 -6.65
N TYR A 79 -10.53 4.01 -5.92
CA TYR A 79 -10.85 3.44 -4.61
C TYR A 79 -11.51 4.48 -3.72
N ASP A 80 -10.98 5.68 -3.71
CA ASP A 80 -11.52 6.77 -2.90
C ASP A 80 -13.04 6.89 -3.09
N ARG A 81 -13.48 6.68 -4.33
CA ARG A 81 -14.91 6.77 -4.64
C ARG A 81 -15.52 5.39 -4.76
N GLY A 82 -14.68 4.35 -4.65
CA GLY A 82 -15.16 2.99 -4.75
C GLY A 82 -15.27 2.51 -6.18
N LEU A 83 -14.68 3.26 -7.10
CA LEU A 83 -14.71 2.90 -8.52
C LEU A 83 -13.77 1.75 -8.81
N LEU A 84 -12.92 1.43 -7.84
CA LEU A 84 -11.97 0.32 -7.99
C LEU A 84 -12.60 -1.01 -7.60
N SER A 85 -12.48 -1.99 -8.49
CA SER A 85 -13.05 -3.31 -8.24
C SER A 85 -11.95 -4.29 -7.82
N ASP A 86 -12.32 -5.22 -6.93
CA ASP A 86 -11.37 -6.22 -6.44
C ASP A 86 -10.58 -6.82 -7.60
N GLU A 87 -11.16 -6.80 -8.79
CA GLU A 87 -10.50 -7.35 -9.97
C GLU A 87 -9.07 -6.84 -10.08
N ASP A 88 -8.83 -5.62 -9.61
CA ASP A 88 -7.50 -5.03 -9.65
C ASP A 88 -6.53 -5.80 -8.76
N LEU A 89 -7.00 -6.21 -7.59
CA LEU A 89 -6.18 -6.96 -6.64
C LEU A 89 -5.62 -8.22 -7.30
N ARG A 90 -6.52 -9.10 -7.73
CA ARG A 90 -6.12 -10.35 -8.37
C ARG A 90 -5.32 -10.07 -9.63
N GLY A 91 -5.73 -9.05 -10.38
CA GLY A 91 -5.04 -8.71 -11.61
C GLY A 91 -5.93 -7.95 -12.57
N PRO A 92 -5.32 -7.01 -13.34
CA PRO A 92 -6.05 -6.21 -14.32
C PRO A 92 -6.51 -7.02 -15.52
N GLY A 93 -5.81 -8.12 -15.79
CA GLY A 93 -6.17 -8.97 -16.91
C GLY A 93 -4.99 -9.26 -17.81
N SER A 94 -3.80 -9.35 -17.23
CA SER A 94 -2.59 -9.62 -18.00
C SER A 94 -2.41 -11.12 -18.22
N GLY A 95 -2.48 -11.53 -19.48
CA GLY A 95 -2.33 -12.94 -19.81
C GLY A 95 -0.94 -13.27 -20.30
N PRO A 96 -0.63 -14.57 -20.40
CA PRO A 96 0.67 -15.05 -20.85
C PRO A 96 0.91 -14.76 -22.34
N SER A 97 -0.04 -14.10 -22.97
CA SER A 97 0.06 -13.78 -24.39
C SER A 97 0.60 -12.36 -24.58
N SER A 98 -0.04 -11.40 -23.94
CA SER A 98 0.39 -10.00 -24.04
C SER A 98 0.89 -9.48 -22.70
N GLY A 99 2.20 -9.53 -22.50
CA GLY A 99 2.78 -9.07 -21.25
C GLY A 99 4.14 -8.44 -21.45
#